data_4Y1T
# 
_entry.id   4Y1T 
# 
_audit_conform.dict_name       mmcif_pdbx.dic 
_audit_conform.dict_version    5.397 
_audit_conform.dict_location   http://mmcif.pdb.org/dictionaries/ascii/mmcif_pdbx.dic 
# 
loop_
_database_2.database_id 
_database_2.database_code 
_database_2.pdbx_database_accession 
_database_2.pdbx_DOI 
PDB   4Y1T         pdb_00004y1t 10.2210/pdb4y1t/pdb 
WWPDB D_1000206706 ?            ?                   
# 
loop_
_pdbx_audit_revision_history.ordinal 
_pdbx_audit_revision_history.data_content_type 
_pdbx_audit_revision_history.major_revision 
_pdbx_audit_revision_history.minor_revision 
_pdbx_audit_revision_history.revision_date 
1 'Structure model' 1 0 2015-09-02 
2 'Structure model' 1 1 2015-09-09 
3 'Structure model' 1 2 2015-10-28 
4 'Structure model' 1 3 2023-09-27 
5 'Structure model' 1 4 2024-10-30 
# 
_pdbx_audit_revision_details.ordinal             1 
_pdbx_audit_revision_details.revision_ordinal    1 
_pdbx_audit_revision_details.data_content_type   'Structure model' 
_pdbx_audit_revision_details.provider            repository 
_pdbx_audit_revision_details.type                'Initial release' 
_pdbx_audit_revision_details.description         ? 
_pdbx_audit_revision_details.details             ? 
# 
loop_
_pdbx_audit_revision_group.ordinal 
_pdbx_audit_revision_group.revision_ordinal 
_pdbx_audit_revision_group.data_content_type 
_pdbx_audit_revision_group.group 
1 2 'Structure model' 'Database references'    
2 3 'Structure model' 'Database references'    
3 4 'Structure model' 'Data collection'        
4 4 'Structure model' 'Database references'    
5 4 'Structure model' 'Derived calculations'   
6 4 'Structure model' 'Refinement description' 
7 5 'Structure model' 'Structure summary'      
# 
loop_
_pdbx_audit_revision_category.ordinal 
_pdbx_audit_revision_category.revision_ordinal 
_pdbx_audit_revision_category.data_content_type 
_pdbx_audit_revision_category.category 
1  4 'Structure model' chem_comp_atom                
2  4 'Structure model' chem_comp_bond                
3  4 'Structure model' citation                      
4  4 'Structure model' database_2                    
5  4 'Structure model' diffrn_source                 
6  4 'Structure model' pdbx_initial_refinement_model 
7  4 'Structure model' pdbx_struct_conn_angle        
8  4 'Structure model' pdbx_struct_oper_list         
9  4 'Structure model' struct_conn                   
10 5 'Structure model' pdbx_entry_details            
11 5 'Structure model' pdbx_modification_feature     
# 
loop_
_pdbx_audit_revision_item.ordinal 
_pdbx_audit_revision_item.revision_ordinal 
_pdbx_audit_revision_item.data_content_type 
_pdbx_audit_revision_item.item 
1  4 'Structure model' '_citation.journal_id_CSD'                  
2  4 'Structure model' '_database_2.pdbx_DOI'                      
3  4 'Structure model' '_database_2.pdbx_database_accession'       
4  4 'Structure model' '_diffrn_source.pdbx_synchrotron_site'      
5  4 'Structure model' '_pdbx_struct_conn_angle.ptnr1_auth_seq_id' 
6  4 'Structure model' '_pdbx_struct_conn_angle.ptnr1_symmetry'    
7  4 'Structure model' '_pdbx_struct_conn_angle.ptnr3_auth_seq_id' 
8  4 'Structure model' '_pdbx_struct_conn_angle.ptnr3_symmetry'    
9  4 'Structure model' '_pdbx_struct_conn_angle.value'             
10 4 'Structure model' '_pdbx_struct_oper_list.symmetry_operation' 
11 4 'Structure model' '_struct_conn.pdbx_dist_value'              
12 4 'Structure model' '_struct_conn.ptnr1_auth_comp_id'           
13 4 'Structure model' '_struct_conn.ptnr1_auth_seq_id'            
14 4 'Structure model' '_struct_conn.ptnr1_label_asym_id'          
15 4 'Structure model' '_struct_conn.ptnr1_label_atom_id'          
16 4 'Structure model' '_struct_conn.ptnr1_label_comp_id'          
17 4 'Structure model' '_struct_conn.ptnr1_label_seq_id'           
18 4 'Structure model' '_struct_conn.ptnr2_auth_comp_id'           
19 4 'Structure model' '_struct_conn.ptnr2_auth_seq_id'            
20 4 'Structure model' '_struct_conn.ptnr2_label_asym_id'          
21 4 'Structure model' '_struct_conn.ptnr2_label_atom_id'          
22 4 'Structure model' '_struct_conn.ptnr2_label_comp_id'          
23 4 'Structure model' '_struct_conn.ptnr2_symmetry'               
# 
_pdbx_database_status.status_code                     REL 
_pdbx_database_status.status_code_sf                  REL 
_pdbx_database_status.status_code_mr                  ? 
_pdbx_database_status.entry_id                        4Y1T 
_pdbx_database_status.recvd_initial_deposition_date   2015-02-09 
_pdbx_database_status.SG_entry                        N 
_pdbx_database_status.deposit_site                    RCSB 
_pdbx_database_status.process_site                    RCSB 
_pdbx_database_status.status_code_cs                  ? 
_pdbx_database_status.methods_development_category    ? 
_pdbx_database_status.pdb_format_compatible           Y 
_pdbx_database_status.status_code_nmr_data            ? 
# 
_pdbx_database_related.content_type   unspecified 
_pdbx_database_related.db_id          4Y1S 
_pdbx_database_related.db_name        PDB 
_pdbx_database_related.details        . 
# 
loop_
_audit_author.name 
_audit_author.pdbx_ordinal 
'Conroy, P.J.'    1 
'Yagi, H.'        2 
'Whisstock, J.C.' 3 
'Norton, R.S.'    4 
# 
_citation.abstract                  ? 
_citation.abstract_id_CAS           ? 
_citation.book_id_ISBN              ? 
_citation.book_publisher            ? 
_citation.book_publisher_city       ? 
_citation.book_title                ? 
_citation.coordinate_linkage        ? 
_citation.country                   US 
_citation.database_id_Medline       ? 
_citation.details                   ? 
_citation.id                        primary 
_citation.journal_abbrev            J.Biol.Chem. 
_citation.journal_id_ASTM           JBCHA3 
_citation.journal_id_CSD            0071 
_citation.journal_id_ISSN           1083-351X 
_citation.journal_full              ? 
_citation.journal_issue             ? 
_citation.journal_volume            290 
_citation.language                  ? 
_citation.page_first                25213 
_citation.page_last                 25226 
_citation.title                     
'Structural Basis for Ca2+-mediated Interaction of the Perforin C2 Domain with Lipid Membranes.' 
_citation.year                      2015 
_citation.database_id_CSD           ? 
_citation.pdbx_database_id_DOI      10.1074/jbc.M115.668384 
_citation.pdbx_database_id_PubMed   26306037 
_citation.unpublished_flag          ? 
# 
loop_
_citation_author.citation_id 
_citation_author.name 
_citation_author.ordinal 
_citation_author.identifier_ORCID 
primary 'Yagi, H.'        1 ? 
primary 'Conroy, P.J.'    2 ? 
primary 'Leung, E.W.'     3 ? 
primary 'Law, R.H.'       4 ? 
primary 'Trapani, J.A.'   5 ? 
primary 'Voskoboinik, I.' 6 ? 
primary 'Whisstock, J.C.' 7 ? 
primary 'Norton, R.S.'    8 ? 
# 
loop_
_entity.id 
_entity.type 
_entity.src_method 
_entity.pdbx_description 
_entity.formula_weight 
_entity.pdbx_number_of_molecules 
_entity.pdbx_ec 
_entity.pdbx_mutation 
_entity.pdbx_fragment 
_entity.details 
1 polymer     man Perforin-1    16475.088 1  ? 'W427A, Y430A, Y486A, W488A' 'C2 domain (UNP residues 410-535)' ? 
2 non-polymer syn 'CALCIUM ION' 40.078    5  ? ?                            ?                                  ? 
3 water       nat water         18.015    63 ? ?                            ?                                  ? 
# 
_entity_name_com.entity_id   1 
_entity_name_com.name        'P1,Cytolysin,Lymphocyte pore-forming protein' 
# 
_entity_poly.entity_id                      1 
_entity_poly.type                           'polypeptide(L)' 
_entity_poly.nstd_linkage                   no 
_entity_poly.nstd_monomer                   no 
_entity_poly.pdbx_seq_one_letter_code       
;QRGLAHLVVSNFRAEHLAGDATTATDAYLKVFFGGQEFRTGVVWNNNNPRWTDKMDFENVLLSTGGPLRVQVWDADAGAD
DDLLGSCDRSPHSGFHEVTCELNHGRVKFSYHAKCLPHLTGGTCLEGQAGQHHHHHHGAYPYDVPDYAS
;
_entity_poly.pdbx_seq_one_letter_code_can   
;QRGLAHLVVSNFRAEHLAGDATTATDAYLKVFFGGQEFRTGVVWNNNNPRWTDKMDFENVLLSTGGPLRVQVWDADAGAD
DDLLGSCDRSPHSGFHEVTCELNHGRVKFSYHAKCLPHLTGGTCLEGQAGQHHHHHHGAYPYDVPDYAS
;
_entity_poly.pdbx_strand_id                 A 
_entity_poly.pdbx_target_identifier         ? 
# 
loop_
_pdbx_entity_nonpoly.entity_id 
_pdbx_entity_nonpoly.name 
_pdbx_entity_nonpoly.comp_id 
2 'CALCIUM ION' CA  
3 water         HOH 
# 
loop_
_entity_poly_seq.entity_id 
_entity_poly_seq.num 
_entity_poly_seq.mon_id 
_entity_poly_seq.hetero 
1 1   GLN n 
1 2   ARG n 
1 3   GLY n 
1 4   LEU n 
1 5   ALA n 
1 6   HIS n 
1 7   LEU n 
1 8   VAL n 
1 9   VAL n 
1 10  SER n 
1 11  ASN n 
1 12  PHE n 
1 13  ARG n 
1 14  ALA n 
1 15  GLU n 
1 16  HIS n 
1 17  LEU n 
1 18  ALA n 
1 19  GLY n 
1 20  ASP n 
1 21  ALA n 
1 22  THR n 
1 23  THR n 
1 24  ALA n 
1 25  THR n 
1 26  ASP n 
1 27  ALA n 
1 28  TYR n 
1 29  LEU n 
1 30  LYS n 
1 31  VAL n 
1 32  PHE n 
1 33  PHE n 
1 34  GLY n 
1 35  GLY n 
1 36  GLN n 
1 37  GLU n 
1 38  PHE n 
1 39  ARG n 
1 40  THR n 
1 41  GLY n 
1 42  VAL n 
1 43  VAL n 
1 44  TRP n 
1 45  ASN n 
1 46  ASN n 
1 47  ASN n 
1 48  ASN n 
1 49  PRO n 
1 50  ARG n 
1 51  TRP n 
1 52  THR n 
1 53  ASP n 
1 54  LYS n 
1 55  MET n 
1 56  ASP n 
1 57  PHE n 
1 58  GLU n 
1 59  ASN n 
1 60  VAL n 
1 61  LEU n 
1 62  LEU n 
1 63  SER n 
1 64  THR n 
1 65  GLY n 
1 66  GLY n 
1 67  PRO n 
1 68  LEU n 
1 69  ARG n 
1 70  VAL n 
1 71  GLN n 
1 72  VAL n 
1 73  TRP n 
1 74  ASP n 
1 75  ALA n 
1 76  ASP n 
1 77  ALA n 
1 78  GLY n 
1 79  ALA n 
1 80  ASP n 
1 81  ASP n 
1 82  ASP n 
1 83  LEU n 
1 84  LEU n 
1 85  GLY n 
1 86  SER n 
1 87  CYS n 
1 88  ASP n 
1 89  ARG n 
1 90  SER n 
1 91  PRO n 
1 92  HIS n 
1 93  SER n 
1 94  GLY n 
1 95  PHE n 
1 96  HIS n 
1 97  GLU n 
1 98  VAL n 
1 99  THR n 
1 100 CYS n 
1 101 GLU n 
1 102 LEU n 
1 103 ASN n 
1 104 HIS n 
1 105 GLY n 
1 106 ARG n 
1 107 VAL n 
1 108 LYS n 
1 109 PHE n 
1 110 SER n 
1 111 TYR n 
1 112 HIS n 
1 113 ALA n 
1 114 LYS n 
1 115 CYS n 
1 116 LEU n 
1 117 PRO n 
1 118 HIS n 
1 119 LEU n 
1 120 THR n 
1 121 GLY n 
1 122 GLY n 
1 123 THR n 
1 124 CYS n 
1 125 LEU n 
1 126 GLU n 
1 127 GLY n 
1 128 GLN n 
1 129 ALA n 
1 130 GLY n 
1 131 GLN n 
1 132 HIS n 
1 133 HIS n 
1 134 HIS n 
1 135 HIS n 
1 136 HIS n 
1 137 HIS n 
1 138 GLY n 
1 139 ALA n 
1 140 TYR n 
1 141 PRO n 
1 142 TYR n 
1 143 ASP n 
1 144 VAL n 
1 145 PRO n 
1 146 ASP n 
1 147 TYR n 
1 148 ALA n 
1 149 SER n 
# 
_entity_src_gen.entity_id                          1 
_entity_src_gen.pdbx_src_id                        1 
_entity_src_gen.pdbx_alt_source_flag               sample 
_entity_src_gen.pdbx_seq_type                      'Biological sequence' 
_entity_src_gen.pdbx_beg_seq_num                   1 
_entity_src_gen.pdbx_end_seq_num                   149 
_entity_src_gen.gene_src_common_name               Mouse 
_entity_src_gen.gene_src_genus                     ? 
_entity_src_gen.pdbx_gene_src_gene                 'Prf1, Pfp' 
_entity_src_gen.gene_src_species                   ? 
_entity_src_gen.gene_src_strain                    ? 
_entity_src_gen.gene_src_tissue                    ? 
_entity_src_gen.gene_src_tissue_fraction           ? 
_entity_src_gen.gene_src_details                   ? 
_entity_src_gen.pdbx_gene_src_fragment             ? 
_entity_src_gen.pdbx_gene_src_scientific_name      'Mus musculus' 
_entity_src_gen.pdbx_gene_src_ncbi_taxonomy_id     10090 
_entity_src_gen.pdbx_gene_src_variant              ? 
_entity_src_gen.pdbx_gene_src_cell_line            ? 
_entity_src_gen.pdbx_gene_src_atcc                 ? 
_entity_src_gen.pdbx_gene_src_organ                ? 
_entity_src_gen.pdbx_gene_src_organelle            ? 
_entity_src_gen.pdbx_gene_src_cell                 ? 
_entity_src_gen.pdbx_gene_src_cellular_location    ? 
_entity_src_gen.host_org_common_name               ? 
_entity_src_gen.pdbx_host_org_scientific_name      'Escherichia coli' 
_entity_src_gen.pdbx_host_org_ncbi_taxonomy_id     562 
_entity_src_gen.host_org_genus                     ? 
_entity_src_gen.pdbx_host_org_gene                 ? 
_entity_src_gen.pdbx_host_org_organ                ? 
_entity_src_gen.host_org_species                   ? 
_entity_src_gen.pdbx_host_org_tissue               ? 
_entity_src_gen.pdbx_host_org_tissue_fraction      ? 
_entity_src_gen.pdbx_host_org_strain               Top10F` 
_entity_src_gen.pdbx_host_org_variant              ? 
_entity_src_gen.pdbx_host_org_cell_line            ? 
_entity_src_gen.pdbx_host_org_atcc                 ? 
_entity_src_gen.pdbx_host_org_culture_collection   ? 
_entity_src_gen.pdbx_host_org_cell                 ? 
_entity_src_gen.pdbx_host_org_organelle            ? 
_entity_src_gen.pdbx_host_org_cellular_location    ? 
_entity_src_gen.pdbx_host_org_vector_type          plasmid 
_entity_src_gen.pdbx_host_org_vector               ? 
_entity_src_gen.host_org_details                   ? 
_entity_src_gen.expression_system_id               ? 
_entity_src_gen.plasmid_name                       pComb3X 
_entity_src_gen.plasmid_details                    ? 
_entity_src_gen.pdbx_description                   ? 
# 
loop_
_chem_comp.id 
_chem_comp.type 
_chem_comp.mon_nstd_flag 
_chem_comp.name 
_chem_comp.pdbx_synonyms 
_chem_comp.formula 
_chem_comp.formula_weight 
ALA 'L-peptide linking' y ALANINE         ? 'C3 H7 N O2'     89.093  
ARG 'L-peptide linking' y ARGININE        ? 'C6 H15 N4 O2 1' 175.209 
ASN 'L-peptide linking' y ASPARAGINE      ? 'C4 H8 N2 O3'    132.118 
ASP 'L-peptide linking' y 'ASPARTIC ACID' ? 'C4 H7 N O4'     133.103 
CA  non-polymer         . 'CALCIUM ION'   ? 'Ca 2'           40.078  
CYS 'L-peptide linking' y CYSTEINE        ? 'C3 H7 N O2 S'   121.158 
GLN 'L-peptide linking' y GLUTAMINE       ? 'C5 H10 N2 O3'   146.144 
GLU 'L-peptide linking' y 'GLUTAMIC ACID' ? 'C5 H9 N O4'     147.129 
GLY 'peptide linking'   y GLYCINE         ? 'C2 H5 N O2'     75.067  
HIS 'L-peptide linking' y HISTIDINE       ? 'C6 H10 N3 O2 1' 156.162 
HOH non-polymer         . WATER           ? 'H2 O'           18.015  
LEU 'L-peptide linking' y LEUCINE         ? 'C6 H13 N O2'    131.173 
LYS 'L-peptide linking' y LYSINE          ? 'C6 H15 N2 O2 1' 147.195 
MET 'L-peptide linking' y METHIONINE      ? 'C5 H11 N O2 S'  149.211 
PHE 'L-peptide linking' y PHENYLALANINE   ? 'C9 H11 N O2'    165.189 
PRO 'L-peptide linking' y PROLINE         ? 'C5 H9 N O2'     115.130 
SER 'L-peptide linking' y SERINE          ? 'C3 H7 N O3'     105.093 
THR 'L-peptide linking' y THREONINE       ? 'C4 H9 N O3'     119.119 
TRP 'L-peptide linking' y TRYPTOPHAN      ? 'C11 H12 N2 O2'  204.225 
TYR 'L-peptide linking' y TYROSINE        ? 'C9 H11 N O3'    181.189 
VAL 'L-peptide linking' y VALINE          ? 'C5 H11 N O2'    117.146 
# 
loop_
_pdbx_poly_seq_scheme.asym_id 
_pdbx_poly_seq_scheme.entity_id 
_pdbx_poly_seq_scheme.seq_id 
_pdbx_poly_seq_scheme.mon_id 
_pdbx_poly_seq_scheme.ndb_seq_num 
_pdbx_poly_seq_scheme.pdb_seq_num 
_pdbx_poly_seq_scheme.auth_seq_num 
_pdbx_poly_seq_scheme.pdb_mon_id 
_pdbx_poly_seq_scheme.auth_mon_id 
_pdbx_poly_seq_scheme.pdb_strand_id 
_pdbx_poly_seq_scheme.pdb_ins_code 
_pdbx_poly_seq_scheme.hetero 
A 1 1   GLN 1   410 410 GLN GLN A . n 
A 1 2   ARG 2   411 411 ARG ARG A . n 
A 1 3   GLY 3   412 412 GLY GLY A . n 
A 1 4   LEU 4   413 413 LEU LEU A . n 
A 1 5   ALA 5   414 414 ALA ALA A . n 
A 1 6   HIS 6   415 415 HIS HIS A . n 
A 1 7   LEU 7   416 416 LEU LEU A . n 
A 1 8   VAL 8   417 417 VAL VAL A . n 
A 1 9   VAL 9   418 418 VAL VAL A . n 
A 1 10  SER 10  419 419 SER SER A . n 
A 1 11  ASN 11  420 420 ASN ASN A . n 
A 1 12  PHE 12  421 421 PHE PHE A . n 
A 1 13  ARG 13  422 422 ARG ARG A . n 
A 1 14  ALA 14  423 423 ALA ALA A . n 
A 1 15  GLU 15  424 424 GLU GLU A . n 
A 1 16  HIS 16  425 425 HIS HIS A . n 
A 1 17  LEU 17  426 426 LEU LEU A . n 
A 1 18  ALA 18  427 427 ALA ALA A . n 
A 1 19  GLY 19  428 428 GLY GLY A . n 
A 1 20  ASP 20  429 429 ASP ASP A . n 
A 1 21  ALA 21  430 430 ALA ALA A . n 
A 1 22  THR 22  431 431 THR THR A . n 
A 1 23  THR 23  432 432 THR THR A . n 
A 1 24  ALA 24  433 433 ALA ALA A . n 
A 1 25  THR 25  434 434 THR THR A . n 
A 1 26  ASP 26  435 435 ASP ASP A . n 
A 1 27  ALA 27  436 436 ALA ALA A . n 
A 1 28  TYR 28  437 437 TYR TYR A . n 
A 1 29  LEU 29  438 438 LEU LEU A . n 
A 1 30  LYS 30  439 439 LYS LYS A . n 
A 1 31  VAL 31  440 440 VAL VAL A . n 
A 1 32  PHE 32  441 441 PHE PHE A . n 
A 1 33  PHE 33  442 442 PHE PHE A . n 
A 1 34  GLY 34  443 443 GLY GLY A . n 
A 1 35  GLY 35  444 444 GLY GLY A . n 
A 1 36  GLN 36  445 445 GLN GLN A . n 
A 1 37  GLU 37  446 446 GLU GLU A . n 
A 1 38  PHE 38  447 447 PHE PHE A . n 
A 1 39  ARG 39  448 448 ARG ARG A . n 
A 1 40  THR 40  449 449 THR THR A . n 
A 1 41  GLY 41  450 450 GLY GLY A . n 
A 1 42  VAL 42  451 451 VAL VAL A . n 
A 1 43  VAL 43  452 452 VAL VAL A . n 
A 1 44  TRP 44  453 453 TRP TRP A . n 
A 1 45  ASN 45  454 454 ASN ASN A . n 
A 1 46  ASN 46  455 455 ASN ASN A . n 
A 1 47  ASN 47  456 456 ASN ASN A . n 
A 1 48  ASN 48  457 457 ASN ASN A . n 
A 1 49  PRO 49  458 458 PRO PRO A . n 
A 1 50  ARG 50  459 459 ARG ARG A . n 
A 1 51  TRP 51  460 460 TRP TRP A . n 
A 1 52  THR 52  461 461 THR THR A . n 
A 1 53  ASP 53  462 462 ASP ASP A . n 
A 1 54  LYS 54  463 463 LYS LYS A . n 
A 1 55  MET 55  464 464 MET MET A . n 
A 1 56  ASP 56  465 465 ASP ASP A . n 
A 1 57  PHE 57  466 466 PHE PHE A . n 
A 1 58  GLU 58  467 467 GLU GLU A . n 
A 1 59  ASN 59  468 468 ASN ASN A . n 
A 1 60  VAL 60  469 469 VAL VAL A . n 
A 1 61  LEU 61  470 470 LEU LEU A . n 
A 1 62  LEU 62  471 471 LEU LEU A . n 
A 1 63  SER 63  472 472 SER SER A . n 
A 1 64  THR 64  473 473 THR THR A . n 
A 1 65  GLY 65  474 474 GLY GLY A . n 
A 1 66  GLY 66  475 475 GLY GLY A . n 
A 1 67  PRO 67  476 476 PRO PRO A . n 
A 1 68  LEU 68  477 477 LEU LEU A . n 
A 1 69  ARG 69  478 478 ARG ARG A . n 
A 1 70  VAL 70  479 479 VAL VAL A . n 
A 1 71  GLN 71  480 480 GLN GLN A . n 
A 1 72  VAL 72  481 481 VAL VAL A . n 
A 1 73  TRP 73  482 482 TRP TRP A . n 
A 1 74  ASP 74  483 483 ASP ASP A . n 
A 1 75  ALA 75  484 484 ALA ALA A . n 
A 1 76  ASP 76  485 485 ASP ASP A . n 
A 1 77  ALA 77  486 486 ALA ALA A . n 
A 1 78  GLY 78  487 487 GLY GLY A . n 
A 1 79  ALA 79  488 488 ALA ALA A . n 
A 1 80  ASP 80  489 489 ASP ASP A . n 
A 1 81  ASP 81  490 490 ASP ASP A . n 
A 1 82  ASP 82  491 491 ASP ASP A . n 
A 1 83  LEU 83  492 492 LEU LEU A . n 
A 1 84  LEU 84  493 493 LEU LEU A . n 
A 1 85  GLY 85  494 494 GLY GLY A . n 
A 1 86  SER 86  495 495 SER SER A . n 
A 1 87  CYS 87  496 496 CYS CYS A . n 
A 1 88  ASP 88  497 497 ASP ASP A . n 
A 1 89  ARG 89  498 498 ARG ARG A . n 
A 1 90  SER 90  499 499 SER SER A . n 
A 1 91  PRO 91  500 500 PRO PRO A . n 
A 1 92  HIS 92  501 501 HIS HIS A . n 
A 1 93  SER 93  502 502 SER SER A . n 
A 1 94  GLY 94  503 503 GLY GLY A . n 
A 1 95  PHE 95  504 504 PHE PHE A . n 
A 1 96  HIS 96  505 505 HIS HIS A . n 
A 1 97  GLU 97  506 506 GLU GLU A . n 
A 1 98  VAL 98  507 507 VAL VAL A . n 
A 1 99  THR 99  508 508 THR THR A . n 
A 1 100 CYS 100 509 509 CYS CYS A . n 
A 1 101 GLU 101 510 510 GLU GLU A . n 
A 1 102 LEU 102 511 511 LEU LEU A . n 
A 1 103 ASN 103 512 512 ASN ASN A . n 
A 1 104 HIS 104 513 513 HIS HIS A . n 
A 1 105 GLY 105 514 514 GLY GLY A . n 
A 1 106 ARG 106 515 515 ARG ARG A . n 
A 1 107 VAL 107 516 516 VAL VAL A . n 
A 1 108 LYS 108 517 517 LYS LYS A . n 
A 1 109 PHE 109 518 518 PHE PHE A . n 
A 1 110 SER 110 519 519 SER SER A . n 
A 1 111 TYR 111 520 520 TYR TYR A . n 
A 1 112 HIS 112 521 521 HIS HIS A . n 
A 1 113 ALA 113 522 522 ALA ALA A . n 
A 1 114 LYS 114 523 523 LYS LYS A . n 
A 1 115 CYS 115 524 524 CYS CYS A . n 
A 1 116 LEU 116 525 525 LEU LEU A . n 
A 1 117 PRO 117 526 526 PRO PRO A . n 
A 1 118 HIS 118 527 527 HIS HIS A . n 
A 1 119 LEU 119 528 528 LEU LEU A . n 
A 1 120 THR 120 529 529 THR THR A . n 
A 1 121 GLY 121 530 530 GLY GLY A . n 
A 1 122 GLY 122 531 531 GLY GLY A . n 
A 1 123 THR 123 532 532 THR THR A . n 
A 1 124 CYS 124 533 533 CYS CYS A . n 
A 1 125 LEU 125 534 534 LEU LEU A . n 
A 1 126 GLU 126 535 535 GLU GLU A . n 
A 1 127 GLY 127 536 ?   ?   ?   A . n 
A 1 128 GLN 128 537 ?   ?   ?   A . n 
A 1 129 ALA 129 538 ?   ?   ?   A . n 
A 1 130 GLY 130 539 ?   ?   ?   A . n 
A 1 131 GLN 131 540 ?   ?   ?   A . n 
A 1 132 HIS 132 541 ?   ?   ?   A . n 
A 1 133 HIS 133 542 ?   ?   ?   A . n 
A 1 134 HIS 134 543 ?   ?   ?   A . n 
A 1 135 HIS 135 544 ?   ?   ?   A . n 
A 1 136 HIS 136 545 ?   ?   ?   A . n 
A 1 137 HIS 137 546 ?   ?   ?   A . n 
A 1 138 GLY 138 547 ?   ?   ?   A . n 
A 1 139 ALA 139 548 ?   ?   ?   A . n 
A 1 140 TYR 140 549 ?   ?   ?   A . n 
A 1 141 PRO 141 550 ?   ?   ?   A . n 
A 1 142 TYR 142 551 ?   ?   ?   A . n 
A 1 143 ASP 143 552 ?   ?   ?   A . n 
A 1 144 VAL 144 553 ?   ?   ?   A . n 
A 1 145 PRO 145 554 ?   ?   ?   A . n 
A 1 146 ASP 146 555 ?   ?   ?   A . n 
A 1 147 TYR 147 556 ?   ?   ?   A . n 
A 1 148 ALA 148 557 ?   ?   ?   A . n 
A 1 149 SER 149 558 ?   ?   ?   A . n 
# 
loop_
_pdbx_nonpoly_scheme.asym_id 
_pdbx_nonpoly_scheme.entity_id 
_pdbx_nonpoly_scheme.mon_id 
_pdbx_nonpoly_scheme.ndb_seq_num 
_pdbx_nonpoly_scheme.pdb_seq_num 
_pdbx_nonpoly_scheme.auth_seq_num 
_pdbx_nonpoly_scheme.pdb_mon_id 
_pdbx_nonpoly_scheme.auth_mon_id 
_pdbx_nonpoly_scheme.pdb_strand_id 
_pdbx_nonpoly_scheme.pdb_ins_code 
B 2 CA  1  601 601 CA  CA  A . 
C 2 CA  1  602 602 CA  CA  A . 
D 2 CA  1  603 603 CA  CA  A . 
E 2 CA  1  604 604 CA  CA  A . 
F 2 CA  1  605 605 CA  CA  A . 
G 3 HOH 1  701 29  HOH HOH A . 
G 3 HOH 2  702 13  HOH HOH A . 
G 3 HOH 3  703 26  HOH HOH A . 
G 3 HOH 4  704 40  HOH HOH A . 
G 3 HOH 5  705 11  HOH HOH A . 
G 3 HOH 6  706 18  HOH HOH A . 
G 3 HOH 7  707 43  HOH HOH A . 
G 3 HOH 8  708 8   HOH HOH A . 
G 3 HOH 9  709 20  HOH HOH A . 
G 3 HOH 10 710 68  HOH HOH A . 
G 3 HOH 11 711 35  HOH HOH A . 
G 3 HOH 12 712 9   HOH HOH A . 
G 3 HOH 13 713 21  HOH HOH A . 
G 3 HOH 14 714 52  HOH HOH A . 
G 3 HOH 15 715 7   HOH HOH A . 
G 3 HOH 16 716 16  HOH HOH A . 
G 3 HOH 17 717 23  HOH HOH A . 
G 3 HOH 18 718 25  HOH HOH A . 
G 3 HOH 19 719 66  HOH HOH A . 
G 3 HOH 20 720 37  HOH HOH A . 
G 3 HOH 21 721 24  HOH HOH A . 
G 3 HOH 22 722 30  HOH HOH A . 
G 3 HOH 23 723 61  HOH HOH A . 
G 3 HOH 24 724 28  HOH HOH A . 
G 3 HOH 25 725 67  HOH HOH A . 
G 3 HOH 26 726 36  HOH HOH A . 
G 3 HOH 27 727 65  HOH HOH A . 
G 3 HOH 28 728 59  HOH HOH A . 
G 3 HOH 29 729 53  HOH HOH A . 
G 3 HOH 30 730 32  HOH HOH A . 
G 3 HOH 31 731 60  HOH HOH A . 
G 3 HOH 32 732 62  HOH HOH A . 
G 3 HOH 33 733 41  HOH HOH A . 
G 3 HOH 34 734 1   HOH HOH A . 
G 3 HOH 35 735 2   HOH HOH A . 
G 3 HOH 36 736 3   HOH HOH A . 
G 3 HOH 37 737 4   HOH HOH A . 
G 3 HOH 38 738 5   HOH HOH A . 
G 3 HOH 39 739 6   HOH HOH A . 
G 3 HOH 40 740 10  HOH HOH A . 
G 3 HOH 41 741 12  HOH HOH A . 
G 3 HOH 42 742 14  HOH HOH A . 
G 3 HOH 43 743 15  HOH HOH A . 
G 3 HOH 44 744 17  HOH HOH A . 
G 3 HOH 45 745 19  HOH HOH A . 
G 3 HOH 46 746 22  HOH HOH A . 
G 3 HOH 47 747 31  HOH HOH A . 
G 3 HOH 48 748 33  HOH HOH A . 
G 3 HOH 49 749 34  HOH HOH A . 
G 3 HOH 50 750 38  HOH HOH A . 
G 3 HOH 51 751 39  HOH HOH A . 
G 3 HOH 52 752 42  HOH HOH A . 
G 3 HOH 53 753 44  HOH HOH A . 
G 3 HOH 54 754 45  HOH HOH A . 
G 3 HOH 55 755 48  HOH HOH A . 
G 3 HOH 56 756 49  HOH HOH A . 
G 3 HOH 57 757 50  HOH HOH A . 
G 3 HOH 58 758 51  HOH HOH A . 
G 3 HOH 59 759 54  HOH HOH A . 
G 3 HOH 60 760 55  HOH HOH A . 
G 3 HOH 61 761 58  HOH HOH A . 
G 3 HOH 62 762 63  HOH HOH A . 
G 3 HOH 63 763 64  HOH HOH A . 
# 
loop_
_pdbx_unobs_or_zero_occ_atoms.id 
_pdbx_unobs_or_zero_occ_atoms.PDB_model_num 
_pdbx_unobs_or_zero_occ_atoms.polymer_flag 
_pdbx_unobs_or_zero_occ_atoms.occupancy_flag 
_pdbx_unobs_or_zero_occ_atoms.auth_asym_id 
_pdbx_unobs_or_zero_occ_atoms.auth_comp_id 
_pdbx_unobs_or_zero_occ_atoms.auth_seq_id 
_pdbx_unobs_or_zero_occ_atoms.PDB_ins_code 
_pdbx_unobs_or_zero_occ_atoms.auth_atom_id 
_pdbx_unobs_or_zero_occ_atoms.label_alt_id 
_pdbx_unobs_or_zero_occ_atoms.label_asym_id 
_pdbx_unobs_or_zero_occ_atoms.label_comp_id 
_pdbx_unobs_or_zero_occ_atoms.label_seq_id 
_pdbx_unobs_or_zero_occ_atoms.label_atom_id 
1  1 Y 1 A ARG 411 ? CG  ? A ARG 2   CG  
2  1 Y 1 A ARG 411 ? CD  ? A ARG 2   CD  
3  1 Y 1 A ARG 411 ? NE  ? A ARG 2   NE  
4  1 Y 1 A ARG 411 ? CZ  ? A ARG 2   CZ  
5  1 Y 1 A ARG 411 ? NH1 ? A ARG 2   NH1 
6  1 Y 1 A ARG 411 ? NH2 ? A ARG 2   NH2 
7  1 Y 1 A ARG 515 ? CZ  ? A ARG 106 CZ  
8  1 Y 1 A ARG 515 ? NH1 ? A ARG 106 NH1 
9  1 Y 1 A ARG 515 ? NH2 ? A ARG 106 NH2 
10 1 Y 1 A HIS 527 ? CG  ? A HIS 118 CG  
11 1 Y 1 A HIS 527 ? ND1 ? A HIS 118 ND1 
12 1 Y 1 A HIS 527 ? CD2 ? A HIS 118 CD2 
13 1 Y 1 A HIS 527 ? CE1 ? A HIS 118 CE1 
14 1 Y 1 A HIS 527 ? NE2 ? A HIS 118 NE2 
# 
loop_
_software.citation_id 
_software.classification 
_software.compiler_name 
_software.compiler_version 
_software.contact_author 
_software.contact_author_email 
_software.date 
_software.description 
_software.dependencies 
_software.hardware 
_software.language 
_software.location 
_software.mods 
_software.name 
_software.os 
_software.os_version 
_software.type 
_software.version 
_software.pdbx_ordinal 
? refinement        ? ? ? ? ? ? ? ? ? ? ? PHENIX  ? ? ? '(phenix.refine: 1.9_1692)' 1 
? 'data collection' ? ? ? ? ? ? ? ? ? ? ? Blu-Ice ? ? ? .                           2 
? 'data reduction'  ? ? ? ? ? ? ? ? ? ? ? XDS     ? ? ? .                           3 
? 'data scaling'    ? ? ? ? ? ? ? ? ? ? ? SCALA   ? ? ? .                           4 
? 'data scaling'    ? ? ? ? ? ? ? ? ? ? ? XSCALE  ? ? ? .                           5 
? phasing           ? ? ? ? ? ? ? ? ? ? ? PHASER  ? ? ? .                           6 
# 
_cell.angle_alpha                  90.00 
_cell.angle_alpha_esd              ? 
_cell.angle_beta                   90.00 
_cell.angle_beta_esd               ? 
_cell.angle_gamma                  90.00 
_cell.angle_gamma_esd              ? 
_cell.entry_id                     4Y1T 
_cell.details                      ? 
_cell.formula_units_Z              ? 
_cell.length_a                     45.009 
_cell.length_a_esd                 ? 
_cell.length_b                     59.828 
_cell.length_b_esd                 ? 
_cell.length_c                     125.919 
_cell.length_c_esd                 ? 
_cell.volume                       ? 
_cell.volume_esd                   ? 
_cell.Z_PDB                        8 
_cell.reciprocal_angle_alpha       ? 
_cell.reciprocal_angle_beta        ? 
_cell.reciprocal_angle_gamma       ? 
_cell.reciprocal_angle_alpha_esd   ? 
_cell.reciprocal_angle_beta_esd    ? 
_cell.reciprocal_angle_gamma_esd   ? 
_cell.reciprocal_length_a          ? 
_cell.reciprocal_length_b          ? 
_cell.reciprocal_length_c          ? 
_cell.reciprocal_length_a_esd      ? 
_cell.reciprocal_length_b_esd      ? 
_cell.reciprocal_length_c_esd      ? 
_cell.pdbx_unique_axis             ? 
# 
_symmetry.entry_id                         4Y1T 
_symmetry.cell_setting                     ? 
_symmetry.Int_Tables_number                23 
_symmetry.space_group_name_Hall            ? 
_symmetry.space_group_name_H-M             'I 2 2 2' 
_symmetry.pdbx_full_space_group_name_H-M   ? 
# 
_exptl.absorpt_coefficient_mu     ? 
_exptl.absorpt_correction_T_max   ? 
_exptl.absorpt_correction_T_min   ? 
_exptl.absorpt_correction_type    ? 
_exptl.absorpt_process_details    ? 
_exptl.entry_id                   4Y1T 
_exptl.crystals_number            1 
_exptl.details                    ? 
_exptl.method                     'X-RAY DIFFRACTION' 
_exptl.method_details             ? 
# 
_exptl_crystal.colour                      ? 
_exptl_crystal.density_diffrn              ? 
_exptl_crystal.density_Matthews            2.57 
_exptl_crystal.density_method              ? 
_exptl_crystal.density_percent_sol         52.19 
_exptl_crystal.description                 ? 
_exptl_crystal.F_000                       ? 
_exptl_crystal.id                          1 
_exptl_crystal.preparation                 ? 
_exptl_crystal.size_max                    ? 
_exptl_crystal.size_mid                    ? 
_exptl_crystal.size_min                    ? 
_exptl_crystal.size_rad                    ? 
_exptl_crystal.colour_lustre               ? 
_exptl_crystal.colour_modifier             ? 
_exptl_crystal.colour_primary              ? 
_exptl_crystal.density_meas                ? 
_exptl_crystal.density_meas_esd            ? 
_exptl_crystal.density_meas_gt             ? 
_exptl_crystal.density_meas_lt             ? 
_exptl_crystal.density_meas_temp           ? 
_exptl_crystal.density_meas_temp_esd       ? 
_exptl_crystal.density_meas_temp_gt        ? 
_exptl_crystal.density_meas_temp_lt        ? 
_exptl_crystal.pdbx_crystal_image_url      ? 
_exptl_crystal.pdbx_crystal_image_format   ? 
_exptl_crystal.pdbx_mosaicity              ? 
_exptl_crystal.pdbx_mosaicity_esd          ? 
# 
_exptl_crystal_grow.apparatus       ? 
_exptl_crystal_grow.atmosphere      ? 
_exptl_crystal_grow.crystal_id      1 
_exptl_crystal_grow.details         ? 
_exptl_crystal_grow.method          'VAPOR DIFFUSION, HANGING DROP' 
_exptl_crystal_grow.method_ref      ? 
_exptl_crystal_grow.pH              7.5 
_exptl_crystal_grow.pressure        ? 
_exptl_crystal_grow.pressure_esd    ? 
_exptl_crystal_grow.seeding         ? 
_exptl_crystal_grow.seeding_ref     ? 
_exptl_crystal_grow.temp            293 
_exptl_crystal_grow.temp_details    ? 
_exptl_crystal_grow.temp_esd        ? 
_exptl_crystal_grow.time            ? 
_exptl_crystal_grow.pdbx_details    
'0.1 M HEPES sodium pH 7.5, 0.2 M calcium chloride dihydrate and 14% v/v polyethylene glycol 400' 
_exptl_crystal_grow.pdbx_pH_range   ? 
# 
_diffrn.ambient_environment    ? 
_diffrn.ambient_temp           100 
_diffrn.ambient_temp_details   ? 
_diffrn.ambient_temp_esd       ? 
_diffrn.crystal_id             1 
_diffrn.crystal_support        ? 
_diffrn.crystal_treatment      ? 
_diffrn.details                ? 
_diffrn.id                     1 
_diffrn.ambient_pressure       ? 
_diffrn.ambient_pressure_esd   ? 
_diffrn.ambient_pressure_gt    ? 
_diffrn.ambient_pressure_lt    ? 
_diffrn.ambient_temp_gt        ? 
_diffrn.ambient_temp_lt        ? 
# 
_diffrn_detector.details                      ? 
_diffrn_detector.detector                     CCD 
_diffrn_detector.diffrn_id                    1 
_diffrn_detector.type                         'ADSC QUANTUM 315r' 
_diffrn_detector.area_resol_mean              ? 
_diffrn_detector.dtime                        ? 
_diffrn_detector.pdbx_frames_total            ? 
_diffrn_detector.pdbx_collection_time_total   ? 
_diffrn_detector.pdbx_collection_date         2014-12-04 
# 
_diffrn_radiation.collimation                      ? 
_diffrn_radiation.diffrn_id                        1 
_diffrn_radiation.filter_edge                      ? 
_diffrn_radiation.inhomogeneity                    ? 
_diffrn_radiation.monochromator                    ? 
_diffrn_radiation.polarisn_norm                    ? 
_diffrn_radiation.polarisn_ratio                   ? 
_diffrn_radiation.probe                            ? 
_diffrn_radiation.type                             ? 
_diffrn_radiation.xray_symbol                      ? 
_diffrn_radiation.wavelength_id                    1 
_diffrn_radiation.pdbx_monochromatic_or_laue_m_l   M 
_diffrn_radiation.pdbx_wavelength_list             ? 
_diffrn_radiation.pdbx_wavelength                  ? 
_diffrn_radiation.pdbx_diffrn_protocol             'SINGLE WAVELENGTH' 
_diffrn_radiation.pdbx_analyzer                    ? 
_diffrn_radiation.pdbx_scattering_type             x-ray 
# 
_diffrn_radiation_wavelength.id           1 
_diffrn_radiation_wavelength.wavelength   0.953697 
_diffrn_radiation_wavelength.wt           1.0 
# 
_diffrn_source.current                     ? 
_diffrn_source.details                     ? 
_diffrn_source.diffrn_id                   1 
_diffrn_source.power                       ? 
_diffrn_source.size                        ? 
_diffrn_source.source                      SYNCHROTRON 
_diffrn_source.target                      ? 
_diffrn_source.type                        'AUSTRALIAN SYNCHROTRON BEAMLINE MX2' 
_diffrn_source.voltage                     ? 
_diffrn_source.take-off_angle              ? 
_diffrn_source.pdbx_wavelength_list        0.953697 
_diffrn_source.pdbx_wavelength             ? 
_diffrn_source.pdbx_synchrotron_beamline   MX2 
_diffrn_source.pdbx_synchrotron_site       'Australian Synchrotron' 
# 
_reflns.B_iso_Wilson_estimate            ? 
_reflns.entry_id                         4Y1T 
_reflns.data_reduction_details           ? 
_reflns.data_reduction_method            ? 
_reflns.d_resolution_high                2.666 
_reflns.d_resolution_low                 42.3882 
_reflns.details                          ? 
_reflns.limit_h_max                      ? 
_reflns.limit_h_min                      ? 
_reflns.limit_k_max                      ? 
_reflns.limit_k_min                      ? 
_reflns.limit_l_max                      ? 
_reflns.limit_l_min                      ? 
_reflns.number_all                       ? 
_reflns.number_obs                       5115 
_reflns.observed_criterion               ? 
_reflns.observed_criterion_F_max         ? 
_reflns.observed_criterion_F_min         ? 
_reflns.observed_criterion_I_max         ? 
_reflns.observed_criterion_I_min         ? 
_reflns.observed_criterion_sigma_F       ? 
_reflns.observed_criterion_sigma_I       ? 
_reflns.percent_possible_obs             99.65 
_reflns.R_free_details                   ? 
_reflns.Rmerge_F_all                     ? 
_reflns.Rmerge_F_obs                     ? 
_reflns.Friedel_coverage                 ? 
_reflns.number_gt                        ? 
_reflns.threshold_expression             ? 
_reflns.pdbx_redundancy                  2.0 
_reflns.pdbx_Rmerge_I_obs                0.071 
_reflns.pdbx_Rmerge_I_all                ? 
_reflns.pdbx_Rsym_value                  ? 
_reflns.pdbx_netI_over_av_sigmaI         ? 
_reflns.pdbx_netI_over_sigmaI            21.25 
_reflns.pdbx_res_netI_over_av_sigmaI_2   ? 
_reflns.pdbx_res_netI_over_sigmaI_2      ? 
_reflns.pdbx_chi_squared                 ? 
_reflns.pdbx_scaling_rejects             ? 
_reflns.pdbx_d_res_high_opt              ? 
_reflns.pdbx_d_res_low_opt               ? 
_reflns.pdbx_d_res_opt_method            ? 
_reflns.phase_calculation_details        ? 
_reflns.pdbx_Rrim_I_all                  ? 
_reflns.pdbx_Rpim_I_all                  ? 
_reflns.pdbx_d_opt                       ? 
_reflns.pdbx_number_measured_all         ? 
_reflns.pdbx_diffrn_id                   1 
_reflns.pdbx_ordinal                     1 
_reflns.pdbx_CC_half                     ? 
_reflns.pdbx_R_split                     ? 
# 
_reflns_shell.Rmerge_F_all                ? 
_reflns_shell.Rmerge_F_gt                 ? 
_reflns_shell.Rmerge_F_obs                ? 
_reflns_shell.Rmerge_I_all                ? 
_reflns_shell.Rmerge_I_gt                 ? 
_reflns_shell.Rmerge_I_obs                0.182 
_reflns_shell.d_res_high                  2.666 
_reflns_shell.d_res_low                   2.81 
_reflns_shell.meanI_over_sigI_all         ? 
_reflns_shell.meanI_over_sigI_gt          ? 
_reflns_shell.meanI_over_sigI_obs         ? 
_reflns_shell.meanI_over_uI_all           ? 
_reflns_shell.meanI_over_uI_gt            ? 
_reflns_shell.number_measured_all         ? 
_reflns_shell.number_measured_gt          ? 
_reflns_shell.number_measured_obs         ? 
_reflns_shell.number_possible             ? 
_reflns_shell.number_unique_all           ? 
_reflns_shell.number_unique_gt            ? 
_reflns_shell.number_unique_obs           ? 
_reflns_shell.pdbx_CC_half                ? 
_reflns_shell.pdbx_R_split                ? 
_reflns_shell.pdbx_Rpim_I_all             ? 
_reflns_shell.pdbx_Rrim_I_all             ? 
_reflns_shell.pdbx_Rsym_value             ? 
_reflns_shell.pdbx_chi_squared            ? 
_reflns_shell.pdbx_diffrn_id              1 
_reflns_shell.pdbx_netI_over_sigmaI_all   ? 
_reflns_shell.pdbx_netI_over_sigmaI_obs   ? 
_reflns_shell.pdbx_ordinal                1 
_reflns_shell.pdbx_redundancy             ? 
_reflns_shell.pdbx_rejects                ? 
_reflns_shell.percent_possible_all        ? 
_reflns_shell.percent_possible_gt         ? 
_reflns_shell.percent_possible_obs        ? 
# 
_refine.aniso_B[1][1]                            ? 
_refine.aniso_B[1][2]                            ? 
_refine.aniso_B[1][3]                            ? 
_refine.aniso_B[2][2]                            ? 
_refine.aniso_B[2][3]                            ? 
_refine.aniso_B[3][3]                            ? 
_refine.B_iso_max                                ? 
_refine.B_iso_mean                               ? 
_refine.B_iso_min                                ? 
_refine.correlation_coeff_Fo_to_Fc               ? 
_refine.correlation_coeff_Fo_to_Fc_free          ? 
_refine.details                                  ? 
_refine.diff_density_max                         ? 
_refine.diff_density_max_esd                     ? 
_refine.diff_density_min                         ? 
_refine.diff_density_min_esd                     ? 
_refine.diff_density_rms                         ? 
_refine.diff_density_rms_esd                     ? 
_refine.entry_id                                 4Y1T 
_refine.pdbx_refine_id                           'X-RAY DIFFRACTION' 
_refine.ls_abs_structure_details                 ? 
_refine.ls_abs_structure_Flack                   ? 
_refine.ls_abs_structure_Flack_esd               ? 
_refine.ls_abs_structure_Rogers                  ? 
_refine.ls_abs_structure_Rogers_esd              ? 
_refine.ls_d_res_high                            2.666 
_refine.ls_d_res_low                             42.383 
_refine.ls_extinction_coef                       ? 
_refine.ls_extinction_coef_esd                   ? 
_refine.ls_extinction_expression                 ? 
_refine.ls_extinction_method                     ? 
_refine.ls_goodness_of_fit_all                   ? 
_refine.ls_goodness_of_fit_all_esd               ? 
_refine.ls_goodness_of_fit_obs                   ? 
_refine.ls_goodness_of_fit_obs_esd               ? 
_refine.ls_hydrogen_treatment                    ? 
_refine.ls_matrix_type                           ? 
_refine.ls_number_constraints                    ? 
_refine.ls_number_parameters                     ? 
_refine.ls_number_reflns_all                     ? 
_refine.ls_number_reflns_obs                     5114 
_refine.ls_number_reflns_R_free                  273 
_refine.ls_number_reflns_R_work                  ? 
_refine.ls_number_restraints                     ? 
_refine.ls_percent_reflns_obs                    99.63 
_refine.ls_percent_reflns_R_free                 5.34 
_refine.ls_R_factor_all                          ? 
_refine.ls_R_factor_obs                          0.1709 
_refine.ls_R_factor_R_free                       0.2153 
_refine.ls_R_factor_R_free_error                 ? 
_refine.ls_R_factor_R_free_error_details         ? 
_refine.ls_R_factor_R_work                       0.1684 
_refine.ls_R_Fsqd_factor_obs                     ? 
_refine.ls_R_I_factor_obs                        ? 
_refine.ls_redundancy_reflns_all                 ? 
_refine.ls_redundancy_reflns_obs                 ? 
_refine.ls_restrained_S_all                      ? 
_refine.ls_restrained_S_obs                      ? 
_refine.ls_shift_over_esd_max                    ? 
_refine.ls_shift_over_esd_mean                   ? 
_refine.ls_structure_factor_coef                 ? 
_refine.ls_weighting_details                     ? 
_refine.ls_weighting_scheme                      ? 
_refine.ls_wR_factor_all                         ? 
_refine.ls_wR_factor_obs                         ? 
_refine.ls_wR_factor_R_free                      ? 
_refine.ls_wR_factor_R_work                      ? 
_refine.occupancy_max                            ? 
_refine.occupancy_min                            ? 
_refine.solvent_model_details                    'FLAT BULK SOLVENT MODEL' 
_refine.solvent_model_param_bsol                 ? 
_refine.solvent_model_param_ksol                 ? 
_refine.ls_R_factor_gt                           ? 
_refine.ls_goodness_of_fit_gt                    ? 
_refine.ls_goodness_of_fit_ref                   ? 
_refine.ls_shift_over_su_max                     ? 
_refine.ls_shift_over_su_max_lt                  ? 
_refine.ls_shift_over_su_mean                    ? 
_refine.ls_shift_over_su_mean_lt                 ? 
_refine.pdbx_ls_sigma_I                          ? 
_refine.pdbx_ls_sigma_F                          1.35 
_refine.pdbx_ls_sigma_Fsqd                       ? 
_refine.pdbx_data_cutoff_high_absF               ? 
_refine.pdbx_data_cutoff_high_rms_absF           ? 
_refine.pdbx_data_cutoff_low_absF                ? 
_refine.pdbx_isotropic_thermal_model             ? 
_refine.pdbx_ls_cross_valid_method               'FREE R-VALUE' 
_refine.pdbx_method_to_determine_struct          'MOLECULAR REPLACEMENT' 
_refine.pdbx_starting_model                      3NSJ 
_refine.pdbx_stereochemistry_target_values       ML 
_refine.pdbx_R_Free_selection_details            'Random Selection' 
_refine.pdbx_stereochem_target_val_spec_case     ? 
_refine.pdbx_overall_ESU_R                       ? 
_refine.pdbx_overall_ESU_R_Free                  ? 
_refine.pdbx_solvent_vdw_probe_radii             1.11 
_refine.pdbx_solvent_ion_probe_radii             ? 
_refine.pdbx_solvent_shrinkage_radii             0.90 
_refine.pdbx_real_space_R                        ? 
_refine.pdbx_density_correlation                 ? 
_refine.pdbx_pd_number_of_powder_patterns        ? 
_refine.pdbx_pd_number_of_points                 ? 
_refine.pdbx_pd_meas_number_of_points            ? 
_refine.pdbx_pd_proc_ls_prof_R_factor            ? 
_refine.pdbx_pd_proc_ls_prof_wR_factor           ? 
_refine.pdbx_pd_Marquardt_correlation_coeff      ? 
_refine.pdbx_pd_Fsqrd_R_factor                   ? 
_refine.pdbx_pd_ls_matrix_band_width             ? 
_refine.pdbx_overall_phase_error                 20.12 
_refine.pdbx_overall_SU_R_free_Cruickshank_DPI   ? 
_refine.pdbx_overall_SU_R_free_Blow_DPI          ? 
_refine.pdbx_overall_SU_R_Blow_DPI               ? 
_refine.pdbx_TLS_residual_ADP_flag               ? 
_refine.pdbx_diffrn_id                           1 
_refine.overall_SU_B                             ? 
_refine.overall_SU_ML                            0.25 
_refine.overall_SU_R_Cruickshank_DPI             ? 
_refine.overall_SU_R_free                        ? 
_refine.overall_FOM_free_R_set                   ? 
_refine.overall_FOM_work_R_set                   ? 
_refine.pdbx_average_fsc_overall                 ? 
_refine.pdbx_average_fsc_work                    ? 
_refine.pdbx_average_fsc_free                    ? 
# 
_refine_hist.pdbx_refine_id                   'X-RAY DIFFRACTION' 
_refine_hist.cycle_id                         LAST 
_refine_hist.pdbx_number_atoms_protein        965 
_refine_hist.pdbx_number_atoms_nucleic_acid   0 
_refine_hist.pdbx_number_atoms_ligand         5 
_refine_hist.number_atoms_solvent             63 
_refine_hist.number_atoms_total               1033 
_refine_hist.d_res_high                       2.666 
_refine_hist.d_res_low                        42.383 
# 
loop_
_refine_ls_restr.pdbx_refine_id 
_refine_ls_restr.criterion 
_refine_ls_restr.dev_ideal 
_refine_ls_restr.dev_ideal_target 
_refine_ls_restr.number 
_refine_ls_restr.rejects 
_refine_ls_restr.type 
_refine_ls_restr.weight 
_refine_ls_restr.pdbx_restraint_function 
'X-RAY DIFFRACTION' ? 0.002  ? 991  ? f_bond_d           ? ? 
'X-RAY DIFFRACTION' ? 0.648  ? 1345 ? f_angle_d          ? ? 
'X-RAY DIFFRACTION' ? 10.161 ? 339  ? f_dihedral_angle_d ? ? 
'X-RAY DIFFRACTION' ? 0.025  ? 145  ? f_chiral_restr     ? ? 
'X-RAY DIFFRACTION' ? 0.003  ? 179  ? f_plane_restr      ? ? 
# 
loop_
_refine_ls_shell.pdbx_refine_id 
_refine_ls_shell.d_res_high 
_refine_ls_shell.d_res_low 
_refine_ls_shell.number_reflns_all 
_refine_ls_shell.number_reflns_obs 
_refine_ls_shell.number_reflns_R_free 
_refine_ls_shell.number_reflns_R_work 
_refine_ls_shell.percent_reflns_obs 
_refine_ls_shell.percent_reflns_R_free 
_refine_ls_shell.R_factor_all 
_refine_ls_shell.R_factor_obs 
_refine_ls_shell.R_factor_R_free 
_refine_ls_shell.R_factor_R_free_error 
_refine_ls_shell.R_factor_R_work 
_refine_ls_shell.redundancy_reflns_all 
_refine_ls_shell.redundancy_reflns_obs 
_refine_ls_shell.wR_factor_all 
_refine_ls_shell.wR_factor_obs 
_refine_ls_shell.wR_factor_R_free 
_refine_ls_shell.wR_factor_R_work 
_refine_ls_shell.pdbx_total_number_of_bins_used 
_refine_ls_shell.pdbx_phase_error 
_refine_ls_shell.pdbx_fsc_work 
_refine_ls_shell.pdbx_fsc_free 
'X-RAY DIFFRACTION' 2.6657 3.3584  . . 155 2333 99.00  . . . 0.2274 . 0.1738 . . . . . . . . . . 
'X-RAY DIFFRACTION' 3.3584 42.3882 . . 118 2508 100.00 . . . 0.2054 . 0.1656 . . . . . . . . . . 
# 
_struct.entry_id                     4Y1T 
_struct.title                        
'Structural basis for Ca2+-mediated interaction of the perforin C2 domain with lipid membranes' 
_struct.pdbx_model_details           ? 
_struct.pdbx_formula_weight          ? 
_struct.pdbx_formula_weight_method   ? 
_struct.pdbx_model_type_details      ? 
_struct.pdbx_CASP_flag               ? 
# 
_struct_keywords.entry_id        4Y1T 
_struct_keywords.text            'Perforin, C2 domain, Calcium Binding, IMMUNE SYSTEM' 
_struct_keywords.pdbx_keywords   'IMMUNE SYSTEM' 
# 
loop_
_struct_asym.id 
_struct_asym.pdbx_blank_PDB_chainid_flag 
_struct_asym.pdbx_modified 
_struct_asym.entity_id 
_struct_asym.details 
A N N 1 ? 
B N N 2 ? 
C N N 2 ? 
D N N 2 ? 
E N N 2 ? 
F N N 2 ? 
G N N 3 ? 
# 
_struct_ref.id                         1 
_struct_ref.db_name                    UNP 
_struct_ref.db_code                    PERF_MOUSE 
_struct_ref.pdbx_db_accession          P10820 
_struct_ref.pdbx_db_isoform            ? 
_struct_ref.entity_id                  1 
_struct_ref.pdbx_seq_one_letter_code   
;QRGLAHLVVSNFRAEHLWGDYTTATDAYLKVFFGGQEFRTGVVWNNNNPRWTDKMDFENVLLSTGGPLRVQVWDADYGWD
DDLLGSCDRSPHSGFHEVTCELNHGRVKFSYHAKCLPHLTGGTCLE
;
_struct_ref.pdbx_align_begin           410 
# 
_struct_ref_seq.align_id                      1 
_struct_ref_seq.ref_id                        1 
_struct_ref_seq.pdbx_PDB_id_code              4Y1T 
_struct_ref_seq.pdbx_strand_id                A 
_struct_ref_seq.seq_align_beg                 1 
_struct_ref_seq.pdbx_seq_align_beg_ins_code   ? 
_struct_ref_seq.seq_align_end                 126 
_struct_ref_seq.pdbx_seq_align_end_ins_code   ? 
_struct_ref_seq.pdbx_db_accession             P10820 
_struct_ref_seq.db_align_beg                  410 
_struct_ref_seq.pdbx_db_align_beg_ins_code    ? 
_struct_ref_seq.db_align_end                  535 
_struct_ref_seq.pdbx_db_align_end_ins_code    ? 
_struct_ref_seq.pdbx_auth_seq_align_beg       410 
_struct_ref_seq.pdbx_auth_seq_align_end       535 
# 
loop_
_struct_ref_seq_dif.align_id 
_struct_ref_seq_dif.pdbx_pdb_id_code 
_struct_ref_seq_dif.mon_id 
_struct_ref_seq_dif.pdbx_pdb_strand_id 
_struct_ref_seq_dif.seq_num 
_struct_ref_seq_dif.pdbx_pdb_ins_code 
_struct_ref_seq_dif.pdbx_seq_db_name 
_struct_ref_seq_dif.pdbx_seq_db_accession_code 
_struct_ref_seq_dif.db_mon_id 
_struct_ref_seq_dif.pdbx_seq_db_seq_num 
_struct_ref_seq_dif.details 
_struct_ref_seq_dif.pdbx_auth_seq_num 
_struct_ref_seq_dif.pdbx_ordinal 
1 4Y1T ALA A 18  ? UNP P10820 TRP 427 'engineered mutation' 427 1  
1 4Y1T ALA A 21  ? UNP P10820 TYR 430 'engineered mutation' 430 2  
1 4Y1T ALA A 77  ? UNP P10820 TYR 486 'engineered mutation' 486 3  
1 4Y1T ALA A 79  ? UNP P10820 TRP 488 'engineered mutation' 488 4  
1 4Y1T GLY A 127 ? UNP P10820 ?   ?   'expression tag'      536 5  
1 4Y1T GLN A 128 ? UNP P10820 ?   ?   'expression tag'      537 6  
1 4Y1T ALA A 129 ? UNP P10820 ?   ?   'expression tag'      538 7  
1 4Y1T GLY A 130 ? UNP P10820 ?   ?   'expression tag'      539 8  
1 4Y1T GLN A 131 ? UNP P10820 ?   ?   'expression tag'      540 9  
1 4Y1T HIS A 132 ? UNP P10820 ?   ?   'expression tag'      541 10 
1 4Y1T HIS A 133 ? UNP P10820 ?   ?   'expression tag'      542 11 
1 4Y1T HIS A 134 ? UNP P10820 ?   ?   'expression tag'      543 12 
1 4Y1T HIS A 135 ? UNP P10820 ?   ?   'expression tag'      544 13 
1 4Y1T HIS A 136 ? UNP P10820 ?   ?   'expression tag'      545 14 
1 4Y1T HIS A 137 ? UNP P10820 ?   ?   'expression tag'      546 15 
1 4Y1T GLY A 138 ? UNP P10820 ?   ?   'expression tag'      547 16 
1 4Y1T ALA A 139 ? UNP P10820 ?   ?   'expression tag'      548 17 
1 4Y1T TYR A 140 ? UNP P10820 ?   ?   'expression tag'      549 18 
1 4Y1T PRO A 141 ? UNP P10820 ?   ?   'expression tag'      550 19 
1 4Y1T TYR A 142 ? UNP P10820 ?   ?   'expression tag'      551 20 
1 4Y1T ASP A 143 ? UNP P10820 ?   ?   'expression tag'      552 21 
1 4Y1T VAL A 144 ? UNP P10820 ?   ?   'expression tag'      553 22 
1 4Y1T PRO A 145 ? UNP P10820 ?   ?   'expression tag'      554 23 
1 4Y1T ASP A 146 ? UNP P10820 ?   ?   'expression tag'      555 24 
1 4Y1T TYR A 147 ? UNP P10820 ?   ?   'expression tag'      556 25 
1 4Y1T ALA A 148 ? UNP P10820 ?   ?   'expression tag'      557 26 
1 4Y1T SER A 149 ? UNP P10820 ?   ?   'expression tag'      558 27 
# 
_pdbx_struct_assembly.id                   1 
_pdbx_struct_assembly.details              author_and_software_defined_assembly 
_pdbx_struct_assembly.method_details       PISA 
_pdbx_struct_assembly.oligomeric_details   monomeric 
_pdbx_struct_assembly.oligomeric_count     1 
# 
_pdbx_struct_assembly_gen.assembly_id       1 
_pdbx_struct_assembly_gen.oper_expression   1 
_pdbx_struct_assembly_gen.asym_id_list      A,B,C,D,E,F,G 
# 
_pdbx_struct_oper_list.id                   1 
_pdbx_struct_oper_list.type                 'identity operation' 
_pdbx_struct_oper_list.name                 1_555 
_pdbx_struct_oper_list.symmetry_operation   x,y,z 
_pdbx_struct_oper_list.matrix[1][1]         1.0000000000 
_pdbx_struct_oper_list.matrix[1][2]         0.0000000000 
_pdbx_struct_oper_list.matrix[1][3]         0.0000000000 
_pdbx_struct_oper_list.vector[1]            0.0000000000 
_pdbx_struct_oper_list.matrix[2][1]         0.0000000000 
_pdbx_struct_oper_list.matrix[2][2]         1.0000000000 
_pdbx_struct_oper_list.matrix[2][3]         0.0000000000 
_pdbx_struct_oper_list.vector[2]            0.0000000000 
_pdbx_struct_oper_list.matrix[3][1]         0.0000000000 
_pdbx_struct_oper_list.matrix[3][2]         0.0000000000 
_pdbx_struct_oper_list.matrix[3][3]         1.0000000000 
_pdbx_struct_oper_list.vector[3]            0.0000000000 
# 
loop_
_struct_conn.id 
_struct_conn.conn_type_id 
_struct_conn.pdbx_leaving_atom_flag 
_struct_conn.pdbx_PDB_id 
_struct_conn.ptnr1_label_asym_id 
_struct_conn.ptnr1_label_comp_id 
_struct_conn.ptnr1_label_seq_id 
_struct_conn.ptnr1_label_atom_id 
_struct_conn.pdbx_ptnr1_label_alt_id 
_struct_conn.pdbx_ptnr1_PDB_ins_code 
_struct_conn.pdbx_ptnr1_standard_comp_id 
_struct_conn.ptnr1_symmetry 
_struct_conn.ptnr2_label_asym_id 
_struct_conn.ptnr2_label_comp_id 
_struct_conn.ptnr2_label_seq_id 
_struct_conn.ptnr2_label_atom_id 
_struct_conn.pdbx_ptnr2_label_alt_id 
_struct_conn.pdbx_ptnr2_PDB_ins_code 
_struct_conn.ptnr1_auth_asym_id 
_struct_conn.ptnr1_auth_comp_id 
_struct_conn.ptnr1_auth_seq_id 
_struct_conn.ptnr2_auth_asym_id 
_struct_conn.ptnr2_auth_comp_id 
_struct_conn.ptnr2_auth_seq_id 
_struct_conn.ptnr2_symmetry 
_struct_conn.pdbx_ptnr3_label_atom_id 
_struct_conn.pdbx_ptnr3_label_seq_id 
_struct_conn.pdbx_ptnr3_label_comp_id 
_struct_conn.pdbx_ptnr3_label_asym_id 
_struct_conn.pdbx_ptnr3_label_alt_id 
_struct_conn.pdbx_ptnr3_PDB_ins_code 
_struct_conn.details 
_struct_conn.pdbx_dist_value 
_struct_conn.pdbx_value_order 
_struct_conn.pdbx_role 
disulf1  disulf ? ? A CYS 87  SG  ? ? ? 1_555 A CYS 100 SG ? ? A CYS 496 A CYS 509 1_555 ? ? ? ? ? ? ? 2.028 ? ? 
disulf2  disulf ? ? A CYS 115 SG  ? ? ? 1_555 A CYS 124 SG ? ? A CYS 524 A CYS 533 1_555 ? ? ? ? ? ? ? 2.034 ? ? 
metalc1  metalc ? ? A GLY 19  O   ? ? ? 1_555 E CA  .   CA ? ? A GLY 428 A CA  604 1_555 ? ? ? ? ? ? ? 2.412 ? ? 
metalc2  metalc ? ? A ASP 20  OD1 ? ? ? 1_555 B CA  .   CA ? ? A ASP 429 A CA  601 1_555 ? ? ? ? ? ? ? 2.420 ? ? 
metalc3  metalc ? ? A ASP 20  OD2 ? ? ? 1_555 B CA  .   CA ? ? A ASP 429 A CA  601 1_555 ? ? ? ? ? ? ? 2.555 ? ? 
metalc4  metalc ? ? A ASP 20  OD2 ? ? ? 1_555 D CA  .   CA ? ? A ASP 429 A CA  603 1_555 ? ? ? ? ? ? ? 2.408 ? ? 
metalc5  metalc ? ? A ASP 20  OD1 ? ? ? 1_555 E CA  .   CA ? ? A ASP 429 A CA  604 1_555 ? ? ? ? ? ? ? 2.389 ? ? 
metalc6  metalc ? ? A THR 23  OG1 ? ? ? 1_555 D CA  .   CA ? ? A THR 432 A CA  603 1_555 ? ? ? ? ? ? ? 2.519 ? ? 
metalc7  metalc ? ? A ALA 24  O   ? ? ? 1_555 D CA  .   CA ? ? A ALA 433 A CA  603 1_555 ? ? ? ? ? ? ? 2.371 ? ? 
metalc8  metalc ? ? A ASP 26  OD2 ? ? ? 1_555 B CA  .   CA ? ? A ASP 435 A CA  601 1_555 ? ? ? ? ? ? ? 2.551 ? ? 
metalc9  metalc ? ? A ASP 26  OD1 ? ? ? 1_555 D CA  .   CA ? ? A ASP 435 A CA  603 1_555 ? ? ? ? ? ? ? 2.571 ? ? 
metalc10 metalc ? ? A ASP 26  OD2 ? ? ? 1_555 D CA  .   CA ? ? A ASP 435 A CA  603 1_555 ? ? ? ? ? ? ? 2.534 ? ? 
metalc11 metalc ? ? A ASN 45  OD1 ? ? ? 1_555 D CA  .   CA ? ? A ASN 454 A CA  603 1_555 ? ? ? ? ? ? ? 2.411 ? ? 
metalc12 metalc ? ? A GLU 58  OE2 ? ? ? 1_555 D CA  .   CA ? ? A GLU 467 A CA  603 7_444 ? ? ? ? ? ? ? 2.382 ? ? 
metalc13 metalc ? ? A ASP 74  OD1 ? ? ? 1_555 B CA  .   CA ? ? A ASP 483 A CA  601 1_555 ? ? ? ? ? ? ? 2.636 ? ? 
metalc14 metalc ? ? A ASP 74  OD2 ? ? ? 1_555 B CA  .   CA ? ? A ASP 483 A CA  601 1_555 ? ? ? ? ? ? ? 2.607 ? ? 
metalc15 metalc ? ? A ASP 74  OD2 ? ? ? 1_555 E CA  .   CA ? ? A ASP 483 A CA  604 1_555 ? ? ? ? ? ? ? 2.459 ? ? 
metalc16 metalc ? ? A ALA 75  O   ? ? ? 1_555 B CA  .   CA ? ? A ALA 484 A CA  601 1_555 ? ? ? ? ? ? ? 2.611 ? ? 
metalc17 metalc ? ? A ASP 76  OD1 ? ? ? 1_555 B CA  .   CA ? ? A ASP 485 A CA  601 1_555 ? ? ? ? ? ? ? 2.509 ? ? 
metalc18 metalc ? ? A ASP 76  OD2 ? ? ? 1_555 C CA  .   CA ? ? A ASP 485 A CA  602 1_555 ? ? ? ? ? ? ? 2.351 ? ? 
metalc19 metalc ? ? A ASP 76  OD1 ? ? ? 1_555 E CA  .   CA ? ? A ASP 485 A CA  604 1_555 ? ? ? ? ? ? ? 2.557 ? ? 
metalc20 metalc ? ? A ASP 76  OD2 ? ? ? 1_555 E CA  .   CA ? ? A ASP 485 A CA  604 1_555 ? ? ? ? ? ? ? 2.607 ? ? 
metalc21 metalc ? ? A ALA 79  O   ? ? ? 1_555 F CA  .   CA ? ? A ALA 488 A CA  605 1_555 ? ? ? ? ? ? ? 2.423 ? ? 
metalc22 metalc ? ? A ASP 80  O   ? ? ? 1_555 C CA  .   CA ? ? A ASP 489 A CA  602 1_555 ? ? ? ? ? ? ? 2.875 ? ? 
metalc23 metalc ? ? A ASP 81  OD1 ? ? ? 1_555 F CA  .   CA ? ? A ASP 490 A CA  605 1_555 ? ? ? ? ? ? ? 2.749 ? ? 
metalc24 metalc ? ? A ASP 82  OD1 ? ? ? 1_555 C CA  .   CA ? ? A ASP 491 A CA  602 1_555 ? ? ? ? ? ? ? 2.410 ? ? 
metalc25 metalc ? ? A ASP 82  OD2 ? ? ? 1_555 E CA  .   CA ? ? A ASP 491 A CA  604 1_555 ? ? ? ? ? ? ? 2.350 ? ? 
metalc26 metalc ? ? B CA  .   CA  ? ? ? 1_555 G HOH .   O  ? ? A CA  601 A HOH 705 7_454 ? ? ? ? ? ? ? 2.460 ? ? 
metalc27 metalc ? ? C CA  .   CA  ? ? ? 1_555 G HOH .   O  ? ? A CA  602 A HOH 707 7_454 ? ? ? ? ? ? ? 2.484 ? ? 
metalc28 metalc ? ? C CA  .   CA  ? ? ? 1_555 G HOH .   O  ? ? A CA  602 A HOH 718 1_555 ? ? ? ? ? ? ? 2.447 ? ? 
metalc29 metalc ? ? E CA  .   CA  ? ? ? 1_555 G HOH .   O  ? ? A CA  604 A HOH 723 1_555 ? ? ? ? ? ? ? 2.721 ? ? 
metalc30 metalc ? ? E CA  .   CA  ? ? ? 1_555 G HOH .   O  ? ? A CA  604 A HOH 752 1_555 ? ? ? ? ? ? ? 2.459 ? ? 
metalc31 metalc ? ? F CA  .   CA  ? ? ? 1_555 G HOH .   O  ? ? A CA  605 A HOH 714 1_555 ? ? ? ? ? ? ? 2.990 ? ? 
metalc32 metalc ? ? F CA  .   CA  ? ? ? 1_555 G HOH .   O  ? ? A CA  605 A HOH 761 1_555 ? ? ? ? ? ? ? 2.467 ? ? 
# 
loop_
_struct_conn_type.id 
_struct_conn_type.criteria 
_struct_conn_type.reference 
disulf ? ? 
metalc ? ? 
# 
loop_
_pdbx_struct_conn_angle.id 
_pdbx_struct_conn_angle.ptnr1_label_atom_id 
_pdbx_struct_conn_angle.ptnr1_label_alt_id 
_pdbx_struct_conn_angle.ptnr1_label_asym_id 
_pdbx_struct_conn_angle.ptnr1_label_comp_id 
_pdbx_struct_conn_angle.ptnr1_label_seq_id 
_pdbx_struct_conn_angle.ptnr1_auth_atom_id 
_pdbx_struct_conn_angle.ptnr1_auth_asym_id 
_pdbx_struct_conn_angle.ptnr1_auth_comp_id 
_pdbx_struct_conn_angle.ptnr1_auth_seq_id 
_pdbx_struct_conn_angle.ptnr1_PDB_ins_code 
_pdbx_struct_conn_angle.ptnr1_symmetry 
_pdbx_struct_conn_angle.ptnr2_label_atom_id 
_pdbx_struct_conn_angle.ptnr2_label_alt_id 
_pdbx_struct_conn_angle.ptnr2_label_asym_id 
_pdbx_struct_conn_angle.ptnr2_label_comp_id 
_pdbx_struct_conn_angle.ptnr2_label_seq_id 
_pdbx_struct_conn_angle.ptnr2_auth_atom_id 
_pdbx_struct_conn_angle.ptnr2_auth_asym_id 
_pdbx_struct_conn_angle.ptnr2_auth_comp_id 
_pdbx_struct_conn_angle.ptnr2_auth_seq_id 
_pdbx_struct_conn_angle.ptnr2_PDB_ins_code 
_pdbx_struct_conn_angle.ptnr2_symmetry 
_pdbx_struct_conn_angle.ptnr3_label_atom_id 
_pdbx_struct_conn_angle.ptnr3_label_alt_id 
_pdbx_struct_conn_angle.ptnr3_label_asym_id 
_pdbx_struct_conn_angle.ptnr3_label_comp_id 
_pdbx_struct_conn_angle.ptnr3_label_seq_id 
_pdbx_struct_conn_angle.ptnr3_auth_atom_id 
_pdbx_struct_conn_angle.ptnr3_auth_asym_id 
_pdbx_struct_conn_angle.ptnr3_auth_comp_id 
_pdbx_struct_conn_angle.ptnr3_auth_seq_id 
_pdbx_struct_conn_angle.ptnr3_PDB_ins_code 
_pdbx_struct_conn_angle.ptnr3_symmetry 
_pdbx_struct_conn_angle.value 
_pdbx_struct_conn_angle.value_esd 
1  O   ? A GLY 19 ? A GLY 428 ? 1_555 CA ? E CA . ? A CA 604 ? 1_555 OD1 ? A ASP 20 ? A ASP 429 ? 1_555 77.4  ? 
2  O   ? A GLY 19 ? A GLY 428 ? 1_555 CA ? E CA . ? A CA 604 ? 1_555 OD2 ? A ASP 74 ? A ASP 483 ? 1_555 86.2  ? 
3  OD1 ? A ASP 20 ? A ASP 429 ? 1_555 CA ? E CA . ? A CA 604 ? 1_555 OD2 ? A ASP 74 ? A ASP 483 ? 1_555 76.6  ? 
4  O   ? A GLY 19 ? A GLY 428 ? 1_555 CA ? E CA . ? A CA 604 ? 1_555 OD1 ? A ASP 76 ? A ASP 485 ? 1_555 148.6 ? 
5  OD1 ? A ASP 20 ? A ASP 429 ? 1_555 CA ? E CA . ? A CA 604 ? 1_555 OD1 ? A ASP 76 ? A ASP 485 ? 1_555 74.3  ? 
6  OD2 ? A ASP 74 ? A ASP 483 ? 1_555 CA ? E CA . ? A CA 604 ? 1_555 OD1 ? A ASP 76 ? A ASP 485 ? 1_555 74.1  ? 
7  O   ? A GLY 19 ? A GLY 428 ? 1_555 CA ? E CA . ? A CA 604 ? 1_555 OD2 ? A ASP 76 ? A ASP 485 ? 1_555 160.2 ? 
8  OD1 ? A ASP 20 ? A ASP 429 ? 1_555 CA ? E CA . ? A CA 604 ? 1_555 OD2 ? A ASP 76 ? A ASP 485 ? 1_555 122.3 ? 
9  OD2 ? A ASP 74 ? A ASP 483 ? 1_555 CA ? E CA . ? A CA 604 ? 1_555 OD2 ? A ASP 76 ? A ASP 485 ? 1_555 99.3  ? 
10 OD1 ? A ASP 76 ? A ASP 485 ? 1_555 CA ? E CA . ? A CA 604 ? 1_555 OD2 ? A ASP 76 ? A ASP 485 ? 1_555 50.2  ? 
11 O   ? A GLY 19 ? A GLY 428 ? 1_555 CA ? E CA . ? A CA 604 ? 1_555 OD2 ? A ASP 82 ? A ASP 491 ? 1_555 86.8  ? 
12 OD1 ? A ASP 20 ? A ASP 429 ? 1_555 CA ? E CA . ? A CA 604 ? 1_555 OD2 ? A ASP 82 ? A ASP 491 ? 1_555 159.7 ? 
13 OD2 ? A ASP 74 ? A ASP 483 ? 1_555 CA ? E CA . ? A CA 604 ? 1_555 OD2 ? A ASP 82 ? A ASP 491 ? 1_555 89.9  ? 
14 OD1 ? A ASP 76 ? A ASP 485 ? 1_555 CA ? E CA . ? A CA 604 ? 1_555 OD2 ? A ASP 82 ? A ASP 491 ? 1_555 116.8 ? 
15 OD2 ? A ASP 76 ? A ASP 485 ? 1_555 CA ? E CA . ? A CA 604 ? 1_555 OD2 ? A ASP 82 ? A ASP 491 ? 1_555 74.3  ? 
16 O   ? A GLY 19 ? A GLY 428 ? 1_555 CA ? E CA . ? A CA 604 ? 1_555 O   ? G HOH .  ? A HOH 723 ? 1_555 104.1 ? 
17 OD1 ? A ASP 20 ? A ASP 429 ? 1_555 CA ? E CA . ? A CA 604 ? 1_555 O   ? G HOH .  ? A HOH 723 ? 1_555 77.1  ? 
18 OD2 ? A ASP 74 ? A ASP 483 ? 1_555 CA ? E CA . ? A CA 604 ? 1_555 O   ? G HOH .  ? A HOH 723 ? 1_555 148.8 ? 
19 OD1 ? A ASP 76 ? A ASP 485 ? 1_555 CA ? E CA . ? A CA 604 ? 1_555 O   ? G HOH .  ? A HOH 723 ? 1_555 82.8  ? 
20 OD2 ? A ASP 76 ? A ASP 485 ? 1_555 CA ? E CA . ? A CA 604 ? 1_555 O   ? G HOH .  ? A HOH 723 ? 1_555 80.9  ? 
21 OD2 ? A ASP 82 ? A ASP 491 ? 1_555 CA ? E CA . ? A CA 604 ? 1_555 O   ? G HOH .  ? A HOH 723 ? 1_555 119.6 ? 
22 O   ? A GLY 19 ? A GLY 428 ? 1_555 CA ? E CA . ? A CA 604 ? 1_555 O   ? G HOH .  ? A HOH 752 ? 1_555 73.9  ? 
23 OD1 ? A ASP 20 ? A ASP 429 ? 1_555 CA ? E CA . ? A CA 604 ? 1_555 O   ? G HOH .  ? A HOH 752 ? 1_555 110.8 ? 
24 OD2 ? A ASP 74 ? A ASP 483 ? 1_555 CA ? E CA . ? A CA 604 ? 1_555 O   ? G HOH .  ? A HOH 752 ? 1_555 156.1 ? 
25 OD1 ? A ASP 76 ? A ASP 485 ? 1_555 CA ? E CA . ? A CA 604 ? 1_555 O   ? G HOH .  ? A HOH 752 ? 1_555 129.4 ? 
26 OD2 ? A ASP 76 ? A ASP 485 ? 1_555 CA ? E CA . ? A CA 604 ? 1_555 O   ? G HOH .  ? A HOH 752 ? 1_555 95.5  ? 
27 OD2 ? A ASP 82 ? A ASP 491 ? 1_555 CA ? E CA . ? A CA 604 ? 1_555 O   ? G HOH .  ? A HOH 752 ? 1_555 76.2  ? 
28 O   ? G HOH .  ? A HOH 723 ? 1_555 CA ? E CA . ? A CA 604 ? 1_555 O   ? G HOH .  ? A HOH 752 ? 1_555 52.3  ? 
29 OD1 ? A ASP 20 ? A ASP 429 ? 1_555 CA ? B CA . ? A CA 601 ? 1_555 OD2 ? A ASP 20 ? A ASP 429 ? 1_555 52.2  ? 
30 OD1 ? A ASP 20 ? A ASP 429 ? 1_555 CA ? B CA . ? A CA 601 ? 1_555 OD2 ? A ASP 26 ? A ASP 435 ? 1_555 119.7 ? 
31 OD2 ? A ASP 20 ? A ASP 429 ? 1_555 CA ? B CA . ? A CA 601 ? 1_555 OD2 ? A ASP 26 ? A ASP 435 ? 1_555 67.7  ? 
32 OD1 ? A ASP 20 ? A ASP 429 ? 1_555 CA ? B CA . ? A CA 601 ? 1_555 OD1 ? A ASP 74 ? A ASP 483 ? 1_555 90.8  ? 
33 OD2 ? A ASP 20 ? A ASP 429 ? 1_555 CA ? B CA . ? A CA 601 ? 1_555 OD1 ? A ASP 74 ? A ASP 483 ? 1_555 94.9  ? 
34 OD2 ? A ASP 26 ? A ASP 435 ? 1_555 CA ? B CA . ? A CA 601 ? 1_555 OD1 ? A ASP 74 ? A ASP 483 ? 1_555 90.0  ? 
35 OD1 ? A ASP 20 ? A ASP 429 ? 1_555 CA ? B CA . ? A CA 601 ? 1_555 OD2 ? A ASP 74 ? A ASP 483 ? 1_555 73.3  ? 
36 OD2 ? A ASP 20 ? A ASP 429 ? 1_555 CA ? B CA . ? A CA 601 ? 1_555 OD2 ? A ASP 74 ? A ASP 483 ? 1_555 115.2 ? 
37 OD2 ? A ASP 26 ? A ASP 435 ? 1_555 CA ? B CA . ? A CA 601 ? 1_555 OD2 ? A ASP 74 ? A ASP 483 ? 1_555 139.0 ? 
38 OD1 ? A ASP 74 ? A ASP 483 ? 1_555 CA ? B CA . ? A CA 601 ? 1_555 OD2 ? A ASP 74 ? A ASP 483 ? 1_555 49.5  ? 
39 OD1 ? A ASP 20 ? A ASP 429 ? 1_555 CA ? B CA . ? A CA 601 ? 1_555 O   ? A ALA 75 ? A ALA 484 ? 1_555 161.0 ? 
40 OD2 ? A ASP 20 ? A ASP 429 ? 1_555 CA ? B CA . ? A CA 601 ? 1_555 O   ? A ALA 75 ? A ALA 484 ? 1_555 144.4 ? 
41 OD2 ? A ASP 26 ? A ASP 435 ? 1_555 CA ? B CA . ? A CA 601 ? 1_555 O   ? A ALA 75 ? A ALA 484 ? 1_555 78.3  ? 
42 OD1 ? A ASP 74 ? A ASP 483 ? 1_555 CA ? B CA . ? A CA 601 ? 1_555 O   ? A ALA 75 ? A ALA 484 ? 1_555 95.4  ? 
43 OD2 ? A ASP 74 ? A ASP 483 ? 1_555 CA ? B CA . ? A CA 601 ? 1_555 O   ? A ALA 75 ? A ALA 484 ? 1_555 97.2  ? 
44 OD1 ? A ASP 20 ? A ASP 429 ? 1_555 CA ? B CA . ? A CA 601 ? 1_555 OD1 ? A ASP 76 ? A ASP 485 ? 1_555 74.7  ? 
45 OD2 ? A ASP 20 ? A ASP 429 ? 1_555 CA ? B CA . ? A CA 601 ? 1_555 OD1 ? A ASP 76 ? A ASP 485 ? 1_555 115.8 ? 
46 OD2 ? A ASP 26 ? A ASP 435 ? 1_555 CA ? B CA . ? A CA 601 ? 1_555 OD1 ? A ASP 76 ? A ASP 485 ? 1_555 146.3 ? 
47 OD1 ? A ASP 74 ? A ASP 483 ? 1_555 CA ? B CA . ? A CA 601 ? 1_555 OD1 ? A ASP 76 ? A ASP 485 ? 1_555 121.7 ? 
48 OD2 ? A ASP 74 ? A ASP 483 ? 1_555 CA ? B CA . ? A CA 601 ? 1_555 OD1 ? A ASP 76 ? A ASP 485 ? 1_555 72.4  ? 
49 O   ? A ALA 75 ? A ALA 484 ? 1_555 CA ? B CA . ? A CA 601 ? 1_555 OD1 ? A ASP 76 ? A ASP 485 ? 1_555 86.9  ? 
50 OD1 ? A ASP 20 ? A ASP 429 ? 1_555 CA ? B CA . ? A CA 601 ? 1_555 O   ? G HOH .  ? A HOH 705 ? 7_454 94.1  ? 
51 OD2 ? A ASP 20 ? A ASP 429 ? 1_555 CA ? B CA . ? A CA 601 ? 1_555 O   ? G HOH .  ? A HOH 705 ? 7_454 76.6  ? 
52 OD2 ? A ASP 26 ? A ASP 435 ? 1_555 CA ? B CA . ? A CA 601 ? 1_555 O   ? G HOH .  ? A HOH 705 ? 7_454 74.8  ? 
53 OD1 ? A ASP 74 ? A ASP 483 ? 1_555 CA ? B CA . ? A CA 601 ? 1_555 O   ? G HOH .  ? A HOH 705 ? 7_454 164.5 ? 
54 OD2 ? A ASP 74 ? A ASP 483 ? 1_555 CA ? B CA . ? A CA 601 ? 1_555 O   ? G HOH .  ? A HOH 705 ? 7_454 146.0 ? 
55 O   ? A ALA 75 ? A ALA 484 ? 1_555 CA ? B CA . ? A CA 601 ? 1_555 O   ? G HOH .  ? A HOH 705 ? 7_454 84.8  ? 
56 OD1 ? A ASP 76 ? A ASP 485 ? 1_555 CA ? B CA . ? A CA 601 ? 1_555 O   ? G HOH .  ? A HOH 705 ? 7_454 73.8  ? 
57 OD2 ? A ASP 20 ? A ASP 429 ? 1_555 CA ? D CA . ? A CA 603 ? 1_555 OG1 ? A THR 23 ? A THR 432 ? 1_555 78.9  ? 
58 OD2 ? A ASP 20 ? A ASP 429 ? 1_555 CA ? D CA . ? A CA 603 ? 1_555 O   ? A ALA 24 ? A ALA 433 ? 1_555 88.1  ? 
59 OG1 ? A THR 23 ? A THR 432 ? 1_555 CA ? D CA . ? A CA 603 ? 1_555 O   ? A ALA 24 ? A ALA 433 ? 1_555 92.5  ? 
60 OD2 ? A ASP 20 ? A ASP 429 ? 1_555 CA ? D CA . ? A CA 603 ? 1_555 OD1 ? A ASP 26 ? A ASP 435 ? 1_555 113.5 ? 
61 OG1 ? A THR 23 ? A THR 432 ? 1_555 CA ? D CA . ? A CA 603 ? 1_555 OD1 ? A ASP 26 ? A ASP 435 ? 1_555 167.5 ? 
62 O   ? A ALA 24 ? A ALA 433 ? 1_555 CA ? D CA . ? A CA 603 ? 1_555 OD1 ? A ASP 26 ? A ASP 435 ? 1_555 87.0  ? 
63 OD2 ? A ASP 20 ? A ASP 429 ? 1_555 CA ? D CA . ? A CA 603 ? 1_555 OD2 ? A ASP 26 ? A ASP 435 ? 1_555 70.2  ? 
64 OG1 ? A THR 23 ? A THR 432 ? 1_555 CA ? D CA . ? A CA 603 ? 1_555 OD2 ? A ASP 26 ? A ASP 435 ? 1_555 139.7 ? 
65 O   ? A ALA 24 ? A ALA 433 ? 1_555 CA ? D CA . ? A CA 603 ? 1_555 OD2 ? A ASP 26 ? A ASP 435 ? 1_555 111.3 ? 
66 OD1 ? A ASP 26 ? A ASP 435 ? 1_555 CA ? D CA . ? A CA 603 ? 1_555 OD2 ? A ASP 26 ? A ASP 435 ? 1_555 51.0  ? 
67 OD2 ? A ASP 20 ? A ASP 429 ? 1_555 CA ? D CA . ? A CA 603 ? 1_555 OD1 ? A ASN 45 ? A ASN 454 ? 1_555 164.3 ? 
68 OG1 ? A THR 23 ? A THR 432 ? 1_555 CA ? D CA . ? A CA 603 ? 1_555 OD1 ? A ASN 45 ? A ASN 454 ? 1_555 87.7  ? 
69 O   ? A ALA 24 ? A ALA 433 ? 1_555 CA ? D CA . ? A CA 603 ? 1_555 OD1 ? A ASN 45 ? A ASN 454 ? 1_555 84.3  ? 
70 OD1 ? A ASP 26 ? A ASP 435 ? 1_555 CA ? D CA . ? A CA 603 ? 1_555 OD1 ? A ASN 45 ? A ASN 454 ? 1_555 79.8  ? 
71 OD2 ? A ASP 26 ? A ASP 435 ? 1_555 CA ? D CA . ? A CA 603 ? 1_555 OD1 ? A ASN 45 ? A ASN 454 ? 1_555 125.4 ? 
72 OD2 ? A ASP 20 ? A ASP 429 ? 1_555 CA ? D CA . ? A CA 603 ? 1_555 OE2 ? A GLU 58 ? A GLU 467 ? 1_555 92.6  ? 
73 OG1 ? A THR 23 ? A THR 432 ? 1_555 CA ? D CA . ? A CA 603 ? 1_555 OE2 ? A GLU 58 ? A GLU 467 ? 1_555 171.2 ? 
74 O   ? A ALA 24 ? A ALA 433 ? 1_555 CA ? D CA . ? A CA 603 ? 1_555 OE2 ? A GLU 58 ? A GLU 467 ? 1_555 85.0  ? 
75 OD1 ? A ASP 26 ? A ASP 435 ? 1_555 CA ? D CA . ? A CA 603 ? 1_555 OE2 ? A GLU 58 ? A GLU 467 ? 1_555 21.0  ? 
76 OD2 ? A ASP 26 ? A ASP 435 ? 1_555 CA ? D CA . ? A CA 603 ? 1_555 OE2 ? A GLU 58 ? A GLU 467 ? 1_555 35.9  ? 
77 OD1 ? A ASN 45 ? A ASN 454 ? 1_555 CA ? D CA . ? A CA 603 ? 1_555 OE2 ? A GLU 58 ? A GLU 467 ? 1_555 100.4 ? 
78 OD2 ? A ASP 76 ? A ASP 485 ? 1_555 CA ? C CA . ? A CA 602 ? 1_555 O   ? A ASP 80 ? A ASP 489 ? 1_555 90.3  ? 
79 OD2 ? A ASP 76 ? A ASP 485 ? 1_555 CA ? C CA . ? A CA 602 ? 1_555 OD1 ? A ASP 82 ? A ASP 491 ? 1_555 93.2  ? 
80 O   ? A ASP 80 ? A ASP 489 ? 1_555 CA ? C CA . ? A CA 602 ? 1_555 OD1 ? A ASP 82 ? A ASP 491 ? 1_555 97.7  ? 
81 OD2 ? A ASP 76 ? A ASP 485 ? 1_555 CA ? C CA . ? A CA 602 ? 1_555 O   ? G HOH .  ? A HOH 707 ? 7_454 81.3  ? 
82 O   ? A ASP 80 ? A ASP 489 ? 1_555 CA ? C CA . ? A CA 602 ? 1_555 O   ? G HOH .  ? A HOH 707 ? 7_454 85.5  ? 
83 OD1 ? A ASP 82 ? A ASP 491 ? 1_555 CA ? C CA . ? A CA 602 ? 1_555 O   ? G HOH .  ? A HOH 707 ? 7_454 173.7 ? 
84 OD2 ? A ASP 76 ? A ASP 485 ? 1_555 CA ? C CA . ? A CA 602 ? 1_555 O   ? G HOH .  ? A HOH 718 ? 1_555 77.0  ? 
85 O   ? A ASP 80 ? A ASP 489 ? 1_555 CA ? C CA . ? A CA 602 ? 1_555 O   ? G HOH .  ? A HOH 718 ? 1_555 166.4 ? 
86 OD1 ? A ASP 82 ? A ASP 491 ? 1_555 CA ? C CA . ? A CA 602 ? 1_555 O   ? G HOH .  ? A HOH 718 ? 1_555 87.8  ? 
87 O   ? G HOH .  ? A HOH 707 ? 7_454 CA ? C CA . ? A CA 602 ? 1_555 O   ? G HOH .  ? A HOH 718 ? 1_555 87.9  ? 
88 O   ? A ALA 79 ? A ALA 488 ? 1_555 CA ? F CA . ? A CA 605 ? 1_555 OD1 ? A ASP 81 ? A ASP 490 ? 1_555 71.4  ? 
89 O   ? A ALA 79 ? A ALA 488 ? 1_555 CA ? F CA . ? A CA 605 ? 1_555 O   ? G HOH .  ? A HOH 714 ? 1_555 148.7 ? 
90 OD1 ? A ASP 81 ? A ASP 490 ? 1_555 CA ? F CA . ? A CA 605 ? 1_555 O   ? G HOH .  ? A HOH 714 ? 1_555 83.3  ? 
91 O   ? A ALA 79 ? A ALA 488 ? 1_555 CA ? F CA . ? A CA 605 ? 1_555 O   ? G HOH .  ? A HOH 761 ? 1_555 146.0 ? 
92 OD1 ? A ASP 81 ? A ASP 490 ? 1_555 CA ? F CA . ? A CA 605 ? 1_555 O   ? G HOH .  ? A HOH 761 ? 1_555 92.3  ? 
93 O   ? G HOH .  ? A HOH 714 ? 1_555 CA ? F CA . ? A CA 605 ? 1_555 O   ? G HOH .  ? A HOH 761 ? 1_555 50.0  ? 
# 
loop_
_pdbx_modification_feature.ordinal 
_pdbx_modification_feature.label_comp_id 
_pdbx_modification_feature.label_asym_id 
_pdbx_modification_feature.label_seq_id 
_pdbx_modification_feature.label_alt_id 
_pdbx_modification_feature.modified_residue_label_comp_id 
_pdbx_modification_feature.modified_residue_label_asym_id 
_pdbx_modification_feature.modified_residue_label_seq_id 
_pdbx_modification_feature.modified_residue_label_alt_id 
_pdbx_modification_feature.auth_comp_id 
_pdbx_modification_feature.auth_asym_id 
_pdbx_modification_feature.auth_seq_id 
_pdbx_modification_feature.PDB_ins_code 
_pdbx_modification_feature.symmetry 
_pdbx_modification_feature.modified_residue_auth_comp_id 
_pdbx_modification_feature.modified_residue_auth_asym_id 
_pdbx_modification_feature.modified_residue_auth_seq_id 
_pdbx_modification_feature.modified_residue_PDB_ins_code 
_pdbx_modification_feature.modified_residue_symmetry 
_pdbx_modification_feature.comp_id_linking_atom 
_pdbx_modification_feature.modified_residue_id_linking_atom 
_pdbx_modification_feature.modified_residue_id 
_pdbx_modification_feature.ref_pcm_id 
_pdbx_modification_feature.ref_comp_id 
_pdbx_modification_feature.type 
_pdbx_modification_feature.category 
1 CYS A 87  ? CYS A 100 ? CYS A 496 ? 1_555 CYS A 509 ? 1_555 SG SG . . . None 'Disulfide bridge' 
2 CYS A 115 ? CYS A 124 ? CYS A 524 ? 1_555 CYS A 533 ? 1_555 SG SG . . . None 'Disulfide bridge' 
# 
loop_
_struct_sheet.id 
_struct_sheet.type 
_struct_sheet.number_strands 
_struct_sheet.details 
AA1 ? 3 ? 
AA2 ? 4 ? 
AA3 ? 4 ? 
# 
loop_
_struct_sheet_order.sheet_id 
_struct_sheet_order.range_id_1 
_struct_sheet_order.range_id_2 
_struct_sheet_order.offset 
_struct_sheet_order.sense 
AA1 1 2 ? anti-parallel 
AA1 2 3 ? anti-parallel 
AA2 1 2 ? anti-parallel 
AA2 2 3 ? anti-parallel 
AA2 3 4 ? anti-parallel 
AA3 1 2 ? anti-parallel 
AA3 2 3 ? anti-parallel 
AA3 3 4 ? anti-parallel 
# 
loop_
_struct_sheet_range.sheet_id 
_struct_sheet_range.id 
_struct_sheet_range.beg_label_comp_id 
_struct_sheet_range.beg_label_asym_id 
_struct_sheet_range.beg_label_seq_id 
_struct_sheet_range.pdbx_beg_PDB_ins_code 
_struct_sheet_range.end_label_comp_id 
_struct_sheet_range.end_label_asym_id 
_struct_sheet_range.end_label_seq_id 
_struct_sheet_range.pdbx_end_PDB_ins_code 
_struct_sheet_range.beg_auth_comp_id 
_struct_sheet_range.beg_auth_asym_id 
_struct_sheet_range.beg_auth_seq_id 
_struct_sheet_range.end_auth_comp_id 
_struct_sheet_range.end_auth_asym_id 
_struct_sheet_range.end_auth_seq_id 
AA1 1 ARG A 50  ? TRP A 51  ? ARG A 459 TRP A 460 
AA1 2 LEU A 4   ? GLU A 15  ? LEU A 413 GLU A 424 
AA1 3 MET A 55  ? LEU A 61  ? MET A 464 LEU A 470 
AA2 1 ARG A 50  ? TRP A 51  ? ARG A 459 TRP A 460 
AA2 2 LEU A 4   ? GLU A 15  ? LEU A 413 GLU A 424 
AA2 3 ARG A 106 ? CYS A 115 ? ARG A 515 CYS A 524 
AA2 4 GLY A 94  ? GLU A 101 ? GLY A 503 GLU A 510 
AA3 1 GLN A 36  ? ARG A 39  ? GLN A 445 ARG A 448 
AA3 2 ALA A 27  ? PHE A 33  ? ALA A 436 PHE A 442 
AA3 3 LEU A 68  ? ASP A 74  ? LEU A 477 ASP A 483 
AA3 4 ASP A 82  ? ARG A 89  ? ASP A 491 ARG A 498 
# 
loop_
_pdbx_struct_sheet_hbond.sheet_id 
_pdbx_struct_sheet_hbond.range_id_1 
_pdbx_struct_sheet_hbond.range_id_2 
_pdbx_struct_sheet_hbond.range_1_label_atom_id 
_pdbx_struct_sheet_hbond.range_1_label_comp_id 
_pdbx_struct_sheet_hbond.range_1_label_asym_id 
_pdbx_struct_sheet_hbond.range_1_label_seq_id 
_pdbx_struct_sheet_hbond.range_1_PDB_ins_code 
_pdbx_struct_sheet_hbond.range_1_auth_atom_id 
_pdbx_struct_sheet_hbond.range_1_auth_comp_id 
_pdbx_struct_sheet_hbond.range_1_auth_asym_id 
_pdbx_struct_sheet_hbond.range_1_auth_seq_id 
_pdbx_struct_sheet_hbond.range_2_label_atom_id 
_pdbx_struct_sheet_hbond.range_2_label_comp_id 
_pdbx_struct_sheet_hbond.range_2_label_asym_id 
_pdbx_struct_sheet_hbond.range_2_label_seq_id 
_pdbx_struct_sheet_hbond.range_2_PDB_ins_code 
_pdbx_struct_sheet_hbond.range_2_auth_atom_id 
_pdbx_struct_sheet_hbond.range_2_auth_comp_id 
_pdbx_struct_sheet_hbond.range_2_auth_asym_id 
_pdbx_struct_sheet_hbond.range_2_auth_seq_id 
AA1 1 2 O TRP A 51  ? O TRP A 460 N PHE A 12  ? N PHE A 421 
AA1 2 3 N VAL A 9   ? N VAL A 418 O MET A 55  ? O MET A 464 
AA2 1 2 O TRP A 51  ? O TRP A 460 N PHE A 12  ? N PHE A 421 
AA2 2 3 N ARG A 13  ? N ARG A 422 O LYS A 108 ? O LYS A 517 
AA2 3 4 O PHE A 109 ? O PHE A 518 N VAL A 98  ? N VAL A 507 
AA3 1 2 O GLN A 36  ? O GLN A 445 N PHE A 33  ? N PHE A 442 
AA3 2 3 N PHE A 32  ? N PHE A 441 O ARG A 69  ? O ARG A 478 
AA3 3 4 N LEU A 68  ? N LEU A 477 O ARG A 89  ? O ARG A 498 
# 
loop_
_struct_site.id 
_struct_site.pdbx_evidence_code 
_struct_site.pdbx_auth_asym_id 
_struct_site.pdbx_auth_comp_id 
_struct_site.pdbx_auth_seq_id 
_struct_site.pdbx_auth_ins_code 
_struct_site.pdbx_num_residues 
_struct_site.details 
AC1 Software A CA 601 ? 7 'binding site for residue CA A 601' 
AC2 Software A CA 602 ? 5 'binding site for residue CA A 602' 
AC3 Software A CA 603 ? 6 'binding site for residue CA A 603' 
AC4 Software A CA 604 ? 8 'binding site for residue CA A 604' 
AC5 Software A CA 605 ? 5 'binding site for residue CA A 605' 
# 
loop_
_struct_site_gen.id 
_struct_site_gen.site_id 
_struct_site_gen.pdbx_num_res 
_struct_site_gen.label_comp_id 
_struct_site_gen.label_asym_id 
_struct_site_gen.label_seq_id 
_struct_site_gen.pdbx_auth_ins_code 
_struct_site_gen.auth_comp_id 
_struct_site_gen.auth_asym_id 
_struct_site_gen.auth_seq_id 
_struct_site_gen.label_atom_id 
_struct_site_gen.label_alt_id 
_struct_site_gen.symmetry 
_struct_site_gen.details 
1  AC1 7 ASP A 20 ? ASP A 429 . ? 1_555 ? 
2  AC1 7 ASP A 26 ? ASP A 435 . ? 1_555 ? 
3  AC1 7 ASP A 74 ? ASP A 483 . ? 1_555 ? 
4  AC1 7 ALA A 75 ? ALA A 484 . ? 1_555 ? 
5  AC1 7 ASP A 76 ? ASP A 485 . ? 1_555 ? 
6  AC1 7 CA  E .  ? CA  A 604 . ? 1_555 ? 
7  AC1 7 HOH G .  ? HOH A 705 . ? 7_454 ? 
8  AC2 5 ASP A 76 ? ASP A 485 . ? 1_555 ? 
9  AC2 5 ASP A 80 ? ASP A 489 . ? 1_555 ? 
10 AC2 5 ASP A 82 ? ASP A 491 . ? 1_555 ? 
11 AC2 5 HOH G .  ? HOH A 707 . ? 7_454 ? 
12 AC2 5 HOH G .  ? HOH A 718 . ? 1_555 ? 
13 AC3 6 ASP A 20 ? ASP A 429 . ? 1_555 ? 
14 AC3 6 THR A 23 ? THR A 432 . ? 1_555 ? 
15 AC3 6 ALA A 24 ? ALA A 433 . ? 1_555 ? 
16 AC3 6 ASP A 26 ? ASP A 435 . ? 1_555 ? 
17 AC3 6 ASN A 45 ? ASN A 454 . ? 1_555 ? 
18 AC3 6 GLU A 58 ? GLU A 467 . ? 7_454 ? 
19 AC4 8 GLY A 19 ? GLY A 428 . ? 1_555 ? 
20 AC4 8 ASP A 20 ? ASP A 429 . ? 1_555 ? 
21 AC4 8 ASP A 74 ? ASP A 483 . ? 1_555 ? 
22 AC4 8 ASP A 76 ? ASP A 485 . ? 1_555 ? 
23 AC4 8 ASP A 82 ? ASP A 491 . ? 1_555 ? 
24 AC4 8 CA  B .  ? CA  A 601 . ? 1_555 ? 
25 AC4 8 HOH G .  ? HOH A 723 . ? 1_555 ? 
26 AC4 8 HOH G .  ? HOH A 752 . ? 1_555 ? 
27 AC5 5 ASP A 76 ? ASP A 485 . ? 1_555 ? 
28 AC5 5 ALA A 79 ? ALA A 488 . ? 1_555 ? 
29 AC5 5 ASP A 81 ? ASP A 490 . ? 1_555 ? 
30 AC5 5 HOH G .  ? HOH A 714 . ? 1_555 ? 
31 AC5 5 HOH G .  ? HOH A 761 . ? 1_555 ? 
# 
_pdbx_entry_details.entry_id                   4Y1T 
_pdbx_entry_details.compound_details           ? 
_pdbx_entry_details.source_details             ? 
_pdbx_entry_details.nonpolymer_details         ? 
_pdbx_entry_details.sequence_details           ? 
_pdbx_entry_details.has_ligand_of_interest     ? 
_pdbx_entry_details.has_protein_modification   Y 
# 
loop_
_pdbx_validate_torsion.id 
_pdbx_validate_torsion.PDB_model_num 
_pdbx_validate_torsion.auth_comp_id 
_pdbx_validate_torsion.auth_asym_id 
_pdbx_validate_torsion.auth_seq_id 
_pdbx_validate_torsion.PDB_ins_code 
_pdbx_validate_torsion.label_alt_id 
_pdbx_validate_torsion.phi 
_pdbx_validate_torsion.psi 
1 1 ASP A 435 ? ? -113.27 76.02   
2 1 GLU A 467 ? ? 59.58   -146.52 
3 1 ALA A 488 ? ? 62.76   -101.92 
# 
loop_
_pdbx_struct_special_symmetry.id 
_pdbx_struct_special_symmetry.PDB_model_num 
_pdbx_struct_special_symmetry.auth_asym_id 
_pdbx_struct_special_symmetry.auth_comp_id 
_pdbx_struct_special_symmetry.auth_seq_id 
_pdbx_struct_special_symmetry.PDB_ins_code 
_pdbx_struct_special_symmetry.label_asym_id 
_pdbx_struct_special_symmetry.label_comp_id 
_pdbx_struct_special_symmetry.label_seq_id 
1 1 A HOH 708 ? G HOH . 
2 1 A HOH 721 ? G HOH . 
# 
loop_
_pdbx_unobs_or_zero_occ_residues.id 
_pdbx_unobs_or_zero_occ_residues.PDB_model_num 
_pdbx_unobs_or_zero_occ_residues.polymer_flag 
_pdbx_unobs_or_zero_occ_residues.occupancy_flag 
_pdbx_unobs_or_zero_occ_residues.auth_asym_id 
_pdbx_unobs_or_zero_occ_residues.auth_comp_id 
_pdbx_unobs_or_zero_occ_residues.auth_seq_id 
_pdbx_unobs_or_zero_occ_residues.PDB_ins_code 
_pdbx_unobs_or_zero_occ_residues.label_asym_id 
_pdbx_unobs_or_zero_occ_residues.label_comp_id 
_pdbx_unobs_or_zero_occ_residues.label_seq_id 
1  1 Y 1 A GLY 536 ? A GLY 127 
2  1 Y 1 A GLN 537 ? A GLN 128 
3  1 Y 1 A ALA 538 ? A ALA 129 
4  1 Y 1 A GLY 539 ? A GLY 130 
5  1 Y 1 A GLN 540 ? A GLN 131 
6  1 Y 1 A HIS 541 ? A HIS 132 
7  1 Y 1 A HIS 542 ? A HIS 133 
8  1 Y 1 A HIS 543 ? A HIS 134 
9  1 Y 1 A HIS 544 ? A HIS 135 
10 1 Y 1 A HIS 545 ? A HIS 136 
11 1 Y 1 A HIS 546 ? A HIS 137 
12 1 Y 1 A GLY 547 ? A GLY 138 
13 1 Y 1 A ALA 548 ? A ALA 139 
14 1 Y 1 A TYR 549 ? A TYR 140 
15 1 Y 1 A PRO 550 ? A PRO 141 
16 1 Y 1 A TYR 551 ? A TYR 142 
17 1 Y 1 A ASP 552 ? A ASP 143 
18 1 Y 1 A VAL 553 ? A VAL 144 
19 1 Y 1 A PRO 554 ? A PRO 145 
20 1 Y 1 A ASP 555 ? A ASP 146 
21 1 Y 1 A TYR 556 ? A TYR 147 
22 1 Y 1 A ALA 557 ? A ALA 148 
23 1 Y 1 A SER 558 ? A SER 149 
# 
loop_
_chem_comp_atom.comp_id 
_chem_comp_atom.atom_id 
_chem_comp_atom.type_symbol 
_chem_comp_atom.pdbx_aromatic_flag 
_chem_comp_atom.pdbx_stereo_config 
_chem_comp_atom.pdbx_ordinal 
ALA N    N  N N 1   
ALA CA   C  N S 2   
ALA C    C  N N 3   
ALA O    O  N N 4   
ALA CB   C  N N 5   
ALA OXT  O  N N 6   
ALA H    H  N N 7   
ALA H2   H  N N 8   
ALA HA   H  N N 9   
ALA HB1  H  N N 10  
ALA HB2  H  N N 11  
ALA HB3  H  N N 12  
ALA HXT  H  N N 13  
ARG N    N  N N 14  
ARG CA   C  N S 15  
ARG C    C  N N 16  
ARG O    O  N N 17  
ARG CB   C  N N 18  
ARG CG   C  N N 19  
ARG CD   C  N N 20  
ARG NE   N  N N 21  
ARG CZ   C  N N 22  
ARG NH1  N  N N 23  
ARG NH2  N  N N 24  
ARG OXT  O  N N 25  
ARG H    H  N N 26  
ARG H2   H  N N 27  
ARG HA   H  N N 28  
ARG HB2  H  N N 29  
ARG HB3  H  N N 30  
ARG HG2  H  N N 31  
ARG HG3  H  N N 32  
ARG HD2  H  N N 33  
ARG HD3  H  N N 34  
ARG HE   H  N N 35  
ARG HH11 H  N N 36  
ARG HH12 H  N N 37  
ARG HH21 H  N N 38  
ARG HH22 H  N N 39  
ARG HXT  H  N N 40  
ASN N    N  N N 41  
ASN CA   C  N S 42  
ASN C    C  N N 43  
ASN O    O  N N 44  
ASN CB   C  N N 45  
ASN CG   C  N N 46  
ASN OD1  O  N N 47  
ASN ND2  N  N N 48  
ASN OXT  O  N N 49  
ASN H    H  N N 50  
ASN H2   H  N N 51  
ASN HA   H  N N 52  
ASN HB2  H  N N 53  
ASN HB3  H  N N 54  
ASN HD21 H  N N 55  
ASN HD22 H  N N 56  
ASN HXT  H  N N 57  
ASP N    N  N N 58  
ASP CA   C  N S 59  
ASP C    C  N N 60  
ASP O    O  N N 61  
ASP CB   C  N N 62  
ASP CG   C  N N 63  
ASP OD1  O  N N 64  
ASP OD2  O  N N 65  
ASP OXT  O  N N 66  
ASP H    H  N N 67  
ASP H2   H  N N 68  
ASP HA   H  N N 69  
ASP HB2  H  N N 70  
ASP HB3  H  N N 71  
ASP HD2  H  N N 72  
ASP HXT  H  N N 73  
CA  CA   CA N N 74  
CYS N    N  N N 75  
CYS CA   C  N R 76  
CYS C    C  N N 77  
CYS O    O  N N 78  
CYS CB   C  N N 79  
CYS SG   S  N N 80  
CYS OXT  O  N N 81  
CYS H    H  N N 82  
CYS H2   H  N N 83  
CYS HA   H  N N 84  
CYS HB2  H  N N 85  
CYS HB3  H  N N 86  
CYS HG   H  N N 87  
CYS HXT  H  N N 88  
GLN N    N  N N 89  
GLN CA   C  N S 90  
GLN C    C  N N 91  
GLN O    O  N N 92  
GLN CB   C  N N 93  
GLN CG   C  N N 94  
GLN CD   C  N N 95  
GLN OE1  O  N N 96  
GLN NE2  N  N N 97  
GLN OXT  O  N N 98  
GLN H    H  N N 99  
GLN H2   H  N N 100 
GLN HA   H  N N 101 
GLN HB2  H  N N 102 
GLN HB3  H  N N 103 
GLN HG2  H  N N 104 
GLN HG3  H  N N 105 
GLN HE21 H  N N 106 
GLN HE22 H  N N 107 
GLN HXT  H  N N 108 
GLU N    N  N N 109 
GLU CA   C  N S 110 
GLU C    C  N N 111 
GLU O    O  N N 112 
GLU CB   C  N N 113 
GLU CG   C  N N 114 
GLU CD   C  N N 115 
GLU OE1  O  N N 116 
GLU OE2  O  N N 117 
GLU OXT  O  N N 118 
GLU H    H  N N 119 
GLU H2   H  N N 120 
GLU HA   H  N N 121 
GLU HB2  H  N N 122 
GLU HB3  H  N N 123 
GLU HG2  H  N N 124 
GLU HG3  H  N N 125 
GLU HE2  H  N N 126 
GLU HXT  H  N N 127 
GLY N    N  N N 128 
GLY CA   C  N N 129 
GLY C    C  N N 130 
GLY O    O  N N 131 
GLY OXT  O  N N 132 
GLY H    H  N N 133 
GLY H2   H  N N 134 
GLY HA2  H  N N 135 
GLY HA3  H  N N 136 
GLY HXT  H  N N 137 
HIS N    N  N N 138 
HIS CA   C  N S 139 
HIS C    C  N N 140 
HIS O    O  N N 141 
HIS CB   C  N N 142 
HIS CG   C  Y N 143 
HIS ND1  N  Y N 144 
HIS CD2  C  Y N 145 
HIS CE1  C  Y N 146 
HIS NE2  N  Y N 147 
HIS OXT  O  N N 148 
HIS H    H  N N 149 
HIS H2   H  N N 150 
HIS HA   H  N N 151 
HIS HB2  H  N N 152 
HIS HB3  H  N N 153 
HIS HD1  H  N N 154 
HIS HD2  H  N N 155 
HIS HE1  H  N N 156 
HIS HE2  H  N N 157 
HIS HXT  H  N N 158 
HOH O    O  N N 159 
HOH H1   H  N N 160 
HOH H2   H  N N 161 
LEU N    N  N N 162 
LEU CA   C  N S 163 
LEU C    C  N N 164 
LEU O    O  N N 165 
LEU CB   C  N N 166 
LEU CG   C  N N 167 
LEU CD1  C  N N 168 
LEU CD2  C  N N 169 
LEU OXT  O  N N 170 
LEU H    H  N N 171 
LEU H2   H  N N 172 
LEU HA   H  N N 173 
LEU HB2  H  N N 174 
LEU HB3  H  N N 175 
LEU HG   H  N N 176 
LEU HD11 H  N N 177 
LEU HD12 H  N N 178 
LEU HD13 H  N N 179 
LEU HD21 H  N N 180 
LEU HD22 H  N N 181 
LEU HD23 H  N N 182 
LEU HXT  H  N N 183 
LYS N    N  N N 184 
LYS CA   C  N S 185 
LYS C    C  N N 186 
LYS O    O  N N 187 
LYS CB   C  N N 188 
LYS CG   C  N N 189 
LYS CD   C  N N 190 
LYS CE   C  N N 191 
LYS NZ   N  N N 192 
LYS OXT  O  N N 193 
LYS H    H  N N 194 
LYS H2   H  N N 195 
LYS HA   H  N N 196 
LYS HB2  H  N N 197 
LYS HB3  H  N N 198 
LYS HG2  H  N N 199 
LYS HG3  H  N N 200 
LYS HD2  H  N N 201 
LYS HD3  H  N N 202 
LYS HE2  H  N N 203 
LYS HE3  H  N N 204 
LYS HZ1  H  N N 205 
LYS HZ2  H  N N 206 
LYS HZ3  H  N N 207 
LYS HXT  H  N N 208 
MET N    N  N N 209 
MET CA   C  N S 210 
MET C    C  N N 211 
MET O    O  N N 212 
MET CB   C  N N 213 
MET CG   C  N N 214 
MET SD   S  N N 215 
MET CE   C  N N 216 
MET OXT  O  N N 217 
MET H    H  N N 218 
MET H2   H  N N 219 
MET HA   H  N N 220 
MET HB2  H  N N 221 
MET HB3  H  N N 222 
MET HG2  H  N N 223 
MET HG3  H  N N 224 
MET HE1  H  N N 225 
MET HE2  H  N N 226 
MET HE3  H  N N 227 
MET HXT  H  N N 228 
PHE N    N  N N 229 
PHE CA   C  N S 230 
PHE C    C  N N 231 
PHE O    O  N N 232 
PHE CB   C  N N 233 
PHE CG   C  Y N 234 
PHE CD1  C  Y N 235 
PHE CD2  C  Y N 236 
PHE CE1  C  Y N 237 
PHE CE2  C  Y N 238 
PHE CZ   C  Y N 239 
PHE OXT  O  N N 240 
PHE H    H  N N 241 
PHE H2   H  N N 242 
PHE HA   H  N N 243 
PHE HB2  H  N N 244 
PHE HB3  H  N N 245 
PHE HD1  H  N N 246 
PHE HD2  H  N N 247 
PHE HE1  H  N N 248 
PHE HE2  H  N N 249 
PHE HZ   H  N N 250 
PHE HXT  H  N N 251 
PRO N    N  N N 252 
PRO CA   C  N S 253 
PRO C    C  N N 254 
PRO O    O  N N 255 
PRO CB   C  N N 256 
PRO CG   C  N N 257 
PRO CD   C  N N 258 
PRO OXT  O  N N 259 
PRO H    H  N N 260 
PRO HA   H  N N 261 
PRO HB2  H  N N 262 
PRO HB3  H  N N 263 
PRO HG2  H  N N 264 
PRO HG3  H  N N 265 
PRO HD2  H  N N 266 
PRO HD3  H  N N 267 
PRO HXT  H  N N 268 
SER N    N  N N 269 
SER CA   C  N S 270 
SER C    C  N N 271 
SER O    O  N N 272 
SER CB   C  N N 273 
SER OG   O  N N 274 
SER OXT  O  N N 275 
SER H    H  N N 276 
SER H2   H  N N 277 
SER HA   H  N N 278 
SER HB2  H  N N 279 
SER HB3  H  N N 280 
SER HG   H  N N 281 
SER HXT  H  N N 282 
THR N    N  N N 283 
THR CA   C  N S 284 
THR C    C  N N 285 
THR O    O  N N 286 
THR CB   C  N R 287 
THR OG1  O  N N 288 
THR CG2  C  N N 289 
THR OXT  O  N N 290 
THR H    H  N N 291 
THR H2   H  N N 292 
THR HA   H  N N 293 
THR HB   H  N N 294 
THR HG1  H  N N 295 
THR HG21 H  N N 296 
THR HG22 H  N N 297 
THR HG23 H  N N 298 
THR HXT  H  N N 299 
TRP N    N  N N 300 
TRP CA   C  N S 301 
TRP C    C  N N 302 
TRP O    O  N N 303 
TRP CB   C  N N 304 
TRP CG   C  Y N 305 
TRP CD1  C  Y N 306 
TRP CD2  C  Y N 307 
TRP NE1  N  Y N 308 
TRP CE2  C  Y N 309 
TRP CE3  C  Y N 310 
TRP CZ2  C  Y N 311 
TRP CZ3  C  Y N 312 
TRP CH2  C  Y N 313 
TRP OXT  O  N N 314 
TRP H    H  N N 315 
TRP H2   H  N N 316 
TRP HA   H  N N 317 
TRP HB2  H  N N 318 
TRP HB3  H  N N 319 
TRP HD1  H  N N 320 
TRP HE1  H  N N 321 
TRP HE3  H  N N 322 
TRP HZ2  H  N N 323 
TRP HZ3  H  N N 324 
TRP HH2  H  N N 325 
TRP HXT  H  N N 326 
TYR N    N  N N 327 
TYR CA   C  N S 328 
TYR C    C  N N 329 
TYR O    O  N N 330 
TYR CB   C  N N 331 
TYR CG   C  Y N 332 
TYR CD1  C  Y N 333 
TYR CD2  C  Y N 334 
TYR CE1  C  Y N 335 
TYR CE2  C  Y N 336 
TYR CZ   C  Y N 337 
TYR OH   O  N N 338 
TYR OXT  O  N N 339 
TYR H    H  N N 340 
TYR H2   H  N N 341 
TYR HA   H  N N 342 
TYR HB2  H  N N 343 
TYR HB3  H  N N 344 
TYR HD1  H  N N 345 
TYR HD2  H  N N 346 
TYR HE1  H  N N 347 
TYR HE2  H  N N 348 
TYR HH   H  N N 349 
TYR HXT  H  N N 350 
VAL N    N  N N 351 
VAL CA   C  N S 352 
VAL C    C  N N 353 
VAL O    O  N N 354 
VAL CB   C  N N 355 
VAL CG1  C  N N 356 
VAL CG2  C  N N 357 
VAL OXT  O  N N 358 
VAL H    H  N N 359 
VAL H2   H  N N 360 
VAL HA   H  N N 361 
VAL HB   H  N N 362 
VAL HG11 H  N N 363 
VAL HG12 H  N N 364 
VAL HG13 H  N N 365 
VAL HG21 H  N N 366 
VAL HG22 H  N N 367 
VAL HG23 H  N N 368 
VAL HXT  H  N N 369 
# 
loop_
_chem_comp_bond.comp_id 
_chem_comp_bond.atom_id_1 
_chem_comp_bond.atom_id_2 
_chem_comp_bond.value_order 
_chem_comp_bond.pdbx_aromatic_flag 
_chem_comp_bond.pdbx_stereo_config 
_chem_comp_bond.pdbx_ordinal 
ALA N   CA   sing N N 1   
ALA N   H    sing N N 2   
ALA N   H2   sing N N 3   
ALA CA  C    sing N N 4   
ALA CA  CB   sing N N 5   
ALA CA  HA   sing N N 6   
ALA C   O    doub N N 7   
ALA C   OXT  sing N N 8   
ALA CB  HB1  sing N N 9   
ALA CB  HB2  sing N N 10  
ALA CB  HB3  sing N N 11  
ALA OXT HXT  sing N N 12  
ARG N   CA   sing N N 13  
ARG N   H    sing N N 14  
ARG N   H2   sing N N 15  
ARG CA  C    sing N N 16  
ARG CA  CB   sing N N 17  
ARG CA  HA   sing N N 18  
ARG C   O    doub N N 19  
ARG C   OXT  sing N N 20  
ARG CB  CG   sing N N 21  
ARG CB  HB2  sing N N 22  
ARG CB  HB3  sing N N 23  
ARG CG  CD   sing N N 24  
ARG CG  HG2  sing N N 25  
ARG CG  HG3  sing N N 26  
ARG CD  NE   sing N N 27  
ARG CD  HD2  sing N N 28  
ARG CD  HD3  sing N N 29  
ARG NE  CZ   sing N N 30  
ARG NE  HE   sing N N 31  
ARG CZ  NH1  sing N N 32  
ARG CZ  NH2  doub N N 33  
ARG NH1 HH11 sing N N 34  
ARG NH1 HH12 sing N N 35  
ARG NH2 HH21 sing N N 36  
ARG NH2 HH22 sing N N 37  
ARG OXT HXT  sing N N 38  
ASN N   CA   sing N N 39  
ASN N   H    sing N N 40  
ASN N   H2   sing N N 41  
ASN CA  C    sing N N 42  
ASN CA  CB   sing N N 43  
ASN CA  HA   sing N N 44  
ASN C   O    doub N N 45  
ASN C   OXT  sing N N 46  
ASN CB  CG   sing N N 47  
ASN CB  HB2  sing N N 48  
ASN CB  HB3  sing N N 49  
ASN CG  OD1  doub N N 50  
ASN CG  ND2  sing N N 51  
ASN ND2 HD21 sing N N 52  
ASN ND2 HD22 sing N N 53  
ASN OXT HXT  sing N N 54  
ASP N   CA   sing N N 55  
ASP N   H    sing N N 56  
ASP N   H2   sing N N 57  
ASP CA  C    sing N N 58  
ASP CA  CB   sing N N 59  
ASP CA  HA   sing N N 60  
ASP C   O    doub N N 61  
ASP C   OXT  sing N N 62  
ASP CB  CG   sing N N 63  
ASP CB  HB2  sing N N 64  
ASP CB  HB3  sing N N 65  
ASP CG  OD1  doub N N 66  
ASP CG  OD2  sing N N 67  
ASP OD2 HD2  sing N N 68  
ASP OXT HXT  sing N N 69  
CYS N   CA   sing N N 70  
CYS N   H    sing N N 71  
CYS N   H2   sing N N 72  
CYS CA  C    sing N N 73  
CYS CA  CB   sing N N 74  
CYS CA  HA   sing N N 75  
CYS C   O    doub N N 76  
CYS C   OXT  sing N N 77  
CYS CB  SG   sing N N 78  
CYS CB  HB2  sing N N 79  
CYS CB  HB3  sing N N 80  
CYS SG  HG   sing N N 81  
CYS OXT HXT  sing N N 82  
GLN N   CA   sing N N 83  
GLN N   H    sing N N 84  
GLN N   H2   sing N N 85  
GLN CA  C    sing N N 86  
GLN CA  CB   sing N N 87  
GLN CA  HA   sing N N 88  
GLN C   O    doub N N 89  
GLN C   OXT  sing N N 90  
GLN CB  CG   sing N N 91  
GLN CB  HB2  sing N N 92  
GLN CB  HB3  sing N N 93  
GLN CG  CD   sing N N 94  
GLN CG  HG2  sing N N 95  
GLN CG  HG3  sing N N 96  
GLN CD  OE1  doub N N 97  
GLN CD  NE2  sing N N 98  
GLN NE2 HE21 sing N N 99  
GLN NE2 HE22 sing N N 100 
GLN OXT HXT  sing N N 101 
GLU N   CA   sing N N 102 
GLU N   H    sing N N 103 
GLU N   H2   sing N N 104 
GLU CA  C    sing N N 105 
GLU CA  CB   sing N N 106 
GLU CA  HA   sing N N 107 
GLU C   O    doub N N 108 
GLU C   OXT  sing N N 109 
GLU CB  CG   sing N N 110 
GLU CB  HB2  sing N N 111 
GLU CB  HB3  sing N N 112 
GLU CG  CD   sing N N 113 
GLU CG  HG2  sing N N 114 
GLU CG  HG3  sing N N 115 
GLU CD  OE1  doub N N 116 
GLU CD  OE2  sing N N 117 
GLU OE2 HE2  sing N N 118 
GLU OXT HXT  sing N N 119 
GLY N   CA   sing N N 120 
GLY N   H    sing N N 121 
GLY N   H2   sing N N 122 
GLY CA  C    sing N N 123 
GLY CA  HA2  sing N N 124 
GLY CA  HA3  sing N N 125 
GLY C   O    doub N N 126 
GLY C   OXT  sing N N 127 
GLY OXT HXT  sing N N 128 
HIS N   CA   sing N N 129 
HIS N   H    sing N N 130 
HIS N   H2   sing N N 131 
HIS CA  C    sing N N 132 
HIS CA  CB   sing N N 133 
HIS CA  HA   sing N N 134 
HIS C   O    doub N N 135 
HIS C   OXT  sing N N 136 
HIS CB  CG   sing N N 137 
HIS CB  HB2  sing N N 138 
HIS CB  HB3  sing N N 139 
HIS CG  ND1  sing Y N 140 
HIS CG  CD2  doub Y N 141 
HIS ND1 CE1  doub Y N 142 
HIS ND1 HD1  sing N N 143 
HIS CD2 NE2  sing Y N 144 
HIS CD2 HD2  sing N N 145 
HIS CE1 NE2  sing Y N 146 
HIS CE1 HE1  sing N N 147 
HIS NE2 HE2  sing N N 148 
HIS OXT HXT  sing N N 149 
HOH O   H1   sing N N 150 
HOH O   H2   sing N N 151 
LEU N   CA   sing N N 152 
LEU N   H    sing N N 153 
LEU N   H2   sing N N 154 
LEU CA  C    sing N N 155 
LEU CA  CB   sing N N 156 
LEU CA  HA   sing N N 157 
LEU C   O    doub N N 158 
LEU C   OXT  sing N N 159 
LEU CB  CG   sing N N 160 
LEU CB  HB2  sing N N 161 
LEU CB  HB3  sing N N 162 
LEU CG  CD1  sing N N 163 
LEU CG  CD2  sing N N 164 
LEU CG  HG   sing N N 165 
LEU CD1 HD11 sing N N 166 
LEU CD1 HD12 sing N N 167 
LEU CD1 HD13 sing N N 168 
LEU CD2 HD21 sing N N 169 
LEU CD2 HD22 sing N N 170 
LEU CD2 HD23 sing N N 171 
LEU OXT HXT  sing N N 172 
LYS N   CA   sing N N 173 
LYS N   H    sing N N 174 
LYS N   H2   sing N N 175 
LYS CA  C    sing N N 176 
LYS CA  CB   sing N N 177 
LYS CA  HA   sing N N 178 
LYS C   O    doub N N 179 
LYS C   OXT  sing N N 180 
LYS CB  CG   sing N N 181 
LYS CB  HB2  sing N N 182 
LYS CB  HB3  sing N N 183 
LYS CG  CD   sing N N 184 
LYS CG  HG2  sing N N 185 
LYS CG  HG3  sing N N 186 
LYS CD  CE   sing N N 187 
LYS CD  HD2  sing N N 188 
LYS CD  HD3  sing N N 189 
LYS CE  NZ   sing N N 190 
LYS CE  HE2  sing N N 191 
LYS CE  HE3  sing N N 192 
LYS NZ  HZ1  sing N N 193 
LYS NZ  HZ2  sing N N 194 
LYS NZ  HZ3  sing N N 195 
LYS OXT HXT  sing N N 196 
MET N   CA   sing N N 197 
MET N   H    sing N N 198 
MET N   H2   sing N N 199 
MET CA  C    sing N N 200 
MET CA  CB   sing N N 201 
MET CA  HA   sing N N 202 
MET C   O    doub N N 203 
MET C   OXT  sing N N 204 
MET CB  CG   sing N N 205 
MET CB  HB2  sing N N 206 
MET CB  HB3  sing N N 207 
MET CG  SD   sing N N 208 
MET CG  HG2  sing N N 209 
MET CG  HG3  sing N N 210 
MET SD  CE   sing N N 211 
MET CE  HE1  sing N N 212 
MET CE  HE2  sing N N 213 
MET CE  HE3  sing N N 214 
MET OXT HXT  sing N N 215 
PHE N   CA   sing N N 216 
PHE N   H    sing N N 217 
PHE N   H2   sing N N 218 
PHE CA  C    sing N N 219 
PHE CA  CB   sing N N 220 
PHE CA  HA   sing N N 221 
PHE C   O    doub N N 222 
PHE C   OXT  sing N N 223 
PHE CB  CG   sing N N 224 
PHE CB  HB2  sing N N 225 
PHE CB  HB3  sing N N 226 
PHE CG  CD1  doub Y N 227 
PHE CG  CD2  sing Y N 228 
PHE CD1 CE1  sing Y N 229 
PHE CD1 HD1  sing N N 230 
PHE CD2 CE2  doub Y N 231 
PHE CD2 HD2  sing N N 232 
PHE CE1 CZ   doub Y N 233 
PHE CE1 HE1  sing N N 234 
PHE CE2 CZ   sing Y N 235 
PHE CE2 HE2  sing N N 236 
PHE CZ  HZ   sing N N 237 
PHE OXT HXT  sing N N 238 
PRO N   CA   sing N N 239 
PRO N   CD   sing N N 240 
PRO N   H    sing N N 241 
PRO CA  C    sing N N 242 
PRO CA  CB   sing N N 243 
PRO CA  HA   sing N N 244 
PRO C   O    doub N N 245 
PRO C   OXT  sing N N 246 
PRO CB  CG   sing N N 247 
PRO CB  HB2  sing N N 248 
PRO CB  HB3  sing N N 249 
PRO CG  CD   sing N N 250 
PRO CG  HG2  sing N N 251 
PRO CG  HG3  sing N N 252 
PRO CD  HD2  sing N N 253 
PRO CD  HD3  sing N N 254 
PRO OXT HXT  sing N N 255 
SER N   CA   sing N N 256 
SER N   H    sing N N 257 
SER N   H2   sing N N 258 
SER CA  C    sing N N 259 
SER CA  CB   sing N N 260 
SER CA  HA   sing N N 261 
SER C   O    doub N N 262 
SER C   OXT  sing N N 263 
SER CB  OG   sing N N 264 
SER CB  HB2  sing N N 265 
SER CB  HB3  sing N N 266 
SER OG  HG   sing N N 267 
SER OXT HXT  sing N N 268 
THR N   CA   sing N N 269 
THR N   H    sing N N 270 
THR N   H2   sing N N 271 
THR CA  C    sing N N 272 
THR CA  CB   sing N N 273 
THR CA  HA   sing N N 274 
THR C   O    doub N N 275 
THR C   OXT  sing N N 276 
THR CB  OG1  sing N N 277 
THR CB  CG2  sing N N 278 
THR CB  HB   sing N N 279 
THR OG1 HG1  sing N N 280 
THR CG2 HG21 sing N N 281 
THR CG2 HG22 sing N N 282 
THR CG2 HG23 sing N N 283 
THR OXT HXT  sing N N 284 
TRP N   CA   sing N N 285 
TRP N   H    sing N N 286 
TRP N   H2   sing N N 287 
TRP CA  C    sing N N 288 
TRP CA  CB   sing N N 289 
TRP CA  HA   sing N N 290 
TRP C   O    doub N N 291 
TRP C   OXT  sing N N 292 
TRP CB  CG   sing N N 293 
TRP CB  HB2  sing N N 294 
TRP CB  HB3  sing N N 295 
TRP CG  CD1  doub Y N 296 
TRP CG  CD2  sing Y N 297 
TRP CD1 NE1  sing Y N 298 
TRP CD1 HD1  sing N N 299 
TRP CD2 CE2  doub Y N 300 
TRP CD2 CE3  sing Y N 301 
TRP NE1 CE2  sing Y N 302 
TRP NE1 HE1  sing N N 303 
TRP CE2 CZ2  sing Y N 304 
TRP CE3 CZ3  doub Y N 305 
TRP CE3 HE3  sing N N 306 
TRP CZ2 CH2  doub Y N 307 
TRP CZ2 HZ2  sing N N 308 
TRP CZ3 CH2  sing Y N 309 
TRP CZ3 HZ3  sing N N 310 
TRP CH2 HH2  sing N N 311 
TRP OXT HXT  sing N N 312 
TYR N   CA   sing N N 313 
TYR N   H    sing N N 314 
TYR N   H2   sing N N 315 
TYR CA  C    sing N N 316 
TYR CA  CB   sing N N 317 
TYR CA  HA   sing N N 318 
TYR C   O    doub N N 319 
TYR C   OXT  sing N N 320 
TYR CB  CG   sing N N 321 
TYR CB  HB2  sing N N 322 
TYR CB  HB3  sing N N 323 
TYR CG  CD1  doub Y N 324 
TYR CG  CD2  sing Y N 325 
TYR CD1 CE1  sing Y N 326 
TYR CD1 HD1  sing N N 327 
TYR CD2 CE2  doub Y N 328 
TYR CD2 HD2  sing N N 329 
TYR CE1 CZ   doub Y N 330 
TYR CE1 HE1  sing N N 331 
TYR CE2 CZ   sing Y N 332 
TYR CE2 HE2  sing N N 333 
TYR CZ  OH   sing N N 334 
TYR OH  HH   sing N N 335 
TYR OXT HXT  sing N N 336 
VAL N   CA   sing N N 337 
VAL N   H    sing N N 338 
VAL N   H2   sing N N 339 
VAL CA  C    sing N N 340 
VAL CA  CB   sing N N 341 
VAL CA  HA   sing N N 342 
VAL C   O    doub N N 343 
VAL C   OXT  sing N N 344 
VAL CB  CG1  sing N N 345 
VAL CB  CG2  sing N N 346 
VAL CB  HB   sing N N 347 
VAL CG1 HG11 sing N N 348 
VAL CG1 HG12 sing N N 349 
VAL CG1 HG13 sing N N 350 
VAL CG2 HG21 sing N N 351 
VAL CG2 HG22 sing N N 352 
VAL CG2 HG23 sing N N 353 
VAL OXT HXT  sing N N 354 
# 
_pdbx_initial_refinement_model.id               1 
_pdbx_initial_refinement_model.entity_id_list   ? 
_pdbx_initial_refinement_model.type             'experimental model' 
_pdbx_initial_refinement_model.source_name      PDB 
_pdbx_initial_refinement_model.accession_code   3NSJ 
_pdbx_initial_refinement_model.details          ? 
# 
_atom_sites.entry_id                    4Y1T 
_atom_sites.fract_transf_matrix[1][1]   0.01972526 
_atom_sites.fract_transf_matrix[1][2]   -0.01021661 
_atom_sites.fract_transf_matrix[1][3]   0.00041783 
_atom_sites.fract_transf_matrix[2][1]   -0.00723797 
_atom_sites.fract_transf_matrix[2][2]   -0.01418237 
_atom_sites.fract_transf_matrix[2][3]   -0.00508560 
_atom_sites.fract_transf_matrix[3][1]   0.00123786 
_atom_sites.fract_transf_matrix[3][2]   0.00208060 
_atom_sites.fract_transf_matrix[3][3]   -0.00756400 
_atom_sites.fract_transf_vector[1]      -0.310801 
_atom_sites.fract_transf_vector[2]      -0.285470 
_atom_sites.fract_transf_vector[3]      -0.165273 
# 
loop_
_atom_type.symbol 
C  
CA 
N  
O  
S  
# 
loop_
_atom_site.group_PDB 
_atom_site.id 
_atom_site.type_symbol 
_atom_site.label_atom_id 
_atom_site.label_alt_id 
_atom_site.label_comp_id 
_atom_site.label_asym_id 
_atom_site.label_entity_id 
_atom_site.label_seq_id 
_atom_site.pdbx_PDB_ins_code 
_atom_site.Cartn_x 
_atom_site.Cartn_y 
_atom_site.Cartn_z 
_atom_site.occupancy 
_atom_site.B_iso_or_equiv 
_atom_site.pdbx_formal_charge 
_atom_site.auth_seq_id 
_atom_site.auth_comp_id 
_atom_site.auth_asym_id 
_atom_site.auth_atom_id 
_atom_site.pdbx_PDB_model_num 
ATOM   1    N  N   . GLN A 1 1   ? 20.851  15.949  -6.136  1.00 51.00 ? 410 GLN A N   1 
ATOM   2    C  CA  . GLN A 1 1   ? 20.558  14.820  -7.012  1.00 59.88 ? 410 GLN A CA  1 
ATOM   3    C  C   . GLN A 1 1   ? 19.076  14.771  -7.375  1.00 51.94 ? 410 GLN A C   1 
ATOM   4    O  O   . GLN A 1 1   ? 18.221  15.171  -6.585  1.00 46.42 ? 410 GLN A O   1 
ATOM   5    C  CB  . GLN A 1 1   ? 20.977  13.508  -6.353  1.00 41.83 ? 410 GLN A CB  1 
ATOM   6    C  CG  . GLN A 1 1   ? 20.896  12.309  -7.279  1.00 49.63 ? 410 GLN A CG  1 
ATOM   7    C  CD  . GLN A 1 1   ? 20.267  11.108  -6.616  1.00 44.23 ? 410 GLN A CD  1 
ATOM   8    O  OE1 . GLN A 1 1   ? 19.899  11.156  -5.440  1.00 39.31 ? 410 GLN A OE1 1 
ATOM   9    N  NE2 . GLN A 1 1   ? 20.137  10.018  -7.365  1.00 34.46 ? 410 GLN A NE2 1 
ATOM   10   N  N   . ARG A 1 2   ? 18.780  14.271  -8.572  1.00 33.44 ? 411 ARG A N   1 
ATOM   11   C  CA  . ARG A 1 2   ? 17.411  14.232  -9.073  1.00 45.39 ? 411 ARG A CA  1 
ATOM   12   C  C   . ARG A 1 2   ? 16.729  12.899  -8.778  1.00 32.36 ? 411 ARG A C   1 
ATOM   13   O  O   . ARG A 1 2   ? 17.386  11.908  -8.459  1.00 34.18 ? 411 ARG A O   1 
ATOM   14   C  CB  . ARG A 1 2   ? 17.393  14.507  -10.579 1.00 43.40 ? 411 ARG A CB  1 
ATOM   15   N  N   . GLY A 1 3   ? 15.402  12.886  -8.880  1.00 34.17 ? 412 GLY A N   1 
ATOM   16   C  CA  . GLY A 1 3   ? 14.626  11.673  -8.697  1.00 27.27 ? 412 GLY A CA  1 
ATOM   17   C  C   . GLY A 1 3   ? 14.120  11.461  -7.284  1.00 24.08 ? 412 GLY A C   1 
ATOM   18   O  O   . GLY A 1 3   ? 13.445  10.468  -7.007  1.00 32.36 ? 412 GLY A O   1 
ATOM   19   N  N   . LEU A 1 4   ? 14.437  12.391  -6.388  1.00 22.63 ? 413 LEU A N   1 
ATOM   20   C  CA  . LEU A 1 4   ? 14.070  12.253  -4.979  1.00 16.82 ? 413 LEU A CA  1 
ATOM   21   C  C   . LEU A 1 4   ? 12.705  12.845  -4.668  1.00 18.71 ? 413 LEU A C   1 
ATOM   22   O  O   . LEU A 1 4   ? 12.344  13.913  -5.166  1.00 24.12 ? 413 LEU A O   1 
ATOM   23   C  CB  . LEU A 1 4   ? 15.125  12.905  -4.082  1.00 22.42 ? 413 LEU A CB  1 
ATOM   24   C  CG  . LEU A 1 4   ? 16.448  12.156  -3.936  1.00 25.89 ? 413 LEU A CG  1 
ATOM   25   C  CD1 . LEU A 1 4   ? 17.392  12.929  -3.036  1.00 23.00 ? 413 LEU A CD1 1 
ATOM   26   C  CD2 . LEU A 1 4   ? 16.206  10.756  -3.393  1.00 20.86 ? 413 LEU A CD2 1 
ATOM   27   N  N   . ALA A 1 5   ? 11.951  12.146  -3.830  1.00 21.44 ? 414 ALA A N   1 
ATOM   28   C  CA  . ALA A 1 5   ? 10.638  12.613  -3.411  1.00 15.63 ? 414 ALA A CA  1 
ATOM   29   C  C   . ALA A 1 5   ? 10.279  12.065  -2.036  1.00 17.07 ? 414 ALA A C   1 
ATOM   30   O  O   . ALA A 1 5   ? 10.679  10.958  -1.670  1.00 17.50 ? 414 ALA A O   1 
ATOM   31   C  CB  . ALA A 1 5   ? 9.586   12.216  -4.429  1.00 14.40 ? 414 ALA A CB  1 
ATOM   32   N  N   . HIS A 1 6   ? 9.530   12.853  -1.275  1.00 16.81 ? 415 HIS A N   1 
ATOM   33   C  CA  . HIS A 1 6   ? 9.002   12.411  0.007   1.00 15.31 ? 415 HIS A CA  1 
ATOM   34   C  C   . HIS A 1 6   ? 7.737   11.595  -0.231  1.00 13.30 ? 415 HIS A C   1 
ATOM   35   O  O   . HIS A 1 6   ? 6.764   12.107  -0.777  1.00 14.87 ? 415 HIS A O   1 
ATOM   36   C  CB  . HIS A 1 6   ? 8.709   13.610  0.907   1.00 10.70 ? 415 HIS A CB  1 
ATOM   37   C  CG  . HIS A 1 6   ? 8.285   13.242  2.292   1.00 17.78 ? 415 HIS A CG  1 
ATOM   38   N  ND1 . HIS A 1 6   ? 7.515   14.070  3.080   1.00 30.40 ? 415 HIS A ND1 1 
ATOM   39   C  CD2 . HIS A 1 6   ? 8.531   12.138  3.038   1.00 20.94 ? 415 HIS A CD2 1 
ATOM   40   C  CE1 . HIS A 1 6   ? 7.299   13.491  4.246   1.00 32.65 ? 415 HIS A CE1 1 
ATOM   41   N  NE2 . HIS A 1 6   ? 7.907   12.318  4.248   1.00 22.39 ? 415 HIS A NE2 1 
ATOM   42   N  N   . LEU A 1 7   ? 7.756   10.326  0.164   1.00 14.78 ? 416 LEU A N   1 
ATOM   43   C  CA  . LEU A 1 7   ? 6.620   9.438   -0.074  1.00 14.17 ? 416 LEU A CA  1 
ATOM   44   C  C   . LEU A 1 7   ? 5.887   9.083   1.214   1.00 14.97 ? 416 LEU A C   1 
ATOM   45   O  O   . LEU A 1 7   ? 6.489   8.600   2.172   1.00 18.06 ? 416 LEU A O   1 
ATOM   46   C  CB  . LEU A 1 7   ? 7.074   8.156   -0.776  1.00 16.52 ? 416 LEU A CB  1 
ATOM   47   C  CG  . LEU A 1 7   ? 5.985   7.119   -1.075  1.00 11.81 ? 416 LEU A CG  1 
ATOM   48   C  CD1 . LEU A 1 7   ? 4.962   7.676   -2.054  1.00 11.44 ? 416 LEU A CD1 1 
ATOM   49   C  CD2 . LEU A 1 7   ? 6.593   5.833   -1.608  1.00 10.43 ? 416 LEU A CD2 1 
ATOM   50   N  N   . VAL A 1 8   ? 4.583   9.334   1.225   1.00 10.91 ? 417 VAL A N   1 
ATOM   51   C  CA  . VAL A 1 8   ? 3.725   8.955   2.338   1.00 11.21 ? 417 VAL A CA  1 
ATOM   52   C  C   . VAL A 1 8   ? 2.502   8.218   1.798   1.00 18.93 ? 417 VAL A C   1 
ATOM   53   O  O   . VAL A 1 8   ? 1.848   8.694   0.870   1.00 15.69 ? 417 VAL A O   1 
ATOM   54   C  CB  . VAL A 1 8   ? 3.273   10.182  3.158   1.00 15.85 ? 417 VAL A CB  1 
ATOM   55   C  CG1 . VAL A 1 8   ? 2.399   9.749   4.324   1.00 19.76 ? 417 VAL A CG1 1 
ATOM   56   C  CG2 . VAL A 1 8   ? 4.475   10.969  3.656   1.00 15.66 ? 417 VAL A CG2 1 
ATOM   57   N  N   . VAL A 1 9   ? 2.203   7.052   2.368   1.00 16.00 ? 418 VAL A N   1 
ATOM   58   C  CA  . VAL A 1 9   ? 1.044   6.267   1.944   1.00 18.10 ? 418 VAL A CA  1 
ATOM   59   C  C   . VAL A 1 9   ? 0.047   6.124   3.090   1.00 18.78 ? 418 VAL A C   1 
ATOM   60   O  O   . VAL A 1 9   ? 0.423   5.755   4.201   1.00 24.67 ? 418 VAL A O   1 
ATOM   61   C  CB  . VAL A 1 9   ? 1.454   4.867   1.450   1.00 20.49 ? 418 VAL A CB  1 
ATOM   62   C  CG1 . VAL A 1 9   ? 0.279   4.190   0.766   1.00 20.40 ? 418 VAL A CG1 1 
ATOM   63   C  CG2 . VAL A 1 9   ? 2.636   4.963   0.496   1.00 13.57 ? 418 VAL A CG2 1 
ATOM   64   N  N   . SER A 1 10  ? -1.224  6.411   2.824   1.00 21.72 ? 419 SER A N   1 
ATOM   65   C  CA  . SER A 1 10  ? -2.218  6.441   3.896   1.00 25.08 ? 419 SER A CA  1 
ATOM   66   C  C   . SER A 1 10  ? -3.635  6.119   3.432   1.00 17.61 ? 419 SER A C   1 
ATOM   67   O  O   . SER A 1 10  ? -3.855  5.731   2.283   1.00 17.36 ? 419 SER A O   1 
ATOM   68   C  CB  . SER A 1 10  ? -2.215  7.816   4.569   1.00 29.80 ? 419 SER A CB  1 
ATOM   69   O  OG  . SER A 1 10  ? -2.594  8.827   3.650   1.00 23.43 ? 419 SER A OG  1 
ATOM   70   N  N   . ASN A 1 11  ? -4.585  6.287   4.350   1.00 19.85 ? 420 ASN A N   1 
ATOM   71   C  CA  . ASN A 1 11  ? -6.007  6.093   4.081   1.00 24.30 ? 420 ASN A CA  1 
ATOM   72   C  C   . ASN A 1 11  ? -6.323  4.684   3.568   1.00 21.99 ? 420 ASN A C   1 
ATOM   73   O  O   . ASN A 1 11  ? -6.977  4.519   2.541   1.00 18.93 ? 420 ASN A O   1 
ATOM   74   C  CB  . ASN A 1 11  ? -6.498  7.148   3.084   1.00 25.12 ? 420 ASN A CB  1 
ATOM   75   C  CG  . ASN A 1 11  ? -7.981  7.435   3.216   1.00 30.13 ? 420 ASN A CG  1 
ATOM   76   O  OD1 . ASN A 1 11  ? -8.616  7.058   4.202   1.00 42.20 ? 420 ASN A OD1 1 
ATOM   77   N  ND2 . ASN A 1 11  ? -8.542  8.112   2.219   1.00 28.62 ? 420 ASN A ND2 1 
ATOM   78   N  N   . PHE A 1 12  ? -5.855  3.675   4.299   1.00 28.43 ? 421 PHE A N   1 
ATOM   79   C  CA  . PHE A 1 12  ? -6.056  2.279   3.910   1.00 25.13 ? 421 PHE A CA  1 
ATOM   80   C  C   . PHE A 1 12  ? -7.442  1.763   4.279   1.00 18.76 ? 421 PHE A C   1 
ATOM   81   O  O   . PHE A 1 12  ? -7.908  1.955   5.403   1.00 18.91 ? 421 PHE A O   1 
ATOM   82   C  CB  . PHE A 1 12  ? -5.003  1.381   4.559   1.00 21.61 ? 421 PHE A CB  1 
ATOM   83   C  CG  . PHE A 1 12  ? -3.598  1.694   4.148   1.00 14.74 ? 421 PHE A CG  1 
ATOM   84   C  CD1 . PHE A 1 12  ? -3.133  1.341   2.893   1.00 11.97 ? 421 PHE A CD1 1 
ATOM   85   C  CD2 . PHE A 1 12  ? -2.734  2.323   5.027   1.00 12.06 ? 421 PHE A CD2 1 
ATOM   86   C  CE1 . PHE A 1 12  ? -1.837  1.619   2.518   1.00 14.03 ? 421 PHE A CE1 1 
ATOM   87   C  CE2 . PHE A 1 12  ? -1.437  2.603   4.658   1.00 12.59 ? 421 PHE A CE2 1 
ATOM   88   C  CZ  . PHE A 1 12  ? -0.988  2.251   3.402   1.00 16.01 ? 421 PHE A CZ  1 
ATOM   89   N  N   . ARG A 1 13  ? -8.082  1.089   3.331   1.00 15.46 ? 422 ARG A N   1 
ATOM   90   C  CA  . ARG A 1 13  ? -9.407  0.517   3.546   1.00 21.57 ? 422 ARG A CA  1 
ATOM   91   C  C   . ARG A 1 13  ? -9.705  -0.544  2.492   1.00 14.49 ? 422 ARG A C   1 
ATOM   92   O  O   . ARG A 1 13  ? -9.365  -0.381  1.319   1.00 13.72 ? 422 ARG A O   1 
ATOM   93   C  CB  . ARG A 1 13  ? -10.476 1.614   3.522   1.00 14.32 ? 422 ARG A CB  1 
ATOM   94   C  CG  . ARG A 1 13  ? -10.512 2.408   2.228   1.00 15.84 ? 422 ARG A CG  1 
ATOM   95   C  CD  . ARG A 1 13  ? -11.040 3.811   2.449   1.00 23.84 ? 422 ARG A CD  1 
ATOM   96   N  NE  . ARG A 1 13  ? -11.278 4.508   1.189   1.00 35.53 ? 422 ARG A NE  1 
ATOM   97   C  CZ  . ARG A 1 13  ? -10.358 5.202   0.525   1.00 25.45 ? 422 ARG A CZ  1 
ATOM   98   N  NH1 . ARG A 1 13  ? -9.124  5.297   0.998   1.00 27.53 ? 422 ARG A NH1 1 
ATOM   99   N  NH2 . ARG A 1 13  ? -10.676 5.801   -0.614  1.00 24.61 ? 422 ARG A NH2 1 
ATOM   100  N  N   . ALA A 1 14  ? -10.328 -1.638  2.915   1.00 15.98 ? 423 ALA A N   1 
ATOM   101  C  CA  . ALA A 1 14  ? -10.713 -2.697  1.988   1.00 21.81 ? 423 ALA A CA  1 
ATOM   102  C  C   . ALA A 1 14  ? -12.189 -3.030  2.151   1.00 21.14 ? 423 ALA A C   1 
ATOM   103  O  O   . ALA A 1 14  ? -12.821 -2.622  3.128   1.00 18.66 ? 423 ALA A O   1 
ATOM   104  C  CB  . ALA A 1 14  ? -9.857  -3.936  2.200   1.00 14.66 ? 423 ALA A CB  1 
ATOM   105  N  N   . GLU A 1 15  ? -12.736 -3.768  1.192   1.00 18.32 ? 424 GLU A N   1 
ATOM   106  C  CA  . GLU A 1 15  ? -14.149 -4.126  1.229   1.00 23.48 ? 424 GLU A CA  1 
ATOM   107  C  C   . GLU A 1 15  ? -14.424 -5.439  0.501   1.00 20.98 ? 424 GLU A C   1 
ATOM   108  O  O   . GLU A 1 15  ? -13.753 -5.768  -0.480  1.00 19.55 ? 424 GLU A O   1 
ATOM   109  C  CB  . GLU A 1 15  ? -14.995 -3.000  0.626   1.00 24.58 ? 424 GLU A CB  1 
ATOM   110  C  CG  . GLU A 1 15  ? -14.641 -2.665  -0.814  1.00 36.37 ? 424 GLU A CG  1 
ATOM   111  C  CD  . GLU A 1 15  ? -15.303 -1.390  -1.307  1.00 52.06 ? 424 GLU A CD  1 
ATOM   112  O  OE1 . GLU A 1 15  ? -15.646 -1.326  -2.505  1.00 57.10 ? 424 GLU A OE1 1 
ATOM   113  O  OE2 . GLU A 1 15  ? -15.470 -0.449  -0.501  1.00 54.07 ? 424 GLU A OE2 1 
ATOM   114  N  N   . HIS A 1 16  ? -15.411 -6.179  1.004   1.00 17.48 ? 425 HIS A N   1 
ATOM   115  C  CA  . HIS A 1 16  ? -15.863 -7.432  0.404   1.00 15.24 ? 425 HIS A CA  1 
ATOM   116  C  C   . HIS A 1 16  ? -14.754 -8.479  0.328   1.00 17.92 ? 425 HIS A C   1 
ATOM   117  O  O   . HIS A 1 16  ? -14.625 -9.193  -0.667  1.00 25.86 ? 425 HIS A O   1 
ATOM   118  C  CB  . HIS A 1 16  ? -16.443 -7.175  -0.991  1.00 13.38 ? 425 HIS A CB  1 
ATOM   119  C  CG  . HIS A 1 16  ? -17.514 -6.129  -1.014  1.00 22.83 ? 425 HIS A CG  1 
ATOM   120  N  ND1 . HIS A 1 16  ? -17.326 -4.880  -1.570  1.00 26.05 ? 425 HIS A ND1 1 
ATOM   121  C  CD2 . HIS A 1 16  ? -18.781 -6.139  -0.536  1.00 23.15 ? 425 HIS A CD2 1 
ATOM   122  C  CE1 . HIS A 1 16  ? -18.432 -4.173  -1.443  1.00 27.66 ? 425 HIS A CE1 1 
ATOM   123  N  NE2 . HIS A 1 16  ? -19.330 -4.912  -0.817  1.00 30.20 ? 425 HIS A NE2 1 
ATOM   124  N  N   . LEU A 1 17  ? -13.960 -8.571  1.389   1.00 16.98 ? 426 LEU A N   1 
ATOM   125  C  CA  . LEU A 1 17  ? -12.899 -9.566  1.469   1.00 9.64  ? 426 LEU A CA  1 
ATOM   126  C  C   . LEU A 1 17  ? -13.447 -10.925 1.877   1.00 10.79 ? 426 LEU A C   1 
ATOM   127  O  O   . LEU A 1 17  ? -14.487 -11.016 2.527   1.00 17.35 ? 426 LEU A O   1 
ATOM   128  C  CB  . LEU A 1 17  ? -11.825 -9.125  2.466   1.00 13.48 ? 426 LEU A CB  1 
ATOM   129  C  CG  . LEU A 1 17  ? -11.090 -7.816  2.176   1.00 15.89 ? 426 LEU A CG  1 
ATOM   130  C  CD1 . LEU A 1 17  ? -10.030 -7.575  3.234   1.00 9.71  ? 426 LEU A CD1 1 
ATOM   131  C  CD2 . LEU A 1 17  ? -10.473 -7.828  0.783   1.00 15.05 ? 426 LEU A CD2 1 
ATOM   132  N  N   . ALA A 1 18  ? -12.734 -11.982 1.503   1.00 21.89 ? 427 ALA A N   1 
ATOM   133  C  CA  . ALA A 1 18  ? -13.129 -13.342 1.854   1.00 17.45 ? 427 ALA A CA  1 
ATOM   134  C  C   . ALA A 1 18  ? -11.904 -14.234 2.045   1.00 19.66 ? 427 ALA A C   1 
ATOM   135  O  O   . ALA A 1 18  ? -11.592 -15.066 1.195   1.00 27.18 ? 427 ALA A O   1 
ATOM   136  C  CB  . ALA A 1 18  ? -14.042 -13.918 0.789   1.00 13.44 ? 427 ALA A CB  1 
ATOM   137  N  N   . GLY A 1 19  ? -11.213 -14.054 3.167   1.00 16.98 ? 428 GLY A N   1 
ATOM   138  C  CA  . GLY A 1 19  ? -10.000 -14.799 3.449   1.00 11.88 ? 428 GLY A CA  1 
ATOM   139  C  C   . GLY A 1 19  ? -10.225 -16.067 4.248   1.00 14.51 ? 428 GLY A C   1 
ATOM   140  O  O   . GLY A 1 19  ? -9.363  -16.943 4.294   1.00 20.56 ? 428 GLY A O   1 
ATOM   141  N  N   . ASP A 1 20  ? -11.385 -16.164 4.887   1.00 14.35 ? 429 ASP A N   1 
ATOM   142  C  CA  . ASP A 1 20  ? -11.730 -17.354 5.653   1.00 13.23 ? 429 ASP A CA  1 
ATOM   143  C  C   . ASP A 1 20  ? -13.001 -17.993 5.104   1.00 16.07 ? 429 ASP A C   1 
ATOM   144  O  O   . ASP A 1 20  ? -13.747 -17.363 4.355   1.00 13.48 ? 429 ASP A O   1 
ATOM   145  C  CB  . ASP A 1 20  ? -11.902 -17.012 7.135   1.00 9.10  ? 429 ASP A CB  1 
ATOM   146  C  CG  . ASP A 1 20  ? -10.584 -16.698 7.817   1.00 12.64 ? 429 ASP A CG  1 
ATOM   147  O  OD1 . ASP A 1 20  ? -9.528  -17.098 7.289   1.00 12.92 ? 429 ASP A OD1 1 
ATOM   148  O  OD2 . ASP A 1 20  ? -10.604 -16.058 8.889   1.00 14.85 ? 429 ASP A OD2 1 
ATOM   149  N  N   . ALA A 1 21  ? -13.243 -19.245 5.479   1.00 15.91 ? 430 ALA A N   1 
ATOM   150  C  CA  . ALA A 1 21  ? -14.402 -19.974 4.981   1.00 9.79  ? 430 ALA A CA  1 
ATOM   151  C  C   . ALA A 1 21  ? -15.549 -19.975 5.984   1.00 15.28 ? 430 ALA A C   1 
ATOM   152  O  O   . ALA A 1 21  ? -16.716 -20.049 5.600   1.00 15.59 ? 430 ALA A O   1 
ATOM   153  C  CB  . ALA A 1 21  ? -14.015 -21.403 4.628   1.00 10.89 ? 430 ALA A CB  1 
ATOM   154  N  N   . THR A 1 22  ? -15.217 -19.889 7.270   1.00 16.28 ? 431 THR A N   1 
ATOM   155  C  CA  . THR A 1 22  ? -16.225 -19.991 8.321   1.00 9.64  ? 431 THR A CA  1 
ATOM   156  C  C   . THR A 1 22  ? -16.379 -18.701 9.126   1.00 13.29 ? 431 THR A C   1 
ATOM   157  O  O   . THR A 1 22  ? -17.352 -18.538 9.862   1.00 10.67 ? 431 THR A O   1 
ATOM   158  C  CB  . THR A 1 22  ? -15.899 -21.140 9.290   1.00 15.19 ? 431 THR A CB  1 
ATOM   159  O  OG1 . THR A 1 22  ? -14.685 -20.849 9.996   1.00 15.73 ? 431 THR A OG1 1 
ATOM   160  C  CG2 . THR A 1 22  ? -15.741 -22.447 8.525   1.00 12.75 ? 431 THR A CG2 1 
ATOM   161  N  N   . THR A 1 23  ? -15.417 -17.792 8.997   1.00 13.31 ? 432 THR A N   1 
ATOM   162  C  CA  . THR A 1 23  ? -15.517 -16.488 9.647   1.00 10.71 ? 432 THR A CA  1 
ATOM   163  C  C   . THR A 1 23  ? -15.176 -15.364 8.681   1.00 11.12 ? 432 THR A C   1 
ATOM   164  O  O   . THR A 1 23  ? -14.826 -15.606 7.525   1.00 10.04 ? 432 THR A O   1 
ATOM   165  C  CB  . THR A 1 23  ? -14.595 -16.377 10.880  1.00 12.56 ? 432 THR A CB  1 
ATOM   166  O  OG1 . THR A 1 23  ? -13.237 -16.618 10.492  1.00 13.08 ? 432 THR A OG1 1 
ATOM   167  C  CG2 . THR A 1 23  ? -15.007 -17.378 11.953  1.00 12.73 ? 432 THR A CG2 1 
ATOM   168  N  N   . ALA A 1 24  ? -15.290 -14.131 9.162   1.00 14.29 ? 433 ALA A N   1 
ATOM   169  C  CA  . ALA A 1 24  ? -14.942 -12.966 8.362   1.00 14.30 ? 433 ALA A CA  1 
ATOM   170  C  C   . ALA A 1 24  ? -13.425 -12.836 8.247   1.00 16.07 ? 433 ALA A C   1 
ATOM   171  O  O   . ALA A 1 24  ? -12.678 -13.466 8.995   1.00 16.71 ? 433 ALA A O   1 
ATOM   172  C  CB  . ALA A 1 24  ? -15.548 -11.710 8.961   1.00 8.41  ? 433 ALA A CB  1 
ATOM   173  N  N   . THR A 1 25  ? -12.979 -12.011 7.308   1.00 9.76  ? 434 THR A N   1 
ATOM   174  C  CA  . THR A 1 25  ? -11.564 -11.893 6.995   1.00 9.77  ? 434 THR A CA  1 
ATOM   175  C  C   . THR A 1 25  ? -10.770 -11.244 8.130   1.00 12.69 ? 434 THR A C   1 
ATOM   176  O  O   . THR A 1 25  ? -11.270 -10.370 8.836   1.00 10.97 ? 434 THR A O   1 
ATOM   177  C  CB  . THR A 1 25  ? -11.369 -11.088 5.697   1.00 15.04 ? 434 THR A CB  1 
ATOM   178  O  OG1 . THR A 1 25  ? -12.248 -11.602 4.688   1.00 16.53 ? 434 THR A OG1 1 
ATOM   179  C  CG2 . THR A 1 25  ? -9.932  -11.181 5.204   1.00 10.39 ? 434 THR A CG2 1 
ATOM   180  N  N   . ASP A 1 26  ? -9.533  -11.700 8.303   1.00 13.49 ? 435 ASP A N   1 
ATOM   181  C  CA  . ASP A 1 26  ? -8.615  -11.135 9.283   1.00 9.70  ? 435 ASP A CA  1 
ATOM   182  C  C   . ASP A 1 26  ? -7.461  -10.461 8.553   1.00 10.77 ? 435 ASP A C   1 
ATOM   183  O  O   . ASP A 1 26  ? -6.353  -10.993 8.496   1.00 11.35 ? 435 ASP A O   1 
ATOM   184  C  CB  . ASP A 1 26  ? -8.099  -12.224 10.218  1.00 11.10 ? 435 ASP A CB  1 
ATOM   185  C  CG  . ASP A 1 26  ? -9.204  -13.134 10.705  1.00 14.73 ? 435 ASP A CG  1 
ATOM   186  O  OD1 . ASP A 1 26  ? -10.225 -12.613 11.199  1.00 12.45 ? 435 ASP A OD1 1 
ATOM   187  O  OD2 . ASP A 1 26  ? -9.061  -14.369 10.578  1.00 17.53 ? 435 ASP A OD2 1 
ATOM   188  N  N   . ALA A 1 27  ? -7.730  -9.282  8.002   1.00 10.84 ? 436 ALA A N   1 
ATOM   189  C  CA  . ALA A 1 27  ? -6.830  -8.662  7.040   1.00 8.39  ? 436 ALA A CA  1 
ATOM   190  C  C   . ALA A 1 27  ? -5.725  -7.820  7.664   1.00 12.10 ? 436 ALA A C   1 
ATOM   191  O  O   . ALA A 1 27  ? -5.901  -7.192  8.707   1.00 14.57 ? 436 ALA A O   1 
ATOM   192  C  CB  . ALA A 1 27  ? -7.628  -7.813  6.068   1.00 9.23  ? 436 ALA A CB  1 
ATOM   193  N  N   . TYR A 1 28  ? -4.575  -7.832  7.002   1.00 10.85 ? 437 TYR A N   1 
ATOM   194  C  CA  . TYR A 1 28  ? -3.500  -6.896  7.284   1.00 12.08 ? 437 TYR A CA  1 
ATOM   195  C  C   . TYR A 1 28  ? -2.772  -6.613  5.977   1.00 12.72 ? 437 TYR A C   1 
ATOM   196  O  O   . TYR A 1 28  ? -2.876  -7.385  5.025   1.00 14.18 ? 437 TYR A O   1 
ATOM   197  C  CB  . TYR A 1 28  ? -2.545  -7.441  8.348   1.00 14.01 ? 437 TYR A CB  1 
ATOM   198  C  CG  . TYR A 1 28  ? -1.723  -8.640  7.929   1.00 17.48 ? 437 TYR A CG  1 
ATOM   199  C  CD1 . TYR A 1 28  ? -2.201  -9.935  8.104   1.00 20.96 ? 437 TYR A CD1 1 
ATOM   200  C  CD2 . TYR A 1 28  ? -0.455  -8.479  7.388   1.00 10.77 ? 437 TYR A CD2 1 
ATOM   201  C  CE1 . TYR A 1 28  ? -1.442  -11.035 7.732   1.00 15.37 ? 437 TYR A CE1 1 
ATOM   202  C  CE2 . TYR A 1 28  ? 0.309   -9.571  7.015   1.00 11.58 ? 437 TYR A CE2 1 
ATOM   203  C  CZ  . TYR A 1 28  ? -0.188  -10.845 7.190   1.00 11.58 ? 437 TYR A CZ  1 
ATOM   204  O  OH  . TYR A 1 28  ? 0.574   -11.927 6.819   1.00 11.86 ? 437 TYR A OH  1 
ATOM   205  N  N   . LEU A 1 29  ? -2.049  -5.501  5.921   1.00 15.58 ? 438 LEU A N   1 
ATOM   206  C  CA  . LEU A 1 29  ? -1.384  -5.116  4.684   1.00 15.16 ? 438 LEU A CA  1 
ATOM   207  C  C   . LEU A 1 29  ? 0.132   -5.157  4.787   1.00 13.57 ? 438 LEU A C   1 
ATOM   208  O  O   . LEU A 1 29  ? 0.706   -4.979  5.861   1.00 16.83 ? 438 LEU A O   1 
ATOM   209  C  CB  . LEU A 1 29  ? -1.818  -3.713  4.262   1.00 16.47 ? 438 LEU A CB  1 
ATOM   210  C  CG  . LEU A 1 29  ? -3.310  -3.462  4.068   1.00 21.81 ? 438 LEU A CG  1 
ATOM   211  C  CD1 . LEU A 1 29  ? -3.524  -2.042  3.583   1.00 13.48 ? 438 LEU A CD1 1 
ATOM   212  C  CD2 . LEU A 1 29  ? -3.915  -4.466  3.096   1.00 19.73 ? 438 LEU A CD2 1 
ATOM   213  N  N   . LYS A 1 30  ? 0.771   -5.398  3.651   1.00 17.30 ? 439 LYS A N   1 
ATOM   214  C  CA  . LYS A 1 30  ? 2.204   -5.198  3.511   1.00 14.07 ? 439 LYS A CA  1 
ATOM   215  C  C   . LYS A 1 30  ? 2.420   -4.196  2.388   1.00 17.28 ? 439 LYS A C   1 
ATOM   216  O  O   . LYS A 1 30  ? 1.890   -4.371  1.291   1.00 28.81 ? 439 LYS A O   1 
ATOM   217  C  CB  . LYS A 1 30  ? 2.927   -6.508  3.204   1.00 16.97 ? 439 LYS A CB  1 
ATOM   218  C  CG  . LYS A 1 30  ? 2.826   -7.572  4.283   1.00 10.84 ? 439 LYS A CG  1 
ATOM   219  C  CD  . LYS A 1 30  ? 3.638   -8.794  3.881   1.00 16.75 ? 439 LYS A CD  1 
ATOM   220  C  CE  . LYS A 1 30  ? 3.479   -9.933  4.868   1.00 28.89 ? 439 LYS A CE  1 
ATOM   221  N  NZ  . LYS A 1 30  ? 4.150   -11.168 4.377   1.00 18.58 ? 439 LYS A NZ  1 
ATOM   222  N  N   . VAL A 1 31  ? 3.179   -3.139  2.657   1.00 16.99 ? 440 VAL A N   1 
ATOM   223  C  CA  . VAL A 1 31  ? 3.422   -2.119  1.645   1.00 18.99 ? 440 VAL A CA  1 
ATOM   224  C  C   . VAL A 1 31  ? 4.912   -2.012  1.329   1.00 21.73 ? 440 VAL A C   1 
ATOM   225  O  O   . VAL A 1 31  ? 5.728   -1.765  2.217   1.00 21.40 ? 440 VAL A O   1 
ATOM   226  C  CB  . VAL A 1 31  ? 2.888   -0.748  2.088   1.00 16.49 ? 440 VAL A CB  1 
ATOM   227  C  CG1 . VAL A 1 31  ? 3.109   0.283   0.994   1.00 15.13 ? 440 VAL A CG1 1 
ATOM   228  C  CG2 . VAL A 1 31  ? 1.409   -0.847  2.439   1.00 15.76 ? 440 VAL A CG2 1 
ATOM   229  N  N   . PHE A 1 32  ? 5.256   -2.197  0.058   1.00 16.94 ? 441 PHE A N   1 
ATOM   230  C  CA  . PHE A 1 32  ? 6.652   -2.259  -0.362  1.00 13.31 ? 441 PHE A CA  1 
ATOM   231  C  C   . PHE A 1 32  ? 7.070   -1.072  -1.222  1.00 13.74 ? 441 PHE A C   1 
ATOM   232  O  O   . PHE A 1 32  ? 6.341   -0.664  -2.126  1.00 17.75 ? 441 PHE A O   1 
ATOM   233  C  CB  . PHE A 1 32  ? 6.915   -3.548  -1.146  1.00 11.50 ? 441 PHE A CB  1 
ATOM   234  C  CG  . PHE A 1 32  ? 6.679   -4.808  -0.363  1.00 15.78 ? 441 PHE A CG  1 
ATOM   235  C  CD1 . PHE A 1 32  ? 5.405   -5.338  -0.239  1.00 20.30 ? 441 PHE A CD1 1 
ATOM   236  C  CD2 . PHE A 1 32  ? 7.737   -5.485  0.220   1.00 18.15 ? 441 PHE A CD2 1 
ATOM   237  C  CE1 . PHE A 1 32  ? 5.189   -6.509  0.469   1.00 23.17 ? 441 PHE A CE1 1 
ATOM   238  C  CE2 . PHE A 1 32  ? 7.529   -6.656  0.925   1.00 22.49 ? 441 PHE A CE2 1 
ATOM   239  C  CZ  . PHE A 1 32  ? 6.254   -7.168  1.052   1.00 19.81 ? 441 PHE A CZ  1 
ATOM   240  N  N   . PHE A 1 33  ? 8.250   -0.528  -0.933  1.00 14.52 ? 442 PHE A N   1 
ATOM   241  C  CA  . PHE A 1 33  ? 8.926   0.392   -1.843  1.00 9.30  ? 442 PHE A CA  1 
ATOM   242  C  C   . PHE A 1 33  ? 10.388  0.586   -1.454  1.00 15.29 ? 442 PHE A C   1 
ATOM   243  O  O   . PHE A 1 33  ? 10.708  0.775   -0.279  1.00 16.25 ? 442 PHE A O   1 
ATOM   244  C  CB  . PHE A 1 33  ? 8.231   1.754   -1.891  1.00 13.26 ? 442 PHE A CB  1 
ATOM   245  C  CG  . PHE A 1 33  ? 8.631   2.582   -3.078  1.00 14.94 ? 442 PHE A CG  1 
ATOM   246  C  CD1 . PHE A 1 33  ? 9.734   3.417   -3.019  1.00 11.69 ? 442 PHE A CD1 1 
ATOM   247  C  CD2 . PHE A 1 33  ? 7.921   2.501   -4.265  1.00 17.91 ? 442 PHE A CD2 1 
ATOM   248  C  CE1 . PHE A 1 33  ? 10.113  4.166   -4.120  1.00 12.70 ? 442 PHE A CE1 1 
ATOM   249  C  CE2 . PHE A 1 33  ? 8.295   3.250   -5.367  1.00 14.05 ? 442 PHE A CE2 1 
ATOM   250  C  CZ  . PHE A 1 33  ? 9.392   4.081   -5.293  1.00 11.71 ? 442 PHE A CZ  1 
ATOM   251  N  N   . GLY A 1 34  ? 11.266  0.531   -2.454  1.00 15.25 ? 443 GLY A N   1 
ATOM   252  C  CA  . GLY A 1 34  ? 12.681  0.820   -2.282  1.00 20.40 ? 443 GLY A CA  1 
ATOM   253  C  C   . GLY A 1 34  ? 13.399  0.074   -1.172  1.00 21.99 ? 443 GLY A C   1 
ATOM   254  O  O   . GLY A 1 34  ? 14.287  0.626   -0.519  1.00 25.97 ? 443 GLY A O   1 
ATOM   255  N  N   . GLY A 1 35  ? 13.022  -1.181  -0.952  1.00 13.12 ? 444 GLY A N   1 
ATOM   256  C  CA  . GLY A 1 35  ? 13.640  -1.978  0.092   1.00 10.38 ? 444 GLY A CA  1 
ATOM   257  C  C   . GLY A 1 35  ? 12.959  -1.820  1.437   1.00 15.57 ? 444 GLY A C   1 
ATOM   258  O  O   . GLY A 1 35  ? 13.258  -2.551  2.382   1.00 22.22 ? 444 GLY A O   1 
ATOM   259  N  N   . GLN A 1 36  ? 12.042  -0.861  1.528   1.00 14.97 ? 445 GLN A N   1 
ATOM   260  C  CA  . GLN A 1 36  ? 11.269  -0.659  2.747   1.00 16.87 ? 445 GLN A CA  1 
ATOM   261  C  C   . GLN A 1 36  ? 9.999   -1.501  2.725   1.00 21.34 ? 445 GLN A C   1 
ATOM   262  O  O   . GLN A 1 36  ? 9.349   -1.627  1.686   1.00 14.52 ? 445 GLN A O   1 
ATOM   263  C  CB  . GLN A 1 36  ? 10.912  0.814   2.925   1.00 17.14 ? 445 GLN A CB  1 
ATOM   264  C  CG  . GLN A 1 36  ? 12.103  1.749   2.950   1.00 15.14 ? 445 GLN A CG  1 
ATOM   265  C  CD  . GLN A 1 36  ? 11.696  3.191   3.186   1.00 22.82 ? 445 GLN A CD  1 
ATOM   266  O  OE1 . GLN A 1 36  ? 11.069  3.515   4.196   1.00 12.63 ? 445 GLN A OE1 1 
ATOM   267  N  NE2 . GLN A 1 36  ? 12.044  4.065   2.245   1.00 15.46 ? 445 GLN A NE2 1 
ATOM   268  N  N   . GLU A 1 37  ? 9.647   -2.069  3.875   1.00 20.28 ? 446 GLU A N   1 
ATOM   269  C  CA  . GLU A 1 37  ? 8.454   -2.902  3.980   1.00 17.02 ? 446 GLU A CA  1 
ATOM   270  C  C   . GLU A 1 37  ? 7.657   -2.589  5.245   1.00 16.53 ? 446 GLU A C   1 
ATOM   271  O  O   . GLU A 1 37  ? 8.041   -2.980  6.347   1.00 14.96 ? 446 GLU A O   1 
ATOM   272  C  CB  . GLU A 1 37  ? 8.833   -4.384  3.951   1.00 7.64  ? 446 GLU A CB  1 
ATOM   273  C  CG  . GLU A 1 37  ? 7.655   -5.328  4.122   1.00 17.79 ? 446 GLU A CG  1 
ATOM   274  C  CD  . GLU A 1 37  ? 8.070   -6.789  4.164   1.00 48.48 ? 446 GLU A CD  1 
ATOM   275  O  OE1 . GLU A 1 37  ? 9.250   -7.084  3.875   1.00 64.54 ? 446 GLU A OE1 1 
ATOM   276  O  OE2 . GLU A 1 37  ? 7.216   -7.642  4.484   1.00 50.38 ? 446 GLU A OE2 1 
ATOM   277  N  N   . PHE A 1 38  ? 6.544   -1.879  5.077   1.00 20.36 ? 447 PHE A N   1 
ATOM   278  C  CA  . PHE A 1 38  ? 5.660   -1.555  6.195   1.00 20.47 ? 447 PHE A CA  1 
ATOM   279  C  C   . PHE A 1 38  ? 4.567   -2.605  6.344   1.00 20.45 ? 447 PHE A C   1 
ATOM   280  O  O   . PHE A 1 38  ? 4.162   -3.236  5.370   1.00 23.52 ? 447 PHE A O   1 
ATOM   281  C  CB  . PHE A 1 38  ? 5.018   -0.180  6.007   1.00 17.28 ? 447 PHE A CB  1 
ATOM   282  C  CG  . PHE A 1 38  ? 5.956   0.974   6.216   1.00 15.76 ? 447 PHE A CG  1 
ATOM   283  C  CD1 . PHE A 1 38  ? 6.807   1.385   5.205   1.00 12.65 ? 447 PHE A CD1 1 
ATOM   284  C  CD2 . PHE A 1 38  ? 5.964   1.666   7.415   1.00 14.21 ? 447 PHE A CD2 1 
ATOM   285  C  CE1 . PHE A 1 38  ? 7.660   2.456   5.390   1.00 15.35 ? 447 PHE A CE1 1 
ATOM   286  C  CE2 . PHE A 1 38  ? 6.816   2.737   7.607   1.00 19.16 ? 447 PHE A CE2 1 
ATOM   287  C  CZ  . PHE A 1 38  ? 7.665   3.132   6.594   1.00 14.81 ? 447 PHE A CZ  1 
ATOM   288  N  N   . ARG A 1 39  ? 4.081   -2.776  7.567   1.00 19.02 ? 448 ARG A N   1 
ATOM   289  C  CA  . ARG A 1 39  ? 3.031   -3.743  7.846   1.00 19.40 ? 448 ARG A CA  1 
ATOM   290  C  C   . ARG A 1 39  ? 2.001   -3.158  8.809   1.00 23.01 ? 448 ARG A C   1 
ATOM   291  O  O   . ARG A 1 39  ? 2.358   -2.574  9.830   1.00 27.53 ? 448 ARG A O   1 
ATOM   292  C  CB  . ARG A 1 39  ? 3.634   -5.026  8.422   1.00 17.29 ? 448 ARG A CB  1 
ATOM   293  C  CG  . ARG A 1 39  ? 2.611   -6.068  8.837   1.00 27.77 ? 448 ARG A CG  1 
ATOM   294  C  CD  . ARG A 1 39  ? 3.252   -7.156  9.685   1.00 30.55 ? 448 ARG A CD  1 
ATOM   295  N  NE  . ARG A 1 39  ? 4.093   -8.059  8.906   1.00 34.39 ? 448 ARG A NE  1 
ATOM   296  C  CZ  . ARG A 1 39  ? 3.820   -9.345  8.711   1.00 43.27 ? 448 ARG A CZ  1 
ATOM   297  N  NH1 . ARG A 1 39  ? 2.730   -9.880  9.247   1.00 40.34 ? 448 ARG A NH1 1 
ATOM   298  N  NH2 . ARG A 1 39  ? 4.639   -10.101 7.991   1.00 28.41 ? 448 ARG A NH2 1 
ATOM   299  N  N   . THR A 1 40  ? 0.725   -3.305  8.475   1.00 16.27 ? 449 THR A N   1 
ATOM   300  C  CA  . THR A 1 40  ? -0.341  -2.864  9.363   1.00 12.94 ? 449 THR A CA  1 
ATOM   301  C  C   . THR A 1 40  ? -0.650  -3.934  10.395  1.00 17.06 ? 449 THR A C   1 
ATOM   302  O  O   . THR A 1 40  ? -0.215  -5.079  10.264  1.00 18.18 ? 449 THR A O   1 
ATOM   303  C  CB  . THR A 1 40  ? -1.638  -2.545  8.599   1.00 16.23 ? 449 THR A CB  1 
ATOM   304  O  OG1 . THR A 1 40  ? -2.222  -3.764  8.120   1.00 12.90 ? 449 THR A OG1 1 
ATOM   305  C  CG2 . THR A 1 40  ? -1.360  -1.610  7.430   1.00 12.31 ? 449 THR A CG2 1 
ATOM   306  N  N   . GLY A 1 41  ? -1.407  -3.558  11.418  1.00 14.98 ? 450 GLY A N   1 
ATOM   307  C  CA  . GLY A 1 41  ? -1.924  -4.528  12.362  1.00 7.05  ? 450 GLY A CA  1 
ATOM   308  C  C   . GLY A 1 41  ? -3.041  -5.330  11.720  1.00 14.50 ? 450 GLY A C   1 
ATOM   309  O  O   . GLY A 1 41  ? -3.487  -5.020  10.615  1.00 16.85 ? 450 GLY A O   1 
ATOM   310  N  N   . VAL A 1 42  ? -3.497  -6.367  12.410  1.00 15.37 ? 451 VAL A N   1 
ATOM   311  C  CA  . VAL A 1 42  ? -4.570  -7.204  11.893  1.00 17.64 ? 451 VAL A CA  1 
ATOM   312  C  C   . VAL A 1 42  ? -5.929  -6.705  12.373  1.00 17.37 ? 451 VAL A C   1 
ATOM   313  O  O   . VAL A 1 42  ? -6.116  -6.432  13.557  1.00 18.58 ? 451 VAL A O   1 
ATOM   314  C  CB  . VAL A 1 42  ? -4.388  -8.676  12.315  1.00 14.03 ? 451 VAL A CB  1 
ATOM   315  C  CG1 . VAL A 1 42  ? -5.587  -9.509  11.895  1.00 12.17 ? 451 VAL A CG1 1 
ATOM   316  C  CG2 . VAL A 1 42  ? -3.106  -9.242  11.723  1.00 14.25 ? 451 VAL A CG2 1 
ATOM   317  N  N   . VAL A 1 43  ? -6.869  -6.565  11.445  1.00 14.27 ? 452 VAL A N   1 
ATOM   318  C  CA  . VAL A 1 43  ? -8.250  -6.279  11.805  1.00 11.93 ? 452 VAL A CA  1 
ATOM   319  C  C   . VAL A 1 43  ? -9.014  -7.591  11.848  1.00 13.79 ? 452 VAL A C   1 
ATOM   320  O  O   . VAL A 1 43  ? -9.366  -8.148  10.808  1.00 18.17 ? 452 VAL A O   1 
ATOM   321  C  CB  . VAL A 1 43  ? -8.923  -5.321  10.814  1.00 12.75 ? 452 VAL A CB  1 
ATOM   322  C  CG1 . VAL A 1 43  ? -10.363 -5.068  11.231  1.00 8.60  ? 452 VAL A CG1 1 
ATOM   323  C  CG2 . VAL A 1 43  ? -8.144  -4.015  10.730  1.00 9.47  ? 452 VAL A CG2 1 
ATOM   324  N  N   . TRP A 1 44  ? -9.258  -8.096  13.050  1.00 10.42 ? 453 TRP A N   1 
ATOM   325  C  CA  . TRP A 1 44  ? -9.815  -9.433  13.189  1.00 17.11 ? 453 TRP A CA  1 
ATOM   326  C  C   . TRP A 1 44  ? -11.299 -9.489  12.848  1.00 17.90 ? 453 TRP A C   1 
ATOM   327  O  O   . TRP A 1 44  ? -12.095 -8.675  13.322  1.00 21.80 ? 453 TRP A O   1 
ATOM   328  C  CB  . TRP A 1 44  ? -9.571  -9.968  14.602  1.00 13.32 ? 453 TRP A CB  1 
ATOM   329  C  CG  . TRP A 1 44  ? -8.135  -10.301 14.836  1.00 15.85 ? 453 TRP A CG  1 
ATOM   330  C  CD1 . TRP A 1 44  ? -7.196  -9.509  15.426  1.00 15.88 ? 453 TRP A CD1 1 
ATOM   331  C  CD2 . TRP A 1 44  ? -7.463  -11.509 14.460  1.00 21.25 ? 453 TRP A CD2 1 
ATOM   332  N  NE1 . TRP A 1 44  ? -5.983  -10.150 15.449  1.00 17.88 ? 453 TRP A NE1 1 
ATOM   333  C  CE2 . TRP A 1 44  ? -6.118  -11.381 14.862  1.00 14.33 ? 453 TRP A CE2 1 
ATOM   334  C  CE3 . TRP A 1 44  ? -7.868  -12.689 13.826  1.00 22.56 ? 453 TRP A CE3 1 
ATOM   335  C  CZ2 . TRP A 1 44  ? -5.177  -12.385 14.651  1.00 16.26 ? 453 TRP A CZ2 1 
ATOM   336  C  CZ3 . TRP A 1 44  ? -6.931  -13.686 13.617  1.00 18.06 ? 453 TRP A CZ3 1 
ATOM   337  C  CH2 . TRP A 1 44  ? -5.601  -13.527 14.029  1.00 24.66 ? 453 TRP A CH2 1 
ATOM   338  N  N   . ASN A 1 45  ? -11.642 -10.453 11.998  1.00 15.27 ? 454 ASN A N   1 
ATOM   339  C  CA  . ASN A 1 45  ? -13.022 -10.780 11.660  1.00 12.33 ? 454 ASN A CA  1 
ATOM   340  C  C   . ASN A 1 45  ? -13.849 -9.596  11.181  1.00 12.31 ? 454 ASN A C   1 
ATOM   341  O  O   . ASN A 1 45  ? -14.895 -9.279  11.745  1.00 13.32 ? 454 ASN A O   1 
ATOM   342  C  CB  . ASN A 1 45  ? -13.697 -11.440 12.859  1.00 8.73  ? 454 ASN A CB  1 
ATOM   343  C  CG  . ASN A 1 45  ? -13.185 -12.843 13.101  1.00 13.47 ? 454 ASN A CG  1 
ATOM   344  O  OD1 . ASN A 1 45  ? -13.092 -13.646 12.172  1.00 14.16 ? 454 ASN A OD1 1 
ATOM   345  N  ND2 . ASN A 1 45  ? -12.825 -13.141 14.343  1.00 20.92 ? 454 ASN A ND2 1 
ATOM   346  N  N   . ASN A 1 46  ? -13.363 -8.949  10.128  1.00 10.81 ? 455 ASN A N   1 
ATOM   347  C  CA  . ASN A 1 46  ? -14.127 -7.920  9.442   1.00 12.83 ? 455 ASN A CA  1 
ATOM   348  C  C   . ASN A 1 46  ? -13.815 -7.940  7.950   1.00 15.34 ? 455 ASN A C   1 
ATOM   349  O  O   . ASN A 1 46  ? -12.646 -7.936  7.556   1.00 17.50 ? 455 ASN A O   1 
ATOM   350  C  CB  . ASN A 1 46  ? -13.833 -6.540  10.028  1.00 21.38 ? 455 ASN A CB  1 
ATOM   351  C  CG  . ASN A 1 46  ? -14.929 -5.536  9.723   1.00 21.21 ? 455 ASN A CG  1 
ATOM   352  O  OD1 . ASN A 1 46  ? -14.989 -4.973  8.631   1.00 15.00 ? 455 ASN A OD1 1 
ATOM   353  N  ND2 . ASN A 1 46  ? -15.810 -5.316  10.691  1.00 24.43 ? 455 ASN A ND2 1 
ATOM   354  N  N   . ASN A 1 47  ? -14.855 -7.968  7.124   1.00 9.70  ? 456 ASN A N   1 
ATOM   355  C  CA  . ASN A 1 47  ? -14.669 -8.021  5.679   1.00 13.42 ? 456 ASN A CA  1 
ATOM   356  C  C   . ASN A 1 47  ? -14.496 -6.640  5.058   1.00 15.73 ? 456 ASN A C   1 
ATOM   357  O  O   . ASN A 1 47  ? -14.108 -6.520  3.896   1.00 16.90 ? 456 ASN A O   1 
ATOM   358  C  CB  . ASN A 1 47  ? -15.839 -8.747  5.020   1.00 14.88 ? 456 ASN A CB  1 
ATOM   359  C  CG  . ASN A 1 47  ? -15.924 -10.197 5.439   1.00 13.98 ? 456 ASN A CG  1 
ATOM   360  O  OD1 . ASN A 1 47  ? -14.905 -10.846 5.673   1.00 14.14 ? 456 ASN A OD1 1 
ATOM   361  N  ND2 . ASN A 1 47  ? -17.142 -10.711 5.545   1.00 16.01 ? 456 ASN A ND2 1 
ATOM   362  N  N   . ASN A 1 48  ? -14.772 -5.599  5.840   1.00 19.48 ? 457 ASN A N   1 
ATOM   363  C  CA  . ASN A 1 48  ? -14.535 -4.228  5.398   1.00 20.75 ? 457 ASN A CA  1 
ATOM   364  C  C   . ASN A 1 48  ? -13.590 -3.481  6.334   1.00 19.14 ? 457 ASN A C   1 
ATOM   365  O  O   . ASN A 1 48  ? -13.989 -2.504  6.968   1.00 15.94 ? 457 ASN A O   1 
ATOM   366  C  CB  . ASN A 1 48  ? -15.855 -3.464  5.286   1.00 20.84 ? 457 ASN A CB  1 
ATOM   367  C  CG  . ASN A 1 48  ? -16.889 -4.210  4.476   1.00 16.66 ? 457 ASN A CG  1 
ATOM   368  O  OD1 . ASN A 1 48  ? -16.761 -4.344  3.260   1.00 18.48 ? 457 ASN A OD1 1 
ATOM   369  N  ND2 . ASN A 1 48  ? -17.929 -4.694  5.144   1.00 21.69 ? 457 ASN A ND2 1 
ATOM   370  N  N   . PRO A 1 49  ? -12.327 -3.931  6.417   1.00 15.06 ? 458 PRO A N   1 
ATOM   371  C  CA  . PRO A 1 49  ? -11.391 -3.344  7.380   1.00 16.60 ? 458 PRO A CA  1 
ATOM   372  C  C   . PRO A 1 49  ? -10.897 -1.960  6.980   1.00 16.60 ? 458 PRO A C   1 
ATOM   373  O  O   . PRO A 1 49  ? -10.815 -1.641  5.793   1.00 18.13 ? 458 PRO A O   1 
ATOM   374  C  CB  . PRO A 1 49  ? -10.234 -4.345  7.386   1.00 14.34 ? 458 PRO A CB  1 
ATOM   375  C  CG  . PRO A 1 49  ? -10.242 -4.911  6.011   1.00 13.04 ? 458 PRO A CG  1 
ATOM   376  C  CD  . PRO A 1 49  ? -11.689 -4.988  5.610   1.00 15.59 ? 458 PRO A CD  1 
ATOM   377  N  N   . ARG A 1 50  ? -10.576 -1.149  7.983   1.00 20.38 ? 459 ARG A N   1 
ATOM   378  C  CA  . ARG A 1 50  ? -9.942  0.145   7.771   1.00 19.76 ? 459 ARG A CA  1 
ATOM   379  C  C   . ARG A 1 50  ? -8.721  0.273   8.673   1.00 16.46 ? 459 ARG A C   1 
ATOM   380  O  O   . ARG A 1 50  ? -8.756  -0.129  9.837   1.00 20.83 ? 459 ARG A O   1 
ATOM   381  C  CB  . ARG A 1 50  ? -10.918 1.289   8.048   1.00 20.30 ? 459 ARG A CB  1 
ATOM   382  C  CG  . ARG A 1 50  ? -12.122 1.334   7.132   1.00 24.09 ? 459 ARG A CG  1 
ATOM   383  C  CD  . ARG A 1 50  ? -13.024 2.496   7.506   1.00 34.19 ? 459 ARG A CD  1 
ATOM   384  N  NE  . ARG A 1 50  ? -14.263 2.511   6.737   1.00 47.49 ? 459 ARG A NE  1 
ATOM   385  C  CZ  . ARG A 1 50  ? -14.440 3.215   5.624   1.00 39.63 ? 459 ARG A CZ  1 
ATOM   386  N  NH1 . ARG A 1 50  ? -13.451 3.960   5.147   1.00 41.18 ? 459 ARG A NH1 1 
ATOM   387  N  NH2 . ARG A 1 50  ? -15.604 3.173   4.989   1.00 37.73 ? 459 ARG A NH2 1 
ATOM   388  N  N   . TRP A 1 51  ? -7.641  0.827   8.135   1.00 21.45 ? 460 TRP A N   1 
ATOM   389  C  CA  . TRP A 1 51  ? -6.430  1.038   8.916   1.00 23.14 ? 460 TRP A CA  1 
ATOM   390  C  C   . TRP A 1 51  ? -6.116  2.523   9.024   1.00 30.73 ? 460 TRP A C   1 
ATOM   391  O  O   . TRP A 1 51  ? -6.232  3.267   8.050   1.00 33.49 ? 460 TRP A O   1 
ATOM   392  C  CB  . TRP A 1 51  ? -5.248  0.291   8.298   1.00 15.45 ? 460 TRP A CB  1 
ATOM   393  C  CG  . TRP A 1 51  ? -5.415  -1.195  8.279   1.00 17.83 ? 460 TRP A CG  1 
ATOM   394  C  CD1 . TRP A 1 51  ? -5.079  -2.072  9.271   1.00 17.10 ? 460 TRP A CD1 1 
ATOM   395  C  CD2 . TRP A 1 51  ? -5.956  -1.984  7.211   1.00 11.49 ? 460 TRP A CD2 1 
ATOM   396  N  NE1 . TRP A 1 51  ? -5.378  -3.358  8.887   1.00 14.16 ? 460 TRP A NE1 1 
ATOM   397  C  CE2 . TRP A 1 51  ? -5.918  -3.332  7.627   1.00 11.53 ? 460 TRP A CE2 1 
ATOM   398  C  CE3 . TRP A 1 51  ? -6.469  -1.683  5.947   1.00 10.52 ? 460 TRP A CE3 1 
ATOM   399  C  CZ2 . TRP A 1 51  ? -6.374  -4.375  6.822   1.00 11.89 ? 460 TRP A CZ2 1 
ATOM   400  C  CZ3 . TRP A 1 51  ? -6.923  -2.721  5.148   1.00 13.58 ? 460 TRP A CZ3 1 
ATOM   401  C  CH2 . TRP A 1 51  ? -6.869  -4.050  5.588   1.00 17.13 ? 460 TRP A CH2 1 
ATOM   402  N  N   . THR A 1 52  ? -5.714  2.946   10.217  1.00 32.17 ? 461 THR A N   1 
ATOM   403  C  CA  . THR A 1 52  ? -5.430  4.352   10.476  1.00 45.68 ? 461 THR A CA  1 
ATOM   404  C  C   . THR A 1 52  ? -3.969  4.701   10.214  1.00 38.28 ? 461 THR A C   1 
ATOM   405  O  O   . THR A 1 52  ? -3.555  5.846   10.390  1.00 37.05 ? 461 THR A O   1 
ATOM   406  C  CB  . THR A 1 52  ? -5.776  4.722   11.924  1.00 54.78 ? 461 THR A CB  1 
ATOM   407  O  OG1 . THR A 1 52  ? -5.027  3.888   12.818  1.00 44.64 ? 461 THR A OG1 1 
ATOM   408  C  CG2 . THR A 1 52  ? -7.261  4.523   12.182  1.00 56.28 ? 461 THR A CG2 1 
ATOM   409  N  N   . ASP A 1 53  ? -3.196  3.710   9.786   1.00 41.35 ? 462 ASP A N   1 
ATOM   410  C  CA  . ASP A 1 53  ? -1.759  3.879   9.603   1.00 24.56 ? 462 ASP A CA  1 
ATOM   411  C  C   . ASP A 1 53  ? -1.406  4.890   8.523   1.00 24.38 ? 462 ASP A C   1 
ATOM   412  O  O   . ASP A 1 53  ? -2.026  4.928   7.460   1.00 35.62 ? 462 ASP A O   1 
ATOM   413  C  CB  . ASP A 1 53  ? -1.105  2.536   9.269   1.00 27.25 ? 462 ASP A CB  1 
ATOM   414  C  CG  . ASP A 1 53  ? -1.298  1.509   10.363  1.00 44.18 ? 462 ASP A CG  1 
ATOM   415  O  OD1 . ASP A 1 53  ? -1.801  1.878   11.445  1.00 77.00 ? 462 ASP A OD1 1 
ATOM   416  O  OD2 . ASP A 1 53  ? -0.933  0.336   10.147  1.00 48.52 ? 462 ASP A OD2 1 
ATOM   417  N  N   . LYS A 1 54  ? -0.402  5.710   8.813   1.00 35.40 ? 463 LYS A N   1 
ATOM   418  C  CA  . LYS A 1 54  ? 0.193   6.591   7.820   1.00 25.34 ? 463 LYS A CA  1 
ATOM   419  C  C   . LYS A 1 54  ? 1.676   6.263   7.713   1.00 21.99 ? 463 LYS A C   1 
ATOM   420  O  O   . LYS A 1 54  ? 2.448   6.528   8.633   1.00 33.42 ? 463 LYS A O   1 
ATOM   421  C  CB  . LYS A 1 54  ? -0.011  8.063   8.186   1.00 28.56 ? 463 LYS A CB  1 
ATOM   422  C  CG  . LYS A 1 54  ? -1.465  8.465   8.362   1.00 38.18 ? 463 LYS A CG  1 
ATOM   423  C  CD  . LYS A 1 54  ? -1.629  9.979   8.354   1.00 48.06 ? 463 LYS A CD  1 
ATOM   424  C  CE  . LYS A 1 54  ? -1.221  10.565  7.009   1.00 45.53 ? 463 LYS A CE  1 
ATOM   425  N  NZ  . LYS A 1 54  ? -1.538  12.017  6.906   1.00 59.53 ? 463 LYS A NZ  1 
ATOM   426  N  N   . MET A 1 55  ? 2.065   5.678   6.588   1.00 22.11 ? 464 MET A N   1 
ATOM   427  C  CA  . MET A 1 55  ? 3.428   5.193   6.406   1.00 17.38 ? 464 MET A CA  1 
ATOM   428  C  C   . MET A 1 55  ? 4.345   6.229   5.771   1.00 17.01 ? 464 MET A C   1 
ATOM   429  O  O   . MET A 1 55  ? 4.171   6.603   4.609   1.00 17.91 ? 464 MET A O   1 
ATOM   430  C  CB  . MET A 1 55  ? 3.413   3.928   5.556   1.00 14.44 ? 464 MET A CB  1 
ATOM   431  C  CG  . MET A 1 55  ? 2.595   2.818   6.165   1.00 15.56 ? 464 MET A CG  1 
ATOM   432  S  SD  . MET A 1 55  ? 2.121   1.594   4.944   1.00 25.95 ? 464 MET A SD  1 
ATOM   433  C  CE  . MET A 1 55  ? 1.307   0.394   5.990   1.00 25.94 ? 464 MET A CE  1 
ATOM   434  N  N   . ASP A 1 56  ? 5.328   6.677   6.542   1.00 11.24 ? 465 ASP A N   1 
ATOM   435  C  CA  . ASP A 1 56  ? 6.306   7.646   6.066   1.00 11.56 ? 465 ASP A CA  1 
ATOM   436  C  C   . ASP A 1 56  ? 7.549   6.938   5.531   1.00 12.22 ? 465 ASP A C   1 
ATOM   437  O  O   . ASP A 1 56  ? 8.381   6.457   6.300   1.00 14.46 ? 465 ASP A O   1 
ATOM   438  C  CB  . ASP A 1 56  ? 6.678   8.617   7.190   1.00 15.87 ? 465 ASP A CB  1 
ATOM   439  C  CG  . ASP A 1 56  ? 7.682   9.667   6.756   1.00 24.12 ? 465 ASP A CG  1 
ATOM   440  O  OD1 . ASP A 1 56  ? 7.786   9.935   5.541   1.00 20.02 ? 465 ASP A OD1 1 
ATOM   441  O  OD2 . ASP A 1 56  ? 8.359   10.235  7.640   1.00 25.78 ? 465 ASP A OD2 1 
ATOM   442  N  N   . PHE A 1 57  ? 7.665   6.870   4.210   1.00 9.93  ? 466 PHE A N   1 
ATOM   443  C  CA  . PHE A 1 57  ? 8.825   6.260   3.569   1.00 13.09 ? 466 PHE A CA  1 
ATOM   444  C  C   . PHE A 1 57  ? 10.001  7.231   3.508   1.00 13.92 ? 466 PHE A C   1 
ATOM   445  O  O   . PHE A 1 57  ? 11.107  6.849   3.120   1.00 14.30 ? 466 PHE A O   1 
ATOM   446  C  CB  . PHE A 1 57  ? 8.475   5.787   2.156   1.00 12.94 ? 466 PHE A CB  1 
ATOM   447  C  CG  . PHE A 1 57  ? 7.629   4.545   2.116   1.00 18.50 ? 466 PHE A CG  1 
ATOM   448  C  CD1 . PHE A 1 57  ? 6.273   4.602   2.404   1.00 11.08 ? 466 PHE A CD1 1 
ATOM   449  C  CD2 . PHE A 1 57  ? 8.185   3.321   1.769   1.00 18.98 ? 466 PHE A CD2 1 
ATOM   450  C  CE1 . PHE A 1 57  ? 5.492   3.462   2.359   1.00 13.84 ? 466 PHE A CE1 1 
ATOM   451  C  CE2 . PHE A 1 57  ? 7.408   2.175   1.721   1.00 13.15 ? 466 PHE A CE2 1 
ATOM   452  C  CZ  . PHE A 1 57  ? 6.058   2.247   2.017   1.00 9.96  ? 466 PHE A CZ  1 
ATOM   453  N  N   . GLU A 1 58  ? 9.748   8.482   3.893   1.00 17.38 ? 467 GLU A N   1 
ATOM   454  C  CA  . GLU A 1 58  ? 10.733  9.559   3.809   1.00 14.51 ? 467 GLU A CA  1 
ATOM   455  C  C   . GLU A 1 58  ? 11.182  9.758   2.362   1.00 20.12 ? 467 GLU A C   1 
ATOM   456  O  O   . GLU A 1 58  ? 10.394  9.576   1.433   1.00 16.48 ? 467 GLU A O   1 
ATOM   457  C  CB  . GLU A 1 58  ? 11.935  9.281   4.720   1.00 20.62 ? 467 GLU A CB  1 
ATOM   458  C  CG  . GLU A 1 58  ? 11.563  9.048   6.184   1.00 16.64 ? 467 GLU A CG  1 
ATOM   459  C  CD  . GLU A 1 58  ? 12.777  8.915   7.094   1.00 24.46 ? 467 GLU A CD  1 
ATOM   460  O  OE1 . GLU A 1 58  ? 13.922  8.957   6.590   1.00 22.72 ? 467 GLU A OE1 1 
ATOM   461  O  OE2 . GLU A 1 58  ? 12.586  8.774   8.318   1.00 16.50 ? 467 GLU A OE2 1 
ATOM   462  N  N   . ASN A 1 59  ? 12.442  10.133  2.170   1.00 19.81 ? 468 ASN A N   1 
ATOM   463  C  CA  . ASN A 1 59  ? 12.950  10.416  0.831   1.00 17.80 ? 468 ASN A CA  1 
ATOM   464  C  C   . ASN A 1 59  ? 13.358  9.147   0.092   1.00 17.89 ? 468 ASN A C   1 
ATOM   465  O  O   . ASN A 1 59  ? 14.184  8.375   0.574   1.00 20.92 ? 468 ASN A O   1 
ATOM   466  C  CB  . ASN A 1 59  ? 14.131  11.384  0.904   1.00 12.97 ? 468 ASN A CB  1 
ATOM   467  C  CG  . ASN A 1 59  ? 13.758  12.712  1.539   1.00 21.23 ? 468 ASN A CG  1 
ATOM   468  O  OD1 . ASN A 1 59  ? 12.619  13.166  1.431   1.00 27.45 ? 468 ASN A OD1 1 
ATOM   469  N  ND2 . ASN A 1 59  ? 14.716  13.337  2.213   1.00 26.23 ? 468 ASN A ND2 1 
ATOM   470  N  N   . VAL A 1 60  ? 12.768  8.937   -1.081  1.00 16.16 ? 469 VAL A N   1 
ATOM   471  C  CA  . VAL A 1 60  ? 13.042  7.748   -1.876  1.00 16.90 ? 469 VAL A CA  1 
ATOM   472  C  C   . VAL A 1 60  ? 13.302  8.096   -3.338  1.00 19.74 ? 469 VAL A C   1 
ATOM   473  O  O   . VAL A 1 60  ? 12.952  9.180   -3.802  1.00 19.28 ? 469 VAL A O   1 
ATOM   474  C  CB  . VAL A 1 60  ? 11.874  6.740   -1.812  1.00 19.75 ? 469 VAL A CB  1 
ATOM   475  C  CG1 . VAL A 1 60  ? 11.642  6.274   -0.379  1.00 16.66 ? 469 VAL A CG1 1 
ATOM   476  C  CG2 . VAL A 1 60  ? 10.608  7.352   -2.398  1.00 13.22 ? 469 VAL A CG2 1 
ATOM   477  N  N   . LEU A 1 61  ? 13.923  7.168   -4.057  1.00 28.40 ? 470 LEU A N   1 
ATOM   478  C  CA  . LEU A 1 61  ? 14.127  7.321   -5.492  1.00 21.58 ? 470 LEU A CA  1 
ATOM   479  C  C   . LEU A 1 61  ? 12.854  6.931   -6.226  1.00 25.03 ? 470 LEU A C   1 
ATOM   480  O  O   . LEU A 1 61  ? 12.580  5.751   -6.434  1.00 22.73 ? 470 LEU A O   1 
ATOM   481  C  CB  . LEU A 1 61  ? 15.308  6.472   -5.965  1.00 28.95 ? 470 LEU A CB  1 
ATOM   482  C  CG  . LEU A 1 61  ? 16.686  6.916   -5.478  1.00 24.76 ? 470 LEU A CG  1 
ATOM   483  C  CD1 . LEU A 1 61  ? 17.724  5.840   -5.748  1.00 34.39 ? 470 LEU A CD1 1 
ATOM   484  C  CD2 . LEU A 1 61  ? 17.084  8.222   -6.144  1.00 20.42 ? 470 LEU A CD2 1 
ATOM   485  N  N   . LEU A 1 62  ? 12.078  7.932   -6.616  1.00 26.68 ? 471 LEU A N   1 
ATOM   486  C  CA  . LEU A 1 62  ? 10.764  7.698   -7.195  1.00 20.87 ? 471 LEU A CA  1 
ATOM   487  C  C   . LEU A 1 62  ? 10.846  7.065   -8.582  1.00 31.66 ? 471 LEU A C   1 
ATOM   488  O  O   . LEU A 1 62  ? 9.951   6.321   -8.986  1.00 38.87 ? 471 LEU A O   1 
ATOM   489  C  CB  . LEU A 1 62  ? 9.982   9.010   -7.261  1.00 28.35 ? 471 LEU A CB  1 
ATOM   490  C  CG  . LEU A 1 62  ? 8.461   8.887   -7.305  1.00 24.59 ? 471 LEU A CG  1 
ATOM   491  C  CD1 . LEU A 1 62  ? 7.949   8.206   -6.045  1.00 19.45 ? 471 LEU A CD1 1 
ATOM   492  C  CD2 . LEU A 1 62  ? 7.825   10.256  -7.473  1.00 26.24 ? 471 LEU A CD2 1 
ATOM   493  N  N   . SER A 1 63  ? 11.925  7.353   -9.302  1.00 29.14 ? 472 SER A N   1 
ATOM   494  C  CA  . SER A 1 63  ? 12.055  6.911   -10.689 1.00 42.97 ? 472 SER A CA  1 
ATOM   495  C  C   . SER A 1 63  ? 12.564  5.476   -10.835 1.00 43.51 ? 472 SER A C   1 
ATOM   496  O  O   . SER A 1 63  ? 12.176  4.771   -11.765 1.00 48.34 ? 472 SER A O   1 
ATOM   497  C  CB  . SER A 1 63  ? 12.985  7.857   -11.452 1.00 32.71 ? 472 SER A CB  1 
ATOM   498  O  OG  . SER A 1 63  ? 14.277  7.868   -10.872 1.00 52.02 ? 472 SER A OG  1 
ATOM   499  N  N   . THR A 1 64  ? 13.430  5.046   -9.922  1.00 39.11 ? 473 THR A N   1 
ATOM   500  C  CA  . THR A 1 64  ? 14.080  3.744   -10.052 1.00 34.65 ? 473 THR A CA  1 
ATOM   501  C  C   . THR A 1 64  ? 13.822  2.822   -8.865  1.00 36.24 ? 473 THR A C   1 
ATOM   502  O  O   . THR A 1 64  ? 14.215  1.655   -8.884  1.00 32.66 ? 473 THR A O   1 
ATOM   503  C  CB  . THR A 1 64  ? 15.605  3.895   -10.212 1.00 48.18 ? 473 THR A CB  1 
ATOM   504  O  OG1 . THR A 1 64  ? 16.163  4.414   -8.998  1.00 47.27 ? 473 THR A OG1 1 
ATOM   505  C  CG2 . THR A 1 64  ? 15.937  4.832   -11.368 1.00 46.24 ? 473 THR A CG2 1 
ATOM   506  N  N   . GLY A 1 65  ? 13.155  3.340   -7.840  1.00 34.73 ? 474 GLY A N   1 
ATOM   507  C  CA  . GLY A 1 65  ? 12.945  2.594   -6.611  1.00 32.08 ? 474 GLY A CA  1 
ATOM   508  C  C   . GLY A 1 65  ? 11.933  1.467   -6.703  1.00 32.66 ? 474 GLY A C   1 
ATOM   509  O  O   . GLY A 1 65  ? 11.336  1.079   -5.697  1.00 24.59 ? 474 GLY A O   1 
ATOM   510  N  N   . GLY A 1 66  ? 11.745  0.932   -7.906  1.00 55.18 ? 475 GLY A N   1 
ATOM   511  C  CA  . GLY A 1 66  ? 10.797  -0.144  -8.124  1.00 38.40 ? 475 GLY A CA  1 
ATOM   512  C  C   . GLY A 1 66  ? 9.369   0.344   -8.016  1.00 35.18 ? 475 GLY A C   1 
ATOM   513  O  O   . GLY A 1 66  ? 9.130   1.542   -7.854  1.00 38.88 ? 475 GLY A O   1 
ATOM   514  N  N   . PRO A 1 67  ? 8.404   -0.581  -8.116  1.00 30.91 ? 476 PRO A N   1 
ATOM   515  C  CA  . PRO A 1 67  ? 6.986   -0.233  -7.991  1.00 22.51 ? 476 PRO A CA  1 
ATOM   516  C  C   . PRO A 1 67  ? 6.527   -0.136  -6.540  1.00 19.82 ? 476 PRO A C   1 
ATOM   517  O  O   . PRO A 1 67  ? 7.087   -0.796  -5.668  1.00 23.91 ? 476 PRO A O   1 
ATOM   518  C  CB  . PRO A 1 67  ? 6.287   -1.393  -8.699  1.00 21.56 ? 476 PRO A CB  1 
ATOM   519  C  CG  . PRO A 1 67  ? 7.193   -2.558  -8.453  1.00 16.05 ? 476 PRO A CG  1 
ATOM   520  C  CD  . PRO A 1 67  ? 8.597   -1.999  -8.467  1.00 16.11 ? 476 PRO A CD  1 
ATOM   521  N  N   . LEU A 1 68  ? 5.520   0.691   -6.285  1.00 23.37 ? 477 LEU A N   1 
ATOM   522  C  CA  . LEU A 1 68  ? 4.845   0.672   -4.997  1.00 15.97 ? 477 LEU A CA  1 
ATOM   523  C  C   . LEU A 1 68  ? 3.925   -0.536  -4.970  1.00 19.94 ? 477 LEU A C   1 
ATOM   524  O  O   . LEU A 1 68  ? 2.981   -0.619  -5.756  1.00 16.72 ? 477 LEU A O   1 
ATOM   525  C  CB  . LEU A 1 68  ? 4.059   1.961   -4.763  1.00 18.45 ? 477 LEU A CB  1 
ATOM   526  C  CG  . LEU A 1 68  ? 3.206   2.029   -3.496  1.00 15.99 ? 477 LEU A CG  1 
ATOM   527  C  CD1 . LEU A 1 68  ? 4.056   1.782   -2.260  1.00 15.27 ? 477 LEU A CD1 1 
ATOM   528  C  CD2 . LEU A 1 68  ? 2.514   3.379   -3.406  1.00 17.21 ? 477 LEU A CD2 1 
ATOM   529  N  N   . ARG A 1 69  ? 4.211   -1.484  -4.085  1.00 14.36 ? 478 ARG A N   1 
ATOM   530  C  CA  . ARG A 1 69  ? 3.444   -2.721  -4.047  1.00 13.41 ? 478 ARG A CA  1 
ATOM   531  C  C   . ARG A 1 69  ? 2.678   -2.885  -2.743  1.00 15.54 ? 478 ARG A C   1 
ATOM   532  O  O   . ARG A 1 69  ? 3.253   -2.827  -1.656  1.00 16.49 ? 478 ARG A O   1 
ATOM   533  C  CB  . ARG A 1 69  ? 4.360   -3.924  -4.264  1.00 19.94 ? 478 ARG A CB  1 
ATOM   534  C  CG  . ARG A 1 69  ? 3.651   -5.263  -4.137  1.00 22.30 ? 478 ARG A CG  1 
ATOM   535  C  CD  . ARG A 1 69  ? 4.542   -6.395  -4.603  1.00 29.79 ? 478 ARG A CD  1 
ATOM   536  N  NE  . ARG A 1 69  ? 4.787   -6.330  -6.040  1.00 39.39 ? 478 ARG A NE  1 
ATOM   537  C  CZ  . ARG A 1 69  ? 5.754   -6.993  -6.662  1.00 37.12 ? 478 ARG A CZ  1 
ATOM   538  N  NH1 . ARG A 1 69  ? 6.582   -7.768  -5.972  1.00 35.59 ? 478 ARG A NH1 1 
ATOM   539  N  NH2 . ARG A 1 69  ? 5.901   -6.873  -7.974  1.00 30.41 ? 478 ARG A NH2 1 
ATOM   540  N  N   . VAL A 1 70  ? 1.373   -3.092  -2.863  1.00 14.32 ? 479 VAL A N   1 
ATOM   541  C  CA  . VAL A 1 70  ? 0.534   -3.335  -1.703  1.00 16.06 ? 479 VAL A CA  1 
ATOM   542  C  C   . VAL A 1 70  ? -0.020  -4.752  -1.739  1.00 19.70 ? 479 VAL A C   1 
ATOM   543  O  O   . VAL A 1 70  ? -0.704  -5.139  -2.687  1.00 20.38 ? 479 VAL A O   1 
ATOM   544  C  CB  . VAL A 1 70  ? -0.628  -2.331  -1.621  1.00 10.74 ? 479 VAL A CB  1 
ATOM   545  C  CG1 . VAL A 1 70  ? -1.552  -2.683  -0.470  1.00 8.49  ? 479 VAL A CG1 1 
ATOM   546  C  CG2 . VAL A 1 70  ? -0.090  -0.915  -1.468  1.00 13.92 ? 479 VAL A CG2 1 
ATOM   547  N  N   . GLN A 1 71  ? 0.295   -5.528  -0.708  1.00 21.55 ? 480 GLN A N   1 
ATOM   548  C  CA  . GLN A 1 71  ? -0.221  -6.883  -0.581  1.00 16.41 ? 480 GLN A CA  1 
ATOM   549  C  C   . GLN A 1 71  ? -1.315  -6.939  0.472   1.00 14.85 ? 480 GLN A C   1 
ATOM   550  O  O   . GLN A 1 71  ? -1.157  -6.406  1.570   1.00 16.62 ? 480 GLN A O   1 
ATOM   551  C  CB  . GLN A 1 71  ? 0.896   -7.863  -0.221  1.00 17.60 ? 480 GLN A CB  1 
ATOM   552  C  CG  . GLN A 1 71  ? 1.757   -8.306  -1.390  1.00 15.66 ? 480 GLN A CG  1 
ATOM   553  C  CD  . GLN A 1 71  ? 2.797   -9.334  -0.979  1.00 23.61 ? 480 GLN A CD  1 
ATOM   554  O  OE1 . GLN A 1 71  ? 3.101   -9.487  0.206   1.00 18.39 ? 480 GLN A OE1 1 
ATOM   555  N  NE2 . GLN A 1 71  ? 3.343   -10.049 -1.956  1.00 20.44 ? 480 GLN A NE2 1 
ATOM   556  N  N   . VAL A 1 72  ? -2.426  -7.584  0.129   1.00 14.37 ? 481 VAL A N   1 
ATOM   557  C  CA  . VAL A 1 72  ? -3.515  -7.784  1.076   1.00 18.28 ? 481 VAL A CA  1 
ATOM   558  C  C   . VAL A 1 72  ? -3.506  -9.223  1.578   1.00 19.85 ? 481 VAL A C   1 
ATOM   559  O  O   . VAL A 1 72  ? -3.686  -10.160 0.803   1.00 19.36 ? 481 VAL A O   1 
ATOM   560  C  CB  . VAL A 1 72  ? -4.883  -7.470  0.447   1.00 17.61 ? 481 VAL A CB  1 
ATOM   561  C  CG1 . VAL A 1 72  ? -5.980  -7.571  1.496   1.00 11.92 ? 481 VAL A CG1 1 
ATOM   562  C  CG2 . VAL A 1 72  ? -4.867  -6.090  -0.184  1.00 24.58 ? 481 VAL A CG2 1 
ATOM   563  N  N   . TRP A 1 73  ? -3.289  -9.391  2.879   1.00 14.18 ? 482 TRP A N   1 
ATOM   564  C  CA  . TRP A 1 73  ? -3.184  -10.718 3.474   1.00 12.10 ? 482 TRP A CA  1 
ATOM   565  C  C   . TRP A 1 73  ? -4.299  -10.985 4.471   1.00 13.64 ? 482 TRP A C   1 
ATOM   566  O  O   . TRP A 1 73  ? -4.767  -10.075 5.148   1.00 16.18 ? 482 TRP A O   1 
ATOM   567  C  CB  . TRP A 1 73  ? -1.836  -10.888 4.180   1.00 15.64 ? 482 TRP A CB  1 
ATOM   568  C  CG  . TRP A 1 73  ? -0.660  -10.982 3.263   1.00 14.37 ? 482 TRP A CG  1 
ATOM   569  C  CD1 . TRP A 1 73  ? -0.015  -9.950  2.647   1.00 17.51 ? 482 TRP A CD1 1 
ATOM   570  C  CD2 . TRP A 1 73  ? 0.027   -12.176 2.871   1.00 19.72 ? 482 TRP A CD2 1 
ATOM   571  N  NE1 . TRP A 1 73  ? 1.026   -10.428 1.888   1.00 23.90 ? 482 TRP A NE1 1 
ATOM   572  C  CE2 . TRP A 1 73  ? 1.073   -11.793 2.008   1.00 19.72 ? 482 TRP A CE2 1 
ATOM   573  C  CE3 . TRP A 1 73  ? -0.144  -13.533 3.163   1.00 18.08 ? 482 TRP A CE3 1 
ATOM   574  C  CZ2 . TRP A 1 73  ? 1.944   -12.715 1.434   1.00 13.36 ? 482 TRP A CZ2 1 
ATOM   575  C  CZ3 . TRP A 1 73  ? 0.721   -14.447 2.593   1.00 21.14 ? 482 TRP A CZ3 1 
ATOM   576  C  CH2 . TRP A 1 73  ? 1.752   -14.034 1.738   1.00 21.77 ? 482 TRP A CH2 1 
ATOM   577  N  N   . ASP A 1 74  ? -4.718  -12.242 4.556   1.00 15.94 ? 483 ASP A N   1 
ATOM   578  C  CA  . ASP A 1 74  ? -5.569  -12.683 5.650   1.00 10.88 ? 483 ASP A CA  1 
ATOM   579  C  C   . ASP A 1 74  ? -4.712  -13.446 6.649   1.00 19.41 ? 483 ASP A C   1 
ATOM   580  O  O   . ASP A 1 74  ? -3.846  -14.229 6.264   1.00 12.39 ? 483 ASP A O   1 
ATOM   581  C  CB  . ASP A 1 74  ? -6.720  -13.559 5.153   1.00 12.41 ? 483 ASP A CB  1 
ATOM   582  C  CG  . ASP A 1 74  ? -7.354  -14.376 6.270   1.00 15.69 ? 483 ASP A CG  1 
ATOM   583  O  OD1 . ASP A 1 74  ? -8.103  -13.795 7.084   1.00 12.88 ? 483 ASP A OD1 1 
ATOM   584  O  OD2 . ASP A 1 74  ? -7.102  -15.599 6.336   1.00 14.13 ? 483 ASP A OD2 1 
ATOM   585  N  N   . ALA A 1 75  ? -4.946  -13.211 7.933   1.00 19.52 ? 484 ALA A N   1 
ATOM   586  C  CA  . ALA A 1 75  ? -4.153  -13.858 8.963   1.00 11.71 ? 484 ALA A CA  1 
ATOM   587  C  C   . ALA A 1 75  ? -4.836  -15.122 9.459   1.00 14.49 ? 484 ALA A C   1 
ATOM   588  O  O   . ALA A 1 75  ? -5.924  -15.068 10.032  1.00 22.57 ? 484 ALA A O   1 
ATOM   589  C  CB  . ALA A 1 75  ? -3.898  -12.900 10.119  1.00 12.64 ? 484 ALA A CB  1 
ATOM   590  N  N   . ASP A 1 76  ? -4.202  -16.263 9.215   1.00 15.19 ? 485 ASP A N   1 
ATOM   591  C  CA  . ASP A 1 76  ? -4.623  -17.509 9.837   1.00 19.65 ? 485 ASP A CA  1 
ATOM   592  C  C   . ASP A 1 76  ? -3.693  -17.802 11.005  1.00 30.85 ? 485 ASP A C   1 
ATOM   593  O  O   . ASP A 1 76  ? -2.545  -18.206 10.809  1.00 29.79 ? 485 ASP A O   1 
ATOM   594  C  CB  . ASP A 1 76  ? -4.626  -18.658 8.830   1.00 10.33 ? 485 ASP A CB  1 
ATOM   595  C  CG  . ASP A 1 76  ? -5.798  -18.587 7.868   1.00 21.72 ? 485 ASP A CG  1 
ATOM   596  O  OD1 . ASP A 1 76  ? -6.814  -17.950 8.215   1.00 14.33 ? 485 ASP A OD1 1 
ATOM   597  O  OD2 . ASP A 1 76  ? -5.711  -19.175 6.770   1.00 24.26 ? 485 ASP A OD2 1 
ATOM   598  N  N   . ALA A 1 77  ? -4.195  -17.585 12.220  1.00 42.65 ? 486 ALA A N   1 
ATOM   599  C  CA  . ALA A 1 77  ? -3.396  -17.706 13.439  1.00 53.81 ? 486 ALA A CA  1 
ATOM   600  C  C   . ALA A 1 77  ? -2.771  -19.092 13.578  1.00 53.92 ? 486 ALA A C   1 
ATOM   601  O  O   . ALA A 1 77  ? -1.800  -19.275 14.312  1.00 61.66 ? 486 ALA A O   1 
ATOM   602  C  CB  . ALA A 1 77  ? -4.244  -17.382 14.659  1.00 52.02 ? 486 ALA A CB  1 
ATOM   603  N  N   . GLY A 1 78  ? -3.336  -20.063 12.870  1.00 36.88 ? 487 GLY A N   1 
ATOM   604  C  CA  . GLY A 1 78  ? -2.690  -21.348 12.694  1.00 57.30 ? 487 GLY A CA  1 
ATOM   605  C  C   . GLY A 1 78  ? -1.623  -21.253 11.617  1.00 46.54 ? 487 GLY A C   1 
ATOM   606  O  O   . GLY A 1 78  ? -1.791  -21.777 10.515  1.00 50.85 ? 487 GLY A O   1 
ATOM   607  N  N   . ALA A 1 79  ? -0.536  -20.555 11.943  1.00 62.08 ? 488 ALA A N   1 
ATOM   608  C  CA  . ALA A 1 79  ? 0.644   -20.426 11.081  1.00 71.55 ? 488 ALA A CA  1 
ATOM   609  C  C   . ALA A 1 79  ? 0.380   -19.724 9.744   1.00 61.81 ? 488 ALA A C   1 
ATOM   610  O  O   . ALA A 1 79  ? 0.286   -18.499 9.691   1.00 44.73 ? 488 ALA A O   1 
ATOM   611  C  CB  . ALA A 1 79  ? 1.264   -21.800 10.833  1.00 65.80 ? 488 ALA A CB  1 
ATOM   612  N  N   . ASP A 1 80  ? 0.269   -20.512 8.674   1.00 50.29 ? 489 ASP A N   1 
ATOM   613  C  CA  . ASP A 1 80  ? 0.326   -20.000 7.304   1.00 45.15 ? 489 ASP A CA  1 
ATOM   614  C  C   . ASP A 1 80  ? -0.853  -19.118 6.864   1.00 34.71 ? 489 ASP A C   1 
ATOM   615  O  O   . ASP A 1 80  ? -2.006  -19.540 6.854   1.00 25.18 ? 489 ASP A O   1 
ATOM   616  C  CB  . ASP A 1 80  ? 0.484   -21.176 6.334   1.00 49.60 ? 489 ASP A CB  1 
ATOM   617  C  CG  . ASP A 1 80  ? 1.676   -22.063 6.670   1.00 62.54 ? 489 ASP A CG  1 
ATOM   618  O  OD1 . ASP A 1 80  ? 2.287   -21.870 7.741   1.00 66.60 ? 489 ASP A OD1 1 
ATOM   619  O  OD2 . ASP A 1 80  ? 2.016   -22.934 5.836   1.00 64.74 ? 489 ASP A OD2 1 
ATOM   620  N  N   . ASP A 1 81  ? -0.530  -17.889 6.475   1.00 31.99 ? 490 ASP A N   1 
ATOM   621  C  CA  . ASP A 1 81  ? -1.527  -16.904 6.070   1.00 21.35 ? 490 ASP A CA  1 
ATOM   622  C  C   . ASP A 1 81  ? -1.879  -16.990 4.580   1.00 22.44 ? 490 ASP A C   1 
ATOM   623  O  O   . ASP A 1 81  ? -1.250  -17.732 3.828   1.00 23.94 ? 490 ASP A O   1 
ATOM   624  C  CB  . ASP A 1 81  ? -1.032  -15.496 6.406   1.00 12.32 ? 490 ASP A CB  1 
ATOM   625  C  CG  . ASP A 1 81  ? -0.829  -15.290 7.897   1.00 18.24 ? 490 ASP A CG  1 
ATOM   626  O  OD1 . ASP A 1 81  ? -1.313  -16.127 8.689   1.00 21.51 ? 490 ASP A OD1 1 
ATOM   627  O  OD2 . ASP A 1 81  ? -0.197  -14.283 8.282   1.00 15.57 ? 490 ASP A OD2 1 
ATOM   628  N  N   . ASP A 1 82  ? -2.884  -16.226 4.160   1.00 19.21 ? 491 ASP A N   1 
ATOM   629  C  CA  . ASP A 1 82  ? -3.355  -16.270 2.778   1.00 18.47 ? 491 ASP A CA  1 
ATOM   630  C  C   . ASP A 1 82  ? -3.158  -14.943 2.050   1.00 21.11 ? 491 ASP A C   1 
ATOM   631  O  O   . ASP A 1 82  ? -3.537  -13.885 2.559   1.00 12.24 ? 491 ASP A O   1 
ATOM   632  C  CB  . ASP A 1 82  ? -4.834  -16.654 2.734   1.00 15.21 ? 491 ASP A CB  1 
ATOM   633  C  CG  . ASP A 1 82  ? -5.143  -17.897 3.541   1.00 24.48 ? 491 ASP A CG  1 
ATOM   634  O  OD1 . ASP A 1 82  ? -4.266  -18.778 3.653   1.00 32.26 ? 491 ASP A OD1 1 
ATOM   635  O  OD2 . ASP A 1 82  ? -6.270  -17.989 4.070   1.00 26.53 ? 491 ASP A OD2 1 
ATOM   636  N  N   . LEU A 1 83  ? -2.575  -15.004 0.857   1.00 16.46 ? 492 LEU A N   1 
ATOM   637  C  CA  . LEU A 1 83  ? -2.424  -13.818 0.020   1.00 14.15 ? 492 LEU A CA  1 
ATOM   638  C  C   . LEU A 1 83  ? -3.686  -13.595 -0.798  1.00 14.38 ? 492 LEU A C   1 
ATOM   639  O  O   . LEU A 1 83  ? -3.947  -14.312 -1.763  1.00 21.69 ? 492 LEU A O   1 
ATOM   640  C  CB  . LEU A 1 83  ? -1.210  -13.945 -0.903  1.00 19.58 ? 492 LEU A CB  1 
ATOM   641  C  CG  . LEU A 1 83  ? -0.992  -12.782 -1.876  1.00 17.47 ? 492 LEU A CG  1 
ATOM   642  C  CD1 . LEU A 1 83  ? -0.831  -11.469 -1.123  1.00 13.25 ? 492 LEU A CD1 1 
ATOM   643  C  CD2 . LEU A 1 83  ? 0.212   -13.038 -2.770  1.00 8.40  ? 492 LEU A CD2 1 
ATOM   644  N  N   . LEU A 1 84  ? -4.467  -12.594 -0.408  1.00 12.09 ? 493 LEU A N   1 
ATOM   645  C  CA  . LEU A 1 84  ? -5.750  -12.335 -1.046  1.00 15.06 ? 493 LEU A CA  1 
ATOM   646  C  C   . LEU A 1 84  ? -5.592  -11.631 -2.391  1.00 18.48 ? 493 LEU A C   1 
ATOM   647  O  O   . LEU A 1 84  ? -6.469  -11.709 -3.249  1.00 25.36 ? 493 LEU A O   1 
ATOM   648  C  CB  . LEU A 1 84  ? -6.638  -11.505 -0.119  1.00 11.39 ? 493 LEU A CB  1 
ATOM   649  C  CG  . LEU A 1 84  ? -6.874  -12.106 1.269   1.00 14.62 ? 493 LEU A CG  1 
ATOM   650  C  CD1 . LEU A 1 84  ? -7.844  -11.252 2.073   1.00 15.40 ? 493 LEU A CD1 1 
ATOM   651  C  CD2 . LEU A 1 84  ? -7.376  -13.540 1.158   1.00 9.50  ? 493 LEU A CD2 1 
ATOM   652  N  N   . GLY A 1 85  ? -4.471  -10.947 -2.575  1.00 15.79 ? 494 GLY A N   1 
ATOM   653  C  CA  . GLY A 1 85  ? -4.235  -10.205 -3.797  1.00 19.72 ? 494 GLY A CA  1 
ATOM   654  C  C   . GLY A 1 85  ? -3.139  -9.176  -3.624  1.00 19.45 ? 494 GLY A C   1 
ATOM   655  O  O   . GLY A 1 85  ? -2.788  -8.815  -2.501  1.00 16.38 ? 494 GLY A O   1 
ATOM   656  N  N   . SER A 1 86  ? -2.597  -8.703  -4.742  1.00 22.64 ? 495 SER A N   1 
ATOM   657  C  CA  . SER A 1 86  ? -1.491  -7.759  -4.711  1.00 21.27 ? 495 SER A CA  1 
ATOM   658  C  C   . SER A 1 86  ? -1.682  -6.655  -5.746  1.00 22.44 ? 495 SER A C   1 
ATOM   659  O  O   . SER A 1 86  ? -2.218  -6.890  -6.828  1.00 27.28 ? 495 SER A O   1 
ATOM   660  C  CB  . SER A 1 86  ? -0.166  -8.485  -4.948  1.00 20.87 ? 495 SER A CB  1 
ATOM   661  O  OG  . SER A 1 86  ? 0.935   -7.635  -4.684  1.00 40.33 ? 495 SER A OG  1 
ATOM   662  N  N   . CYS A 1 87  ? -1.240  -5.452  -5.403  1.00 31.54 ? 496 CYS A N   1 
ATOM   663  C  CA  . CYS A 1 87  ? -1.386  -4.299  -6.280  1.00 33.90 ? 496 CYS A CA  1 
ATOM   664  C  C   . CYS A 1 87  ? -0.049  -3.631  -6.571  1.00 29.67 ? 496 CYS A C   1 
ATOM   665  O  O   . CYS A 1 87  ? 0.736   -3.378  -5.660  1.00 29.51 ? 496 CYS A O   1 
ATOM   666  C  CB  . CYS A 1 87  ? -2.344  -3.281  -5.662  1.00 31.55 ? 496 CYS A CB  1 
ATOM   667  S  SG  . CYS A 1 87  ? -2.252  -1.647  -6.419  1.00 68.53 ? 496 CYS A SG  1 
ATOM   668  N  N   . ASP A 1 88  ? 0.201   -3.344  -7.844  1.00 35.33 ? 497 ASP A N   1 
ATOM   669  C  CA  . ASP A 1 88  ? 1.415   -2.641  -8.248  1.00 29.09 ? 497 ASP A CA  1 
ATOM   670  C  C   . ASP A 1 88  ? 1.087   -1.314  -8.924  1.00 20.84 ? 497 ASP A C   1 
ATOM   671  O  O   . ASP A 1 88  ? 0.245   -1.253  -9.819  1.00 27.37 ? 497 ASP A O   1 
ATOM   672  C  CB  . ASP A 1 88  ? 2.256   -3.504  -9.192  1.00 32.59 ? 497 ASP A CB  1 
ATOM   673  C  CG  . ASP A 1 88  ? 3.015   -4.598  -8.468  1.00 39.57 ? 497 ASP A CG  1 
ATOM   674  O  OD1 . ASP A 1 88  ? 2.497   -5.121  -7.458  1.00 46.89 ? 497 ASP A OD1 1 
ATOM   675  O  OD2 . ASP A 1 88  ? 4.132   -4.937  -8.914  1.00 39.78 ? 497 ASP A OD2 1 
ATOM   676  N  N   . ARG A 1 89  ? 1.755   -0.255  -8.485  1.00 18.32 ? 498 ARG A N   1 
ATOM   677  C  CA  . ARG A 1 89  ? 1.634   1.052   -9.121  1.00 22.01 ? 498 ARG A CA  1 
ATOM   678  C  C   . ARG A 1 89  ? 3.010   1.686   -9.267  1.00 23.92 ? 498 ARG A C   1 
ATOM   679  O  O   . ARG A 1 89  ? 3.870   1.517   -8.403  1.00 20.97 ? 498 ARG A O   1 
ATOM   680  C  CB  . ARG A 1 89  ? 0.719   1.979   -8.314  1.00 23.31 ? 498 ARG A CB  1 
ATOM   681  C  CG  . ARG A 1 89  ? -0.736  1.544   -8.240  1.00 23.04 ? 498 ARG A CG  1 
ATOM   682  C  CD  . ARG A 1 89  ? -1.415  1.643   -9.591  1.00 20.25 ? 498 ARG A CD  1 
ATOM   683  N  NE  . ARG A 1 89  ? -2.839  1.337   -9.506  1.00 29.50 ? 498 ARG A NE  1 
ATOM   684  C  CZ  . ARG A 1 89  ? -3.346  0.110   -9.592  1.00 34.62 ? 498 ARG A CZ  1 
ATOM   685  N  NH1 . ARG A 1 89  ? -2.541  -0.931  -9.765  1.00 20.88 ? 498 ARG A NH1 1 
ATOM   686  N  NH2 . ARG A 1 89  ? -4.656  -0.078  -9.506  1.00 17.31 ? 498 ARG A NH2 1 
ATOM   687  N  N   . SER A 1 90  ? 3.219   2.405   -10.367 1.00 22.74 ? 499 SER A N   1 
ATOM   688  C  CA  . SER A 1 90  ? 4.418   3.220   -10.523 1.00 27.31 ? 499 SER A CA  1 
ATOM   689  C  C   . SER A 1 90  ? 4.109   4.642   -10.077 1.00 29.06 ? 499 SER A C   1 
ATOM   690  O  O   . SER A 1 90  ? 3.456   5.390   -10.806 1.00 31.44 ? 499 SER A O   1 
ATOM   691  C  CB  . SER A 1 90  ? 4.914   3.205   -11.968 1.00 27.42 ? 499 SER A CB  1 
ATOM   692  O  OG  . SER A 1 90  ? 5.347   1.910   -12.348 1.00 34.95 ? 499 SER A OG  1 
ATOM   693  N  N   . PRO A 1 91  ? 4.572   5.014   -8.874  1.00 26.30 ? 500 PRO A N   1 
ATOM   694  C  CA  . PRO A 1 91  ? 4.229   6.295   -8.245  1.00 27.64 ? 500 PRO A CA  1 
ATOM   695  C  C   . PRO A 1 91  ? 4.639   7.501   -9.084  1.00 31.03 ? 500 PRO A C   1 
ATOM   696  O  O   . PRO A 1 91  ? 5.709   7.500   -9.692  1.00 30.31 ? 500 PRO A O   1 
ATOM   697  C  CB  . PRO A 1 91  ? 5.016   6.268   -6.927  1.00 23.26 ? 500 PRO A CB  1 
ATOM   698  C  CG  . PRO A 1 91  ? 5.346   4.835   -6.695  1.00 19.58 ? 500 PRO A CG  1 
ATOM   699  C  CD  . PRO A 1 91  ? 5.519   4.240   -8.055  1.00 26.61 ? 500 PRO A CD  1 
ATOM   700  N  N   . HIS A 1 92  ? 3.780   8.513   -9.117  1.00 31.92 ? 501 HIS A N   1 
ATOM   701  C  CA  . HIS A 1 92  ? 4.102   9.777   -9.763  1.00 27.62 ? 501 HIS A CA  1 
ATOM   702  C  C   . HIS A 1 92  ? 3.988   10.903  -8.746  1.00 21.86 ? 501 HIS A C   1 
ATOM   703  O  O   . HIS A 1 92  ? 3.322   10.754  -7.726  1.00 26.96 ? 501 HIS A O   1 
ATOM   704  C  CB  . HIS A 1 92  ? 3.182   10.028  -10.959 1.00 32.24 ? 501 HIS A CB  1 
ATOM   705  C  CG  . HIS A 1 92  ? 3.362   9.045   -12.072 1.00 53.13 ? 501 HIS A CG  1 
ATOM   706  N  ND1 . HIS A 1 92  ? 2.643   7.872   -12.155 1.00 58.89 ? 501 HIS A ND1 1 
ATOM   707  C  CD2 . HIS A 1 92  ? 4.191   9.055   -13.143 1.00 46.83 ? 501 HIS A CD2 1 
ATOM   708  C  CE1 . HIS A 1 92  ? 3.016   7.204   -13.233 1.00 55.32 ? 501 HIS A CE1 1 
ATOM   709  N  NE2 . HIS A 1 92  ? 3.954   7.900   -13.849 1.00 59.78 ? 501 HIS A NE2 1 
ATOM   710  N  N   . SER A 1 93  ? 4.646   12.023  -9.019  1.00 27.34 ? 502 SER A N   1 
ATOM   711  C  CA  . SER A 1 93  ? 4.617   13.156  -8.103  1.00 28.06 ? 502 SER A CA  1 
ATOM   712  C  C   . SER A 1 93  ? 3.187   13.645  -7.891  1.00 22.54 ? 502 SER A C   1 
ATOM   713  O  O   . SER A 1 93  ? 2.371   13.619  -8.812  1.00 25.33 ? 502 SER A O   1 
ATOM   714  C  CB  . SER A 1 93  ? 5.493   14.296  -8.623  1.00 19.65 ? 502 SER A CB  1 
ATOM   715  O  OG  . SER A 1 93  ? 4.990   14.800  -9.847  1.00 26.22 ? 502 SER A OG  1 
ATOM   716  N  N   . GLY A 1 94  ? 2.887   14.075  -6.671  1.00 19.70 ? 503 GLY A N   1 
ATOM   717  C  CA  . GLY A 1 94  ? 1.570   14.591  -6.351  1.00 17.76 ? 503 GLY A CA  1 
ATOM   718  C  C   . GLY A 1 94  ? 0.760   13.662  -5.466  1.00 22.69 ? 503 GLY A C   1 
ATOM   719  O  O   . GLY A 1 94  ? 1.259   12.644  -4.988  1.00 14.88 ? 503 GLY A O   1 
ATOM   720  N  N   . PHE A 1 95  ? -0.499  14.024  -5.241  1.00 21.78 ? 504 PHE A N   1 
ATOM   721  C  CA  . PHE A 1 95  ? -1.399  13.213  -4.434  1.00 22.90 ? 504 PHE A CA  1 
ATOM   722  C  C   . PHE A 1 95  ? -2.250  12.333  -5.338  1.00 17.92 ? 504 PHE A C   1 
ATOM   723  O  O   . PHE A 1 95  ? -2.854  12.813  -6.296  1.00 20.40 ? 504 PHE A O   1 
ATOM   724  C  CB  . PHE A 1 95  ? -2.286  14.103  -3.558  1.00 20.40 ? 504 PHE A CB  1 
ATOM   725  C  CG  . PHE A 1 95  ? -3.177  13.338  -2.621  1.00 18.59 ? 504 PHE A CG  1 
ATOM   726  C  CD1 . PHE A 1 95  ? -2.723  12.959  -1.369  1.00 22.99 ? 504 PHE A CD1 1 
ATOM   727  C  CD2 . PHE A 1 95  ? -4.472  13.003  -2.990  1.00 19.79 ? 504 PHE A CD2 1 
ATOM   728  C  CE1 . PHE A 1 95  ? -3.542  12.255  -0.502  1.00 19.09 ? 504 PHE A CE1 1 
ATOM   729  C  CE2 . PHE A 1 95  ? -5.293  12.300  -2.129  1.00 21.36 ? 504 PHE A CE2 1 
ATOM   730  C  CZ  . PHE A 1 95  ? -4.827  11.926  -0.882  1.00 12.46 ? 504 PHE A CZ  1 
ATOM   731  N  N   . HIS A 1 96  ? -2.299  11.041  -5.033  1.00 17.70 ? 505 HIS A N   1 
ATOM   732  C  CA  . HIS A 1 96  ? -3.038  10.105  -5.870  1.00 19.05 ? 505 HIS A CA  1 
ATOM   733  C  C   . HIS A 1 96  ? -3.893  9.142   -5.058  1.00 21.02 ? 505 HIS A C   1 
ATOM   734  O  O   . HIS A 1 96  ? -3.466  8.620   -4.029  1.00 22.47 ? 505 HIS A O   1 
ATOM   735  C  CB  . HIS A 1 96  ? -2.074  9.316   -6.754  1.00 13.32 ? 505 HIS A CB  1 
ATOM   736  C  CG  . HIS A 1 96  ? -1.234  10.177  -7.640  1.00 19.87 ? 505 HIS A CG  1 
ATOM   737  N  ND1 . HIS A 1 96  ? -1.597  10.496  -8.930  1.00 27.06 ? 505 HIS A ND1 1 
ATOM   738  C  CD2 . HIS A 1 96  ? -0.053  10.801  -7.417  1.00 22.44 ? 505 HIS A CD2 1 
ATOM   739  C  CE1 . HIS A 1 96  ? -0.673  11.272  -9.467  1.00 36.06 ? 505 HIS A CE1 1 
ATOM   740  N  NE2 . HIS A 1 96  ? 0.276   11.472  -8.568  1.00 28.16 ? 505 HIS A NE2 1 
ATOM   741  N  N   . GLU A 1 97  ? -5.110  8.920   -5.535  1.00 14.08 ? 506 GLU A N   1 
ATOM   742  C  CA  . GLU A 1 97  ? -5.991  7.927   -4.945  1.00 23.61 ? 506 GLU A CA  1 
ATOM   743  C  C   . GLU A 1 97  ? -5.943  6.654   -5.785  1.00 17.00 ? 506 GLU A C   1 
ATOM   744  O  O   . GLU A 1 97  ? -6.078  6.701   -7.008  1.00 25.13 ? 506 GLU A O   1 
ATOM   745  C  CB  . GLU A 1 97  ? -7.414  8.476   -4.832  1.00 17.59 ? 506 GLU A CB  1 
ATOM   746  C  CG  . GLU A 1 97  ? -7.504  9.687   -3.909  1.00 19.84 ? 506 GLU A CG  1 
ATOM   747  C  CD  . GLU A 1 97  ? -8.888  10.296  -3.855  1.00 34.30 ? 506 GLU A CD  1 
ATOM   748  O  OE1 . GLU A 1 97  ? -9.760  9.872   -4.642  1.00 60.31 ? 506 GLU A OE1 1 
ATOM   749  O  OE2 . GLU A 1 97  ? -9.102  11.203  -3.023  1.00 46.93 ? 506 GLU A OE2 1 
ATOM   750  N  N   . VAL A 1 98  ? -5.724  5.523   -5.125  1.00 20.85 ? 507 VAL A N   1 
ATOM   751  C  CA  . VAL A 1 98  ? -5.540  4.255   -5.820  1.00 18.99 ? 507 VAL A CA  1 
ATOM   752  C  C   . VAL A 1 98  ? -6.624  3.253   -5.446  1.00 22.75 ? 507 VAL A C   1 
ATOM   753  O  O   . VAL A 1 98  ? -7.001  3.133   -4.276  1.00 20.14 ? 507 VAL A O   1 
ATOM   754  C  CB  . VAL A 1 98  ? -4.155  3.643   -5.507  1.00 19.19 ? 507 VAL A CB  1 
ATOM   755  C  CG1 . VAL A 1 98  ? -3.952  2.348   -6.275  1.00 22.96 ? 507 VAL A CG1 1 
ATOM   756  C  CG2 . VAL A 1 98  ? -3.051  4.632   -5.835  1.00 11.93 ? 507 VAL A CG2 1 
ATOM   757  N  N   . THR A 1 99  ? -7.130  2.540   -6.448  1.00 21.06 ? 508 THR A N   1 
ATOM   758  C  CA  . THR A 1 99  ? -8.071  1.454   -6.218  1.00 22.66 ? 508 THR A CA  1 
ATOM   759  C  C   . THR A 1 99  ? -7.576  0.172   -6.880  1.00 20.62 ? 508 THR A C   1 
ATOM   760  O  O   . THR A 1 99  ? -7.488  0.090   -8.104  1.00 25.65 ? 508 THR A O   1 
ATOM   761  C  CB  . THR A 1 99  ? -9.474  1.795   -6.746  1.00 20.58 ? 508 THR A CB  1 
ATOM   762  O  OG1 . THR A 1 99  ? -9.969  2.959   -6.074  1.00 31.18 ? 508 THR A OG1 1 
ATOM   763  C  CG2 . THR A 1 99  ? -10.429 0.631   -6.509  1.00 19.47 ? 508 THR A CG2 1 
ATOM   764  N  N   . CYS A 1 100 ? -7.241  -0.822  -6.064  1.00 21.78 ? 509 CYS A N   1 
ATOM   765  C  CA  . CYS A 1 100 ? -6.788  -2.111  -6.574  1.00 32.67 ? 509 CYS A CA  1 
ATOM   766  C  C   . CYS A 1 100 ? -7.903  -3.142  -6.511  1.00 27.57 ? 509 CYS A C   1 
ATOM   767  O  O   . CYS A 1 100 ? -8.388  -3.475  -5.431  1.00 19.93 ? 509 CYS A O   1 
ATOM   768  C  CB  . CYS A 1 100 ? -5.580  -2.620  -5.786  1.00 34.50 ? 509 CYS A CB  1 
ATOM   769  S  SG  . CYS A 1 100 ? -4.168  -1.508  -5.769  1.00 61.60 ? 509 CYS A SG  1 
ATOM   770  N  N   . GLU A 1 101 ? -8.302  -3.647  -7.672  1.00 34.42 ? 510 GLU A N   1 
ATOM   771  C  CA  . GLU A 1 101 ? -9.309  -4.695  -7.735  1.00 28.64 ? 510 GLU A CA  1 
ATOM   772  C  C   . GLU A 1 101 ? -8.664  -6.058  -7.530  1.00 22.65 ? 510 GLU A C   1 
ATOM   773  O  O   . GLU A 1 101 ? -8.030  -6.595  -8.438  1.00 38.36 ? 510 GLU A O   1 
ATOM   774  C  CB  . GLU A 1 101 ? -10.049 -4.655  -9.074  1.00 30.66 ? 510 GLU A CB  1 
ATOM   775  C  CG  . GLU A 1 101 ? -11.378 -5.389  -9.071  1.00 34.09 ? 510 GLU A CG  1 
ATOM   776  C  CD  . GLU A 1 101 ? -12.396 -4.742  -8.150  1.00 59.15 ? 510 GLU A CD  1 
ATOM   777  O  OE1 . GLU A 1 101 ? -12.399 -3.495  -8.052  1.00 48.13 ? 510 GLU A OE1 1 
ATOM   778  O  OE2 . GLU A 1 101 ? -13.191 -5.477  -7.526  1.00 63.55 ? 510 GLU A OE2 1 
ATOM   779  N  N   . LEU A 1 102 ? -8.818  -6.610  -6.331  1.00 26.97 ? 511 LEU A N   1 
ATOM   780  C  CA  . LEU A 1 102 ? -8.304  -7.941  -6.033  1.00 21.34 ? 511 LEU A CA  1 
ATOM   781  C  C   . LEU A 1 102 ? -9.156  -8.987  -6.744  1.00 28.51 ? 511 LEU A C   1 
ATOM   782  O  O   . LEU A 1 102 ? -10.188 -8.653  -7.333  1.00 29.99 ? 511 LEU A O   1 
ATOM   783  C  CB  . LEU A 1 102 ? -8.295  -8.192  -4.525  1.00 21.24 ? 511 LEU A CB  1 
ATOM   784  C  CG  . LEU A 1 102 ? -7.664  -7.104  -3.652  1.00 28.81 ? 511 LEU A CG  1 
ATOM   785  C  CD1 . LEU A 1 102 ? -7.756  -7.476  -2.180  1.00 24.35 ? 511 LEU A CD1 1 
ATOM   786  C  CD2 . LEU A 1 102 ? -6.219  -6.852  -4.051  1.00 29.25 ? 511 LEU A CD2 1 
ATOM   787  N  N   . ASN A 1 103 ? -8.731  -10.247 -6.694  1.00 30.76 ? 512 ASN A N   1 
ATOM   788  C  CA  . ASN A 1 103 ? -9.489  -11.321 -7.332  1.00 44.94 ? 512 ASN A CA  1 
ATOM   789  C  C   . ASN A 1 103 ? -10.888 -11.411 -6.734  1.00 41.41 ? 512 ASN A C   1 
ATOM   790  O  O   . ASN A 1 103 ? -11.858 -11.717 -7.431  1.00 48.56 ? 512 ASN A O   1 
ATOM   791  C  CB  . ASN A 1 103 ? -8.761  -12.661 -7.200  1.00 47.83 ? 512 ASN A CB  1 
ATOM   792  C  CG  . ASN A 1 103 ? -8.650  -13.132 -5.763  1.00 69.18 ? 512 ASN A CG  1 
ATOM   793  O  OD1 . ASN A 1 103 ? -8.736  -12.336 -4.826  1.00 61.85 ? 512 ASN A OD1 1 
ATOM   794  N  ND2 . ASN A 1 103 ? -8.460  -14.434 -5.580  1.00 68.44 ? 512 ASN A ND2 1 
ATOM   795  N  N   . HIS A 1 104 ? -10.978 -11.125 -5.438  1.00 32.92 ? 513 HIS A N   1 
ATOM   796  C  CA  . HIS A 1 104 ? -12.254 -11.005 -4.750  1.00 41.85 ? 513 HIS A CA  1 
ATOM   797  C  C   . HIS A 1 104 ? -12.169 -9.879  -3.724  1.00 29.71 ? 513 HIS A C   1 
ATOM   798  O  O   . HIS A 1 104 ? -11.411 -9.960  -2.760  1.00 26.84 ? 513 HIS A O   1 
ATOM   799  C  CB  . HIS A 1 104 ? -12.641 -12.326 -4.086  1.00 29.09 ? 513 HIS A CB  1 
ATOM   800  C  CG  . HIS A 1 104 ? -12.806 -13.454 -5.055  1.00 41.92 ? 513 HIS A CG  1 
ATOM   801  N  ND1 . HIS A 1 104 ? -11.811 -14.376 -5.302  1.00 34.99 ? 513 HIS A ND1 1 
ATOM   802  C  CD2 . HIS A 1 104 ? -13.840 -13.793 -5.861  1.00 37.56 ? 513 HIS A CD2 1 
ATOM   803  C  CE1 . HIS A 1 104 ? -12.231 -15.241 -6.207  1.00 42.00 ? 513 HIS A CE1 1 
ATOM   804  N  NE2 . HIS A 1 104 ? -13.460 -14.909 -6.563  1.00 34.36 ? 513 HIS A NE2 1 
ATOM   805  N  N   . GLY A 1 105 ? -12.947 -8.826  -3.946  1.00 31.29 ? 514 GLY A N   1 
ATOM   806  C  CA  . GLY A 1 105 ? -12.887 -7.645  -3.105  1.00 29.55 ? 514 GLY A CA  1 
ATOM   807  C  C   . GLY A 1 105 ? -11.906 -6.635  -3.668  1.00 27.71 ? 514 GLY A C   1 
ATOM   808  O  O   . GLY A 1 105 ? -11.303 -6.864  -4.717  1.00 28.85 ? 514 GLY A O   1 
ATOM   809  N  N   . ARG A 1 106 ? -11.746 -5.511  -2.980  1.00 23.10 ? 515 ARG A N   1 
ATOM   810  C  CA  . ARG A 1 106 ? -10.801 -4.496  -3.430  1.00 29.78 ? 515 ARG A CA  1 
ATOM   811  C  C   . ARG A 1 106 ? -10.170 -3.758  -2.259  1.00 15.95 ? 515 ARG A C   1 
ATOM   812  O  O   . ARG A 1 106 ? -10.700 -3.763  -1.146  1.00 14.87 ? 515 ARG A O   1 
ATOM   813  C  CB  . ARG A 1 106 ? -11.484 -3.501  -4.375  1.00 21.24 ? 515 ARG A CB  1 
ATOM   814  C  CG  . ARG A 1 106 ? -12.648 -2.741  -3.766  1.00 22.33 ? 515 ARG A CG  1 
ATOM   815  C  CD  . ARG A 1 106 ? -13.179 -1.672  -4.715  1.00 34.20 ? 515 ARG A CD  1 
ATOM   816  N  NE  . ARG A 1 106 ? -13.633 -2.228  -5.988  1.00 32.98 ? 515 ARG A NE  1 
ATOM   817  N  N   . VAL A 1 107 ? -9.024  -3.136  -2.515  1.00 18.39 ? 516 VAL A N   1 
ATOM   818  C  CA  . VAL A 1 107 ? -8.357  -2.330  -1.502  1.00 23.59 ? 516 VAL A CA  1 
ATOM   819  C  C   . VAL A 1 107 ? -8.159  -0.911  -2.027  1.00 20.18 ? 516 VAL A C   1 
ATOM   820  O  O   . VAL A 1 107 ? -7.836  -0.704  -3.200  1.00 19.92 ? 516 VAL A O   1 
ATOM   821  C  CB  . VAL A 1 107 ? -6.996  -2.945  -1.073  1.00 13.30 ? 516 VAL A CB  1 
ATOM   822  C  CG1 . VAL A 1 107 ? -6.034  -3.026  -2.246  1.00 16.25 ? 516 VAL A CG1 1 
ATOM   823  C  CG2 . VAL A 1 107 ? -6.385  -2.159  0.075   1.00 15.45 ? 516 VAL A CG2 1 
ATOM   824  N  N   . LYS A 1 108 ? -8.384  0.066   -1.159  1.00 16.96 ? 517 LYS A N   1 
ATOM   825  C  CA  . LYS A 1 108 ? -8.203  1.460   -1.526  1.00 20.42 ? 517 LYS A CA  1 
ATOM   826  C  C   . LYS A 1 108 ? -7.217  2.132   -0.587  1.00 21.16 ? 517 LYS A C   1 
ATOM   827  O  O   . LYS A 1 108 ? -7.184  1.843   0.609   1.00 21.30 ? 517 LYS A O   1 
ATOM   828  C  CB  . LYS A 1 108 ? -9.540  2.204   -1.507  1.00 32.71 ? 517 LYS A CB  1 
ATOM   829  C  CG  . LYS A 1 108 ? -10.547 1.703   -2.529  1.00 32.02 ? 517 LYS A CG  1 
ATOM   830  C  CD  . LYS A 1 108 ? -11.836 2.503   -2.467  1.00 34.58 ? 517 LYS A CD  1 
ATOM   831  C  CE  . LYS A 1 108 ? -12.796 2.088   -3.570  1.00 47.63 ? 517 LYS A CE  1 
ATOM   832  N  NZ  . LYS A 1 108 ? -14.032 2.917   -3.569  1.00 50.08 ? 517 LYS A NZ  1 
ATOM   833  N  N   . PHE A 1 109 ? -6.405  3.026   -1.141  1.00 21.31 ? 518 PHE A N   1 
ATOM   834  C  CA  . PHE A 1 109 ? -5.488  3.824   -0.343  1.00 14.29 ? 518 PHE A CA  1 
ATOM   835  C  C   . PHE A 1 109 ? -5.090  5.070   -1.108  1.00 16.21 ? 518 PHE A C   1 
ATOM   836  O  O   . PHE A 1 109 ? -5.462  5.249   -2.269  1.00 13.51 ? 518 PHE A O   1 
ATOM   837  C  CB  . PHE A 1 109 ? -4.244  3.017   0.045   1.00 12.77 ? 518 PHE A CB  1 
ATOM   838  C  CG  . PHE A 1 109 ? -3.435  2.542   -1.130  1.00 14.32 ? 518 PHE A CG  1 
ATOM   839  C  CD1 . PHE A 1 109 ? -3.716  1.326   -1.737  1.00 19.44 ? 518 PHE A CD1 1 
ATOM   840  C  CD2 . PHE A 1 109 ? -2.389  3.303   -1.624  1.00 10.72 ? 518 PHE A CD2 1 
ATOM   841  C  CE1 . PHE A 1 109 ? -2.975  0.884   -2.815  1.00 13.00 ? 518 PHE A CE1 1 
ATOM   842  C  CE2 . PHE A 1 109 ? -1.644  2.867   -2.703  1.00 14.08 ? 518 PHE A CE2 1 
ATOM   843  C  CZ  . PHE A 1 109 ? -1.938  1.655   -3.299  1.00 15.19 ? 518 PHE A CZ  1 
ATOM   844  N  N   . SER A 1 110 ? -4.331  5.932   -0.447  1.00 13.30 ? 519 SER A N   1 
ATOM   845  C  CA  . SER A 1 110 ? -3.794  7.116   -1.092  1.00 15.24 ? 519 SER A CA  1 
ATOM   846  C  C   . SER A 1 110 ? -2.297  7.194   -0.850  1.00 19.51 ? 519 SER A C   1 
ATOM   847  O  O   . SER A 1 110 ? -1.795  6.688   0.157   1.00 18.31 ? 519 SER A O   1 
ATOM   848  C  CB  . SER A 1 110 ? -4.483  8.378   -0.568  1.00 22.02 ? 519 SER A CB  1 
ATOM   849  O  OG  . SER A 1 110 ? -5.878  8.340   -0.808  1.00 43.80 ? 519 SER A OG  1 
ATOM   850  N  N   . TYR A 1 111 ? -1.579  7.816   -1.775  1.00 11.88 ? 520 TYR A N   1 
ATOM   851  C  CA  . TYR A 1 111 ? -0.185  8.132   -1.518  1.00 16.25 ? 520 TYR A CA  1 
ATOM   852  C  C   . TYR A 1 111 ? 0.130   9.556   -1.949  1.00 19.44 ? 520 TYR A C   1 
ATOM   853  O  O   . TYR A 1 111 ? -0.522  10.117  -2.832  1.00 19.51 ? 520 TYR A O   1 
ATOM   854  C  CB  . TYR A 1 111 ? 0.752   7.132   -2.211  1.00 17.11 ? 520 TYR A CB  1 
ATOM   855  C  CG  . TYR A 1 111 ? 0.828   7.232   -3.719  1.00 16.80 ? 520 TYR A CG  1 
ATOM   856  C  CD1 . TYR A 1 111 ? 1.687   8.138   -4.336  1.00 18.02 ? 520 TYR A CD1 1 
ATOM   857  C  CD2 . TYR A 1 111 ? 0.073   6.392   -4.529  1.00 17.75 ? 520 TYR A CD2 1 
ATOM   858  C  CE1 . TYR A 1 111 ? 1.767   8.226   -5.713  1.00 19.99 ? 520 TYR A CE1 1 
ATOM   859  C  CE2 . TYR A 1 111 ? 0.150   6.468   -5.907  1.00 14.13 ? 520 TYR A CE2 1 
ATOM   860  C  CZ  . TYR A 1 111 ? 0.998   7.387   -6.494  1.00 26.08 ? 520 TYR A CZ  1 
ATOM   861  O  OH  . TYR A 1 111 ? 1.081   7.469   -7.866  1.00 25.60 ? 520 TYR A OH  1 
ATOM   862  N  N   . HIS A 1 112 ? 1.130   10.142  -1.305  1.00 20.48 ? 521 HIS A N   1 
ATOM   863  C  CA  . HIS A 1 112 ? 1.590   11.467  -1.675  1.00 16.50 ? 521 HIS A CA  1 
ATOM   864  C  C   . HIS A 1 112 ? 3.087   11.427  -1.940  1.00 14.25 ? 521 HIS A C   1 
ATOM   865  O  O   . HIS A 1 112 ? 3.877   11.136  -1.044  1.00 14.82 ? 521 HIS A O   1 
ATOM   866  C  CB  . HIS A 1 112 ? 1.262   12.483  -0.579  1.00 16.29 ? 521 HIS A CB  1 
ATOM   867  C  CG  . HIS A 1 112 ? 1.579   13.897  -0.956  1.00 24.69 ? 521 HIS A CG  1 
ATOM   868  N  ND1 . HIS A 1 112 ? 1.710   14.906  -0.024  1.00 25.63 ? 521 HIS A ND1 1 
ATOM   869  C  CD2 . HIS A 1 112 ? 1.792   14.472  -2.162  1.00 22.96 ? 521 HIS A CD2 1 
ATOM   870  C  CE1 . HIS A 1 112 ? 1.991   16.038  -0.641  1.00 24.99 ? 521 HIS A CE1 1 
ATOM   871  N  NE2 . HIS A 1 112 ? 2.047   15.802  -1.940  1.00 26.67 ? 521 HIS A NE2 1 
ATOM   872  N  N   . ALA A 1 113 ? 3.471   11.700  -3.180  1.00 17.99 ? 522 ALA A N   1 
ATOM   873  C  CA  . ALA A 1 113 ? 4.879   11.781  -3.538  1.00 14.65 ? 522 ALA A CA  1 
ATOM   874  C  C   . ALA A 1 113 ? 5.256   13.229  -3.820  1.00 15.37 ? 522 ALA A C   1 
ATOM   875  O  O   . ALA A 1 113 ? 5.074   13.723  -4.934  1.00 18.54 ? 522 ALA A O   1 
ATOM   876  C  CB  . ALA A 1 113 ? 5.180   10.902  -4.739  1.00 12.78 ? 522 ALA A CB  1 
ATOM   877  N  N   . LYS A 1 114 ? 5.769   13.908  -2.799  1.00 10.49 ? 523 LYS A N   1 
ATOM   878  C  CA  . LYS A 1 114 ? 6.155   15.307  -2.932  1.00 18.12 ? 523 LYS A CA  1 
ATOM   879  C  C   . LYS A 1 114 ? 7.616   15.440  -3.344  1.00 19.24 ? 523 LYS A C   1 
ATOM   880  O  O   . LYS A 1 114 ? 8.514   15.033  -2.608  1.00 21.70 ? 523 LYS A O   1 
ATOM   881  C  CB  . LYS A 1 114 ? 5.911   16.058  -1.621  1.00 15.66 ? 523 LYS A CB  1 
ATOM   882  C  CG  . LYS A 1 114 ? 6.282   17.531  -1.673  1.00 16.42 ? 523 LYS A CG  1 
ATOM   883  C  CD  . LYS A 1 114 ? 6.040   18.212  -0.334  1.00 35.69 ? 523 LYS A CD  1 
ATOM   884  C  CE  . LYS A 1 114 ? 6.842   17.553  0.781   1.00 51.74 ? 523 LYS A CE  1 
ATOM   885  N  NZ  . LYS A 1 114 ? 8.309   17.566  0.507   1.00 47.14 ? 523 LYS A NZ  1 
ATOM   886  N  N   . CYS A 1 115 ? 7.845   16.001  -4.528  1.00 19.80 ? 524 CYS A N   1 
ATOM   887  C  CA  . CYS A 1 115 ? 9.199   16.270  -5.001  1.00 24.76 ? 524 CYS A CA  1 
ATOM   888  C  C   . CYS A 1 115 ? 9.971   17.145  -4.024  1.00 24.87 ? 524 CYS A C   1 
ATOM   889  O  O   . CYS A 1 115 ? 9.424   18.096  -3.460  1.00 28.81 ? 524 CYS A O   1 
ATOM   890  C  CB  . CYS A 1 115 ? 9.175   16.945  -6.375  1.00 21.74 ? 524 CYS A CB  1 
ATOM   891  S  SG  . CYS A 1 115 ? 8.755   15.858  -7.749  1.00 40.58 ? 524 CYS A SG  1 
ATOM   892  N  N   . LEU A 1 116 ? 11.241  16.812  -3.819  1.00 24.22 ? 525 LEU A N   1 
ATOM   893  C  CA  . LEU A 1 116 ? 12.134  17.657  -3.040  1.00 26.73 ? 525 LEU A CA  1 
ATOM   894  C  C   . LEU A 1 116 ? 12.255  19.024  -3.708  1.00 37.53 ? 525 LEU A C   1 
ATOM   895  O  O   . LEU A 1 116 ? 12.113  19.132  -4.926  1.00 35.25 ? 525 LEU A O   1 
ATOM   896  C  CB  . LEU A 1 116 ? 13.509  17.004  -2.897  1.00 26.51 ? 525 LEU A CB  1 
ATOM   897  C  CG  . LEU A 1 116 ? 13.794  16.233  -1.606  1.00 34.90 ? 525 LEU A CG  1 
ATOM   898  C  CD1 . LEU A 1 116 ? 12.784  15.115  -1.380  1.00 26.84 ? 525 LEU A CD1 1 
ATOM   899  C  CD2 . LEU A 1 116 ? 15.207  15.680  -1.635  1.00 28.73 ? 525 LEU A CD2 1 
ATOM   900  N  N   . PRO A 1 117 ? 12.496  20.076  -2.911  1.00 44.99 ? 526 PRO A N   1 
ATOM   901  C  CA  . PRO A 1 117 ? 12.691  21.429  -3.445  1.00 46.58 ? 526 PRO A CA  1 
ATOM   902  C  C   . PRO A 1 117 ? 13.736  21.474  -4.560  1.00 43.35 ? 526 PRO A C   1 
ATOM   903  O  O   . PRO A 1 117 ? 14.698  20.704  -4.523  1.00 43.73 ? 526 PRO A O   1 
ATOM   904  C  CB  . PRO A 1 117 ? 13.157  22.217  -2.222  1.00 56.97 ? 526 PRO A CB  1 
ATOM   905  C  CG  . PRO A 1 117 ? 12.503  21.522  -1.076  1.00 46.34 ? 526 PRO A CG  1 
ATOM   906  C  CD  . PRO A 1 117 ? 12.496  20.061  -1.436  1.00 35.94 ? 526 PRO A CD  1 
ATOM   907  N  N   . HIS A 1 118 ? 13.526  22.359  -5.534  1.00 37.55 ? 527 HIS A N   1 
ATOM   908  C  CA  . HIS A 1 118 ? 14.378  22.481  -6.720  1.00 51.30 ? 527 HIS A CA  1 
ATOM   909  C  C   . HIS A 1 118 ? 14.314  21.231  -7.600  1.00 51.46 ? 527 HIS A C   1 
ATOM   910  O  O   . HIS A 1 118 ? 15.200  20.997  -8.424  1.00 60.75 ? 527 HIS A O   1 
ATOM   911  C  CB  . HIS A 1 118 ? 15.831  22.777  -6.329  1.00 41.26 ? 527 HIS A CB  1 
ATOM   912  N  N   . LEU A 1 119 ? 13.264  20.436  -7.420  1.00 41.59 ? 528 LEU A N   1 
ATOM   913  C  CA  . LEU A 1 119 ? 12.995  19.293  -8.289  1.00 32.06 ? 528 LEU A CA  1 
ATOM   914  C  C   . LEU A 1 119 ? 11.540  19.312  -8.736  1.00 30.97 ? 528 LEU A C   1 
ATOM   915  O  O   . LEU A 1 119 ? 10.660  19.746  -7.993  1.00 37.68 ? 528 LEU A O   1 
ATOM   916  C  CB  . LEU A 1 119 ? 13.308  17.973  -7.583  1.00 29.13 ? 528 LEU A CB  1 
ATOM   917  C  CG  . LEU A 1 119 ? 14.768  17.649  -7.271  1.00 40.95 ? 528 LEU A CG  1 
ATOM   918  C  CD1 . LEU A 1 119 ? 14.861  16.323  -6.532  1.00 38.81 ? 528 LEU A CD1 1 
ATOM   919  C  CD2 . LEU A 1 119 ? 15.594  17.610  -8.547  1.00 39.68 ? 528 LEU A CD2 1 
ATOM   920  N  N   . THR A 1 120 ? 11.288  18.842  -9.951  1.00 24.57 ? 529 THR A N   1 
ATOM   921  C  CA  . THR A 1 120 ? 9.932   18.819  -10.483 1.00 29.40 ? 529 THR A CA  1 
ATOM   922  C  C   . THR A 1 120 ? 9.778   17.741  -11.550 1.00 33.11 ? 529 THR A C   1 
ATOM   923  O  O   . THR A 1 120 ? 10.759  17.136  -11.983 1.00 28.36 ? 529 THR A O   1 
ATOM   924  C  CB  . THR A 1 120 ? 9.536   20.186  -11.077 1.00 27.79 ? 529 THR A CB  1 
ATOM   925  O  OG1 . THR A 1 120 ? 8.183   20.133  -11.542 1.00 53.21 ? 529 THR A OG1 1 
ATOM   926  C  CG2 . THR A 1 120 ? 10.449  20.550  -12.235 1.00 29.38 ? 529 THR A CG2 1 
ATOM   927  N  N   . GLY A 1 121 ? 8.539   17.501  -11.968 1.00 23.51 ? 530 GLY A N   1 
ATOM   928  C  CA  . GLY A 1 121 ? 8.263   16.490  -12.970 1.00 26.19 ? 530 GLY A CA  1 
ATOM   929  C  C   . GLY A 1 121 ? 7.498   15.309  -12.407 1.00 27.81 ? 530 GLY A C   1 
ATOM   930  O  O   . GLY A 1 121 ? 7.247   15.237  -11.204 1.00 31.46 ? 530 GLY A O   1 
ATOM   931  N  N   . GLY A 1 122 ? 7.134   14.379  -13.285 1.00 26.30 ? 531 GLY A N   1 
ATOM   932  C  CA  . GLY A 1 122 ? 6.358   13.213  -12.903 1.00 26.25 ? 531 GLY A CA  1 
ATOM   933  C  C   . GLY A 1 122 ? 7.065   12.304  -11.917 1.00 33.09 ? 531 GLY A C   1 
ATOM   934  O  O   . GLY A 1 122 ? 6.431   11.738  -11.025 1.00 31.46 ? 531 GLY A O   1 
ATOM   935  N  N   . THR A 1 123 ? 8.377   12.154  -12.080 1.00 27.99 ? 532 THR A N   1 
ATOM   936  C  CA  . THR A 1 123 ? 9.179   11.368  -11.149 1.00 32.78 ? 532 THR A CA  1 
ATOM   937  C  C   . THR A 1 123 ? 10.341  12.194  -10.614 1.00 33.54 ? 532 THR A C   1 
ATOM   938  O  O   . THR A 1 123 ? 11.393  11.652  -10.266 1.00 29.07 ? 532 THR A O   1 
ATOM   939  C  CB  . THR A 1 123 ? 9.729   10.086  -11.798 1.00 34.14 ? 532 THR A CB  1 
ATOM   940  O  OG1 . THR A 1 123 ? 10.561  10.432  -12.912 1.00 39.11 ? 532 THR A OG1 1 
ATOM   941  C  CG2 . THR A 1 123 ? 8.589   9.189   -12.269 1.00 15.05 ? 532 THR A CG2 1 
ATOM   942  N  N   . CYS A 1 124 ? 10.142  13.510  -10.575 1.00 23.52 ? 533 CYS A N   1 
ATOM   943  C  CA  . CYS A 1 124 ? 11.093  14.441  -9.973  1.00 29.16 ? 533 CYS A CA  1 
ATOM   944  C  C   . CYS A 1 124 ? 12.481  14.396  -10.613 1.00 32.24 ? 533 CYS A C   1 
ATOM   945  O  O   . CYS A 1 124 ? 13.495  14.487  -9.921  1.00 30.62 ? 533 CYS A O   1 
ATOM   946  C  CB  . CYS A 1 124 ? 11.206  14.166  -8.473  1.00 34.93 ? 533 CYS A CB  1 
ATOM   947  S  SG  . CYS A 1 124 ? 9.612   14.016  -7.639  1.00 41.03 ? 533 CYS A SG  1 
ATOM   948  N  N   . LEU A 1 125 ? 12.524  14.264  -11.936 1.00 35.63 ? 534 LEU A N   1 
ATOM   949  C  CA  . LEU A 1 125 ? 13.793  14.215  -12.657 1.00 35.82 ? 534 LEU A CA  1 
ATOM   950  C  C   . LEU A 1 125 ? 14.209  15.593  -13.166 1.00 36.47 ? 534 LEU A C   1 
ATOM   951  O  O   . LEU A 1 125 ? 15.396  15.880  -13.309 1.00 43.13 ? 534 LEU A O   1 
ATOM   952  C  CB  . LEU A 1 125 ? 13.703  13.227  -13.822 1.00 22.87 ? 534 LEU A CB  1 
ATOM   953  C  CG  . LEU A 1 125 ? 13.578  11.755  -13.423 1.00 24.53 ? 534 LEU A CG  1 
ATOM   954  C  CD1 . LEU A 1 125 ? 13.364  10.869  -14.639 1.00 19.72 ? 534 LEU A CD1 1 
ATOM   955  C  CD2 . LEU A 1 125 ? 14.808  11.314  -12.649 1.00 23.27 ? 534 LEU A CD2 1 
ATOM   956  N  N   . GLU A 1 126 ? 13.224  16.446  -13.433 1.00 38.83 ? 535 GLU A N   1 
ATOM   957  C  CA  . GLU A 1 126 ? 13.489  17.792  -13.923 1.00 33.86 ? 535 GLU A CA  1 
ATOM   958  C  C   . GLU A 1 126 ? 14.024  18.692  -12.815 1.00 39.14 ? 535 GLU A C   1 
ATOM   959  O  O   . GLU A 1 126 ? 14.897  19.530  -13.043 1.00 42.88 ? 535 GLU A O   1 
ATOM   960  C  CB  . GLU A 1 126 ? 12.220  18.401  -14.523 1.00 38.19 ? 535 GLU A CB  1 
ATOM   961  C  CG  . GLU A 1 126 ? 11.571  17.553  -15.607 1.00 39.99 ? 535 GLU A CG  1 
ATOM   962  C  CD  . GLU A 1 126 ? 12.370  17.545  -16.895 1.00 44.05 ? 535 GLU A CD  1 
ATOM   963  O  OE1 . GLU A 1 126 ? 13.248  18.419  -17.057 1.00 46.27 ? 535 GLU A OE1 1 
ATOM   964  O  OE2 . GLU A 1 126 ? 12.123  16.664  -17.746 1.00 39.87 ? 535 GLU A OE2 1 
HETATM 965  CA CA  . CA  B 2 .   ? -8.063  -15.840 8.748   1.00 14.03 2 601 CA  A CA  1 
HETATM 966  CA CA  . CA  C 2 .   ? -4.304  -20.452 5.385   1.00 23.14 2 602 CA  A CA  1 
HETATM 967  CA CA  . CA  D 2 .   ? -11.567 -14.739 10.658  1.00 12.55 2 603 CA  A CA  1 
HETATM 968  CA CA  . CA  E 2 .   ? -7.797  -17.908 5.855   1.00 10.70 2 604 CA  A CA  1 
HETATM 969  CA CA  . CA  F 2 .   ? 0.147   -16.461 10.994  1.00 51.40 2 605 CA  A CA  1 
HETATM 970  O  O   . HOH G 3 .   ? 15.406  7.708   4.949   1.00 17.88 ? 701 HOH A O   1 
HETATM 971  O  O   . HOH G 3 .   ? -18.795 -16.654 10.862  1.00 13.82 ? 702 HOH A O   1 
HETATM 972  O  O   . HOH G 3 .   ? 8.806   6.508   8.914   1.00 12.50 ? 703 HOH A O   1 
HETATM 973  O  O   . HOH G 3 .   ? -12.621 -19.357 9.261   1.00 17.80 ? 704 HOH A O   1 
HETATM 974  O  O   . HOH G 3 .   ? 9.806   8.983   9.669   1.00 10.96 ? 705 HOH A O   1 
HETATM 975  O  O   . HOH G 3 .   ? 5.063   6.276   9.626   1.00 18.82 ? 706 HOH A O   1 
HETATM 976  O  O   . HOH G 3 .   ? 3.034   7.922   11.020  1.00 27.55 ? 707 HOH A O   1 
HETATM 977  O  O   . HOH G 3 .   ? -15.469 -11.428 -2.234  0.50 26.80 ? 708 HOH A O   1 
HETATM 978  O  O   . HOH G 3 .   ? -15.814 -7.109  13.383  1.00 17.58 ? 709 HOH A O   1 
HETATM 979  O  O   . HOH G 3 .   ? -13.014 -10.425 -9.731  0.50 25.02 ? 710 HOH A O   1 
HETATM 980  O  O   . HOH G 3 .   ? -1.600  16.248  -6.712  1.00 21.33 ? 711 HOH A O   1 
HETATM 981  O  O   . HOH G 3 .   ? -11.991 -1.687  10.443  1.00 22.07 ? 712 HOH A O   1 
HETATM 982  O  O   . HOH G 3 .   ? 0.627   -7.546  11.521  1.00 27.71 ? 713 HOH A O   1 
HETATM 983  O  O   . HOH G 3 .   ? 0.068   -13.473 11.060  1.00 27.58 ? 714 HOH A O   1 
HETATM 984  O  O   . HOH G 3 .   ? -13.201 -11.186 16.477  1.00 18.24 ? 715 HOH A O   1 
HETATM 985  O  O   . HOH G 3 .   ? -18.860 -20.971 10.621  1.00 19.08 ? 716 HOH A O   1 
HETATM 986  O  O   . HOH G 3 .   ? -13.776 -14.125 5.133   1.00 17.12 ? 717 HOH A O   1 
HETATM 987  O  O   . HOH G 3 .   ? -6.544  -21.067 4.615   1.00 23.78 ? 718 HOH A O   1 
HETATM 988  O  O   . HOH G 3 .   ? 16.323  18.930  -15.654 1.00 35.48 ? 719 HOH A O   1 
HETATM 989  O  O   . HOH G 3 .   ? 2.967   17.451  -4.320  1.00 8.42  ? 720 HOH A O   1 
HETATM 990  O  O   . HOH G 3 .   ? -16.444 -13.078 3.741   0.50 14.36 ? 721 HOH A O   1 
HETATM 991  O  O   . HOH G 3 .   ? 5.118   -0.919  9.859   1.00 24.53 ? 722 HOH A O   1 
HETATM 992  O  O   . HOH G 3 .   ? -9.015  -20.194 6.689   1.00 31.08 ? 723 HOH A O   1 
HETATM 993  O  O   . HOH G 3 .   ? 15.339  10.244  4.030   1.00 16.52 ? 724 HOH A O   1 
HETATM 994  O  O   . HOH G 3 .   ? -13.729 -8.740  -8.246  1.00 35.16 ? 725 HOH A O   1 
HETATM 995  O  O   . HOH G 3 .   ? 14.478  12.372  5.535   1.00 20.81 ? 726 HOH A O   1 
HETATM 996  O  O   . HOH G 3 .   ? -10.312 -14.442 -1.976  1.00 40.32 ? 727 HOH A O   1 
HETATM 997  O  O   . HOH G 3 .   ? 6.684   -3.089  9.975   1.00 32.75 ? 728 HOH A O   1 
HETATM 998  O  O   . HOH G 3 .   ? 0.463   6.384   12.210  1.00 31.74 ? 729 HOH A O   1 
HETATM 999  O  O   . HOH G 3 .   ? -16.088 -14.904 14.412  1.00 17.41 ? 730 HOH A O   1 
HETATM 1000 O  O   . HOH G 3 .   ? 15.495  14.422  5.849   1.00 35.97 ? 731 HOH A O   1 
HETATM 1001 O  O   . HOH G 3 .   ? -21.186 -6.216  3.391   1.00 16.61 ? 732 HOH A O   1 
HETATM 1002 O  O   . HOH G 3 .   ? 12.248  13.782  5.762   1.00 27.63 ? 733 HOH A O   1 
HETATM 1003 O  O   . HOH G 3 .   ? 14.015  6.838   2.861   1.00 24.98 ? 734 HOH A O   1 
HETATM 1004 O  O   . HOH G 3 .   ? -8.675  5.480   -3.270  1.00 25.23 ? 735 HOH A O   1 
HETATM 1005 O  O   . HOH G 3 .   ? 14.823  4.950   -2.607  1.00 20.42 ? 736 HOH A O   1 
HETATM 1006 O  O   . HOH G 3 .   ? -1.009  10.083  1.522   1.00 22.82 ? 737 HOH A O   1 
HETATM 1007 O  O   . HOH G 3 .   ? 5.330   -11.189 1.102   1.00 27.40 ? 738 HOH A O   1 
HETATM 1008 O  O   . HOH G 3 .   ? -8.681  4.493   6.028   1.00 30.32 ? 739 HOH A O   1 
HETATM 1009 O  O   . HOH G 3 .   ? 13.586  3.402   0.039   1.00 18.30 ? 740 HOH A O   1 
HETATM 1010 O  O   . HOH G 3 .   ? 7.898   -7.520  -2.644  1.00 26.59 ? 741 HOH A O   1 
HETATM 1011 O  O   . HOH G 3 .   ? -9.754  -7.735  8.533   1.00 12.66 ? 742 HOH A O   1 
HETATM 1012 O  O   . HOH G 3 .   ? -11.000 -11.525 -0.581  1.00 28.42 ? 743 HOH A O   1 
HETATM 1013 O  O   . HOH G 3 .   ? -9.058  -6.800  15.398  1.00 30.99 ? 744 HOH A O   1 
HETATM 1014 O  O   . HOH G 3 .   ? 9.004   -5.733  -4.153  1.00 36.37 ? 745 HOH A O   1 
HETATM 1015 O  O   . HOH G 3 .   ? 6.870   -9.582  -3.279  1.00 24.76 ? 746 HOH A O   1 
HETATM 1016 O  O   . HOH G 3 .   ? 0.944   2.189   -12.587 1.00 24.84 ? 747 HOH A O   1 
HETATM 1017 O  O   . HOH G 3 .   ? 5.543   17.238  -5.936  1.00 23.17 ? 748 HOH A O   1 
HETATM 1018 O  O   . HOH G 3 .   ? -5.032  -2.886  -10.104 1.00 30.60 ? 749 HOH A O   1 
HETATM 1019 O  O   . HOH G 3 .   ? 3.512   -13.456 5.705   1.00 31.54 ? 750 HOH A O   1 
HETATM 1020 O  O   . HOH G 3 .   ? 4.852   -13.101 -1.294  1.00 22.54 ? 751 HOH A O   1 
HETATM 1021 O  O   . HOH G 3 .   ? -8.612  -19.768 4.469   1.00 20.33 ? 752 HOH A O   1 
HETATM 1022 O  O   . HOH G 3 .   ? 7.614   5.517   -10.657 1.00 31.91 ? 753 HOH A O   1 
HETATM 1023 O  O   . HOH G 3 .   ? -5.633  2.977   -9.302  1.00 14.53 ? 754 HOH A O   1 
HETATM 1024 O  O   . HOH G 3 .   ? -10.750 -21.784 5.572   1.00 21.23 ? 755 HOH A O   1 
HETATM 1025 O  O   . HOH G 3 .   ? 0.869   5.187   -11.716 1.00 37.84 ? 756 HOH A O   1 
HETATM 1026 O  O   . HOH G 3 .   ? -2.361  -1.188  12.218  1.00 18.60 ? 757 HOH A O   1 
HETATM 1027 O  O   . HOH G 3 .   ? 17.114  19.188  -4.950  1.00 29.45 ? 758 HOH A O   1 
HETATM 1028 O  O   . HOH G 3 .   ? -1.201  -17.613 0.159   1.00 20.77 ? 759 HOH A O   1 
HETATM 1029 O  O   . HOH G 3 .   ? 14.835  21.599  -11.961 1.00 28.37 ? 760 HOH A O   1 
HETATM 1030 O  O   . HOH G 3 .   ? -1.326  -14.943 12.262  1.00 37.61 ? 761 HOH A O   1 
HETATM 1031 O  O   . HOH G 3 .   ? -2.044  -4.161  -10.009 1.00 33.13 ? 762 HOH A O   1 
HETATM 1032 O  O   . HOH G 3 .   ? 8.761   -10.247 1.746   1.00 44.82 ? 763 HOH A O   1 
# 
